data_4E5Z
#
_entry.id   4E5Z
#
_cell.length_a   72.418
_cell.length_b   76.504
_cell.length_c   389.738
_cell.angle_alpha   90.00
_cell.angle_beta   90.00
_cell.angle_gamma   90.00
#
_symmetry.space_group_name_H-M   'P 21 2 21'
#
loop_
_entity.id
_entity.type
_entity.pdbx_description
1 polymer 'DNA damage-binding protein 1'
2 polymer 'DNA damage-binding protein 2'
3 polymer 'AP24 DNA strand'
4 polymer 'AP24 DNA complementary strand'
#
loop_
_entity_poly.entity_id
_entity_poly.type
_entity_poly.pdbx_seq_one_letter_code
_entity_poly.pdbx_strand_id
1 'polypeptide(L)'
;MHHHHHHHHHHSYNYVVTAQKPTAVNGCVTGHFTSAEDLNLLIAKNTRLEIYVVTAEGLRPVKEVGMYGKIAVMELFRPK
GESKDLLFILTAKYNACILEYKQSGESIDIITRAHGNVQDRIGRPSETGIIGIIDPECRMIGLRLYDGLFKVIPLDRDNK
ELKAFNIRLEELHVIDVKFLYGCQAPTICFVYQDPQGRHVKTYEVSLREKEFNKGPWKQENVEAEASMVIAVPEPFGGAI
IIGQESITYHNGDKYLAIAPPIIKQSTIVCHNRVDPNGSRYLLGDMEGRLFMLLLEKEEQMDGTVTLKDLRVELLGETSI
AECLTYLDNGVVFVGSRLGDSQLVKLNVDSNEQGSYVVAMETFTNLGPIVDMCVVDLERQGQGQLVTCSGAFKEGSLRII
RNGIGIHEHASIDLPGIKGLWPLRSDPNRETDDTLVLSFVGQTRVLMLNGEEVEETELMGFVDDQQTFFCGNVAHQQLIQ
ITSASVRLVSQEPKALVSEWKEPQAKNISVASCNSSQVVVAVGRALYYLQIHPQELRQISHTEMEHEVACLDITPLGDSN
GLSPLCAIGLWTDISARILKLPSFELLHKEMLGGEIIPRSILMTTFESSHYLLCALGDGALFYFGLNIETGLLSDRKKVT
LGTQPTVLRTFRSLSTTNVFACSDRPTVIYSSNHKLVFSNVNLKEVNYMCPLNSDGYPDSLALANNSTLTIGTIDEIQKL
HIRTVPLYESPRKICYQEVSQCFGVLSSRIEVQDTSGGTTALRPSASTQALSSSVSSSKLFSSSTAPHETSFGEEVEVHN
LLIIDQHTFEVLHAHQFLQNEYALSLVSCKLGKDPNTYFIVGTAMVYPEEAEPKQGRIVVFQYSDGKLQTVAEKEVKGAV
YSMVEFNGKLLASINSTVRLYEWTTEKELRTECNHYNNIMALYLKTKGDFILVGDLMRSVLLLAYKPMEGNFEEIARDFN
PNWMSAVEILDDDNFLGAENAFNLFVCQKDSAATTDEERQHLQEVGLFHLGEFVNVFCHGSLVMQNLGETSTPTQGSVLF
GTVNGMIGLVTSLSESWYNLLLDMQNRLNKVIKSVGKIEHSFWRSFHTERKTEPATGFIDGDLIESFLDISRPKMQEVVA
NLQYDDGSGMKREATADDLIKVVEELTRIH
;
A
2 'polypeptide(L)'
;MDYKDDDDKAPKKRPETQKTSEIVLRPRNKRSRSPLELEPEAKKLCAKGSGPSRRCDSDCLWVGLAGPQILPPCRSIVRT
LHQHKLGRASWPSVQQGLQQSFLHTLDSYRILQKAAPFDRRATSLAWHPTHPSTVAVGSKGGDIMLWNFGIKDKPTFIKG
IGAGGSITGLKFNPLNTNQFYASSMEGTTRLQDFKGNILRVFASSDTINIWFCSLDVSASSRMVVTGDNVGNVILLNMDG
KELWNLRMHKKKVTHVALNPCCDWFLATASVDQTVKIWDLRQVRGKASFLYSLPHRHPVNAACFSPDGARLLTTDQKSEI
RVYSASQWDCPLGLIPHPHRHFQHLTPIKAAWHPRYNLIVVGRYPDPNFKSCTPYELRTIDVFDGNSGKMMCQLYDPESS
GISSLNEFNPMGDTLASAMGYHILIWSEQEEARTRK
;
B
3 'polydeoxyribonucleotide'
;(DT)(DG)(DA)(DC)(DT)(DG)(DT)(DA)(DT)(DG)(DA)(DT)(DG)(DA)(DC)(DG)(DA)(DT)(DG)(DC)
(DT)(DG)(DA)(DC)
;
F
4 'polydeoxyribonucleotide'
;(DG)(DT)(DC)(DA)(DG)(DC)(DA)(DT)(DC)(DG)(3DR)(DC)(DA)(DT)(DC)(DA)(DT)(DA)(DC)
(DA)(DG)(DT)(DC)(DA)
;
G
#
# COMPACT_ATOMS: atom_id res chain seq x y z
N HIS A 11 -1.28 -18.00 -20.80
CA HIS A 11 -1.99 -17.08 -19.92
C HIS A 11 -1.11 -16.59 -18.78
N SER A 12 -1.74 -16.12 -17.70
CA SER A 12 -1.00 -15.52 -16.59
C SER A 12 -1.38 -16.11 -15.23
N TYR A 13 -0.39 -16.70 -14.57
CA TYR A 13 -0.56 -17.22 -13.21
C TYR A 13 0.50 -16.63 -12.29
N ASN A 14 0.06 -15.77 -11.36
CA ASN A 14 1.01 -14.98 -10.58
C ASN A 14 0.95 -15.22 -9.07
N TYR A 15 2.01 -14.81 -8.38
CA TYR A 15 2.13 -15.05 -6.94
C TYR A 15 2.57 -13.79 -6.21
N VAL A 16 1.73 -13.31 -5.28
CA VAL A 16 2.02 -12.10 -4.51
C VAL A 16 2.23 -12.42 -3.04
N VAL A 17 3.32 -11.93 -2.46
CA VAL A 17 3.58 -12.16 -1.05
C VAL A 17 4.13 -10.92 -0.36
N THR A 18 3.66 -10.66 0.85
CA THR A 18 4.18 -9.57 1.67
C THR A 18 5.57 -9.95 2.16
N ALA A 19 6.55 -9.10 1.85
CA ALA A 19 7.91 -9.31 2.35
C ALA A 19 8.09 -8.56 3.66
N GLN A 20 8.25 -7.24 3.57
CA GLN A 20 8.33 -6.40 4.76
C GLN A 20 6.99 -5.73 5.02
N LYS A 21 6.39 -6.05 6.16
CA LYS A 21 5.11 -5.46 6.55
C LYS A 21 5.18 -3.94 6.64
N PRO A 22 4.04 -3.27 6.39
CA PRO A 22 3.96 -1.81 6.49
C PRO A 22 4.42 -1.30 7.86
N THR A 23 5.30 -0.31 7.84
CA THR A 23 5.85 0.26 9.07
C THR A 23 5.10 1.54 9.46
N ALA A 24 4.43 2.15 8.50
CA ALA A 24 3.71 3.41 8.72
C ALA A 24 2.49 3.23 9.63
N VAL A 25 2.38 4.12 10.62
CA VAL A 25 1.30 4.03 11.61
C VAL A 25 0.08 4.83 11.18
N ASN A 26 -0.99 4.11 10.83
CA ASN A 26 -2.25 4.72 10.48
C ASN A 26 -3.00 5.14 11.74
N GLY A 27 -3.56 4.18 12.45
CA GLY A 27 -4.37 4.47 13.61
C GLY A 27 -3.65 4.33 14.94
N CYS A 28 -4.14 5.06 15.93
CA CYS A 28 -3.60 4.97 17.28
C CYS A 28 -4.71 5.26 18.28
N VAL A 29 -4.72 4.51 19.38
CA VAL A 29 -5.77 4.61 20.39
C VAL A 29 -5.27 3.94 21.67
N THR A 30 -5.68 4.46 22.83
CA THR A 30 -5.19 3.93 24.10
C THR A 30 -6.32 3.62 25.08
N GLY A 31 -6.09 2.62 25.94
CA GLY A 31 -7.09 2.23 26.91
C GLY A 31 -6.77 0.90 27.57
N HIS A 32 -7.81 0.17 27.98
CA HIS A 32 -7.63 -1.06 28.74
C HIS A 32 -8.27 -2.26 28.04
N PHE A 33 -7.66 -2.68 26.94
CA PHE A 33 -8.24 -3.71 26.06
C PHE A 33 -7.95 -5.15 26.50
N THR A 34 -6.86 -5.35 27.25
CA THR A 34 -6.45 -6.71 27.61
C THR A 34 -6.78 -7.12 29.03
N SER A 35 -7.05 -6.12 29.88
CA SER A 35 -7.29 -6.31 31.29
C SER A 35 -7.56 -4.92 31.84
N ALA A 36 -7.86 -4.79 33.14
CA ALA A 36 -8.13 -3.48 33.73
C ALA A 36 -6.90 -2.92 34.43
N GLU A 37 -6.10 -3.82 34.99
CA GLU A 37 -4.91 -3.45 35.76
C GLU A 37 -3.80 -2.94 34.83
N ASP A 38 -3.90 -3.31 33.55
CA ASP A 38 -2.90 -2.92 32.57
C ASP A 38 -3.43 -1.81 31.67
N LEU A 39 -2.50 -0.98 31.19
CA LEU A 39 -2.82 0.04 30.22
C LEU A 39 -2.38 -0.43 28.84
N ASN A 40 -3.25 -0.30 27.85
CA ASN A 40 -2.93 -0.78 26.51
C ASN A 40 -2.68 0.32 25.48
N LEU A 41 -1.72 0.05 24.60
CA LEU A 41 -1.48 0.88 23.45
C LEU A 41 -1.88 0.08 22.22
N LEU A 42 -2.77 0.64 21.43
CA LEU A 42 -3.16 0.00 20.18
C LEU A 42 -2.74 0.86 19.00
N ILE A 43 -1.93 0.29 18.12
CA ILE A 43 -1.52 1.00 16.91
C ILE A 43 -2.01 0.27 15.67
N ALA A 44 -2.46 1.04 14.70
CA ALA A 44 -2.94 0.47 13.44
C ALA A 44 -1.97 0.82 12.33
N LYS A 45 -1.49 -0.21 11.63
CA LYS A 45 -0.63 0.00 10.48
C LYS A 45 -1.32 -0.57 9.25
N ASN A 46 -2.26 0.22 8.71
CA ASN A 46 -3.00 -0.17 7.52
C ASN A 46 -3.82 -1.45 7.70
N THR A 47 -3.22 -2.60 7.40
CA THR A 47 -3.91 -3.87 7.53
C THR A 47 -3.48 -4.59 8.83
N ARG A 48 -2.48 -4.04 9.52
CA ARG A 48 -1.96 -4.66 10.73
C ARG A 48 -2.46 -3.99 12.00
N LEU A 49 -2.96 -4.80 12.93
CA LEU A 49 -3.27 -4.33 14.28
C LEU A 49 -2.24 -4.86 15.25
N GLU A 50 -1.50 -3.96 15.87
CA GLU A 50 -0.48 -4.34 16.82
C GLU A 50 -0.85 -3.82 18.20
N ILE A 51 -0.61 -4.64 19.22
CA ILE A 51 -1.00 -4.28 20.58
C ILE A 51 0.17 -4.32 21.55
N TYR A 52 0.15 -3.41 22.52
CA TYR A 52 1.23 -3.27 23.47
C TYR A 52 0.71 -3.02 24.87
N VAL A 53 1.52 -3.36 25.86
CA VAL A 53 1.25 -3.01 27.24
C VAL A 53 2.37 -2.07 27.67
N VAL A 54 2.01 -0.94 28.27
CA VAL A 54 3.03 -0.01 28.76
C VAL A 54 3.62 -0.50 30.09
N THR A 55 4.95 -0.39 30.21
CA THR A 55 5.65 -0.87 31.40
C THR A 55 6.45 0.26 32.04
N ALA A 56 7.31 -0.11 32.99
CA ALA A 56 8.23 0.83 33.61
C ALA A 56 9.31 1.20 32.61
N GLU A 57 9.25 2.43 32.09
CA GLU A 57 10.19 2.92 31.08
C GLU A 57 10.42 1.91 29.95
N GLY A 58 9.32 1.47 29.33
CA GLY A 58 9.39 0.49 28.27
C GLY A 58 8.02 0.14 27.73
N LEU A 59 8.00 -0.63 26.64
CA LEU A 59 6.75 -1.03 26.01
C LEU A 59 6.80 -2.52 25.68
N ARG A 60 5.80 -3.27 26.13
CA ARG A 60 5.81 -4.72 25.98
C ARG A 60 4.74 -5.21 25.01
N PRO A 61 5.18 -5.79 23.88
CA PRO A 61 4.31 -6.28 22.79
C PRO A 61 3.70 -7.62 23.17
N VAL A 62 2.43 -7.82 22.88
CA VAL A 62 1.79 -9.08 23.32
C VAL A 62 1.04 -9.86 22.22
N LYS A 63 0.46 -9.16 21.25
CA LYS A 63 -0.18 -9.88 20.13
C LYS A 63 -0.15 -9.09 18.84
N GLU A 64 0.11 -9.78 17.74
CA GLU A 64 0.17 -9.14 16.43
C GLU A 64 -0.78 -9.83 15.45
N VAL A 65 -1.92 -9.21 15.21
CA VAL A 65 -2.93 -9.80 14.33
C VAL A 65 -3.17 -8.93 13.09
N GLY A 66 -3.23 -9.60 11.94
CA GLY A 66 -3.51 -8.92 10.68
C GLY A 66 -4.98 -8.99 10.35
N MET A 67 -5.42 -8.18 9.40
CA MET A 67 -6.82 -8.17 8.98
C MET A 67 -6.96 -8.17 7.46
N TYR A 68 -8.13 -8.59 7.00
CA TYR A 68 -8.47 -8.48 5.59
C TYR A 68 -9.09 -7.12 5.34
N GLY A 69 -8.35 -6.06 5.64
CA GLY A 69 -8.85 -4.71 5.43
C GLY A 69 -7.92 -3.59 5.82
N LYS A 70 -8.26 -2.38 5.35
CA LYS A 70 -7.56 -1.17 5.75
C LYS A 70 -8.35 -0.55 6.89
N ILE A 71 -7.74 -0.44 8.06
CA ILE A 71 -8.43 0.09 9.22
C ILE A 71 -8.70 1.58 9.05
N ALA A 72 -9.97 1.93 9.01
CA ALA A 72 -10.39 3.33 8.85
C ALA A 72 -10.78 3.93 10.19
N VAL A 73 -11.51 3.17 10.99
CA VAL A 73 -11.91 3.62 12.33
C VAL A 73 -11.41 2.63 13.39
N MET A 74 -10.86 3.16 14.48
CA MET A 74 -10.37 2.31 15.56
C MET A 74 -10.53 3.02 16.90
N GLU A 75 -11.52 2.59 17.68
CA GLU A 75 -11.77 3.22 18.98
C GLU A 75 -12.00 2.20 20.08
N LEU A 76 -11.51 2.52 21.28
CA LEU A 76 -11.76 1.70 22.46
C LEU A 76 -12.98 2.23 23.19
N PHE A 77 -13.89 1.33 23.55
CA PHE A 77 -15.10 1.73 24.26
C PHE A 77 -15.66 0.58 25.11
N ARG A 78 -16.18 0.92 26.27
CA ARG A 78 -16.60 -0.08 27.23
C ARG A 78 -18.08 0.11 27.57
N PRO A 79 -18.92 -0.82 27.08
CA PRO A 79 -20.37 -0.77 27.31
C PRO A 79 -20.66 -0.85 28.79
N LYS A 80 -21.74 -0.25 29.25
CA LYS A 80 -22.08 -0.34 30.67
C LYS A 80 -22.32 -1.78 31.09
N GLY A 81 -21.78 -2.14 32.26
CA GLY A 81 -21.93 -3.48 32.77
C GLY A 81 -20.94 -4.46 32.18
N GLU A 82 -20.45 -4.16 30.97
CA GLU A 82 -19.49 -5.03 30.31
C GLU A 82 -18.24 -5.16 31.17
N SER A 83 -17.74 -6.38 31.30
CA SER A 83 -16.59 -6.61 32.14
C SER A 83 -15.46 -5.68 31.73
N LYS A 84 -15.36 -5.33 30.44
CA LYS A 84 -14.06 -4.90 29.92
C LYS A 84 -13.89 -3.67 29.02
N ASP A 85 -13.82 -3.95 27.72
CA ASP A 85 -13.34 -3.00 26.75
C ASP A 85 -13.39 -3.66 25.39
N LEU A 86 -14.22 -3.13 24.52
CA LEU A 86 -14.35 -3.70 23.19
C LEU A 86 -13.67 -2.78 22.20
N LEU A 87 -13.26 -3.33 21.07
CA LEU A 87 -12.64 -2.54 20.02
C LEU A 87 -13.53 -2.51 18.78
N PHE A 88 -14.08 -1.35 18.48
CA PHE A 88 -14.78 -1.18 17.21
C PHE A 88 -13.77 -0.86 16.13
N ILE A 89 -13.80 -1.66 15.08
CA ILE A 89 -12.95 -1.43 13.93
C ILE A 89 -13.83 -1.31 12.69
N LEU A 90 -13.61 -0.25 11.92
CA LEU A 90 -14.27 -0.12 10.63
C LEU A 90 -13.23 -0.10 9.54
N THR A 91 -13.46 -0.88 8.49
CA THR A 91 -12.53 -0.95 7.38
C THR A 91 -12.93 -0.07 6.21
N ALA A 92 -12.00 0.10 5.27
CA ALA A 92 -12.20 0.98 4.13
C ALA A 92 -13.32 0.49 3.19
N LYS A 93 -13.52 -0.83 3.12
CA LYS A 93 -14.58 -1.40 2.31
C LYS A 93 -15.85 -1.54 3.14
N TYR A 94 -15.83 -0.90 4.30
CA TYR A 94 -16.99 -0.73 5.17
C TYR A 94 -17.40 -1.99 5.94
N ASN A 95 -16.50 -2.95 6.05
CA ASN A 95 -16.69 -4.05 6.99
C ASN A 95 -16.57 -3.51 8.41
N ALA A 96 -17.59 -3.73 9.23
CA ALA A 96 -17.59 -3.24 10.60
C ALA A 96 -17.51 -4.41 11.58
N CYS A 97 -16.66 -4.31 12.59
CA CYS A 97 -16.50 -5.38 13.57
C CYS A 97 -16.19 -4.91 15.00
N ILE A 98 -16.80 -5.57 15.97
CA ILE A 98 -16.52 -5.32 17.38
C ILE A 98 -15.69 -6.46 17.93
N LEU A 99 -14.48 -6.16 18.40
CA LEU A 99 -13.57 -7.22 18.81
C LEU A 99 -13.30 -7.21 20.31
N GLU A 100 -12.94 -8.38 20.83
CA GLU A 100 -12.67 -8.54 22.25
C GLU A 100 -11.44 -9.41 22.48
N TYR A 101 -10.63 -9.03 23.46
CA TYR A 101 -9.40 -9.77 23.75
C TYR A 101 -9.61 -10.89 24.77
N LYS A 102 -9.12 -12.08 24.42
CA LYS A 102 -9.22 -13.24 25.30
C LYS A 102 -7.90 -14.00 25.34
N GLN A 103 -7.41 -14.32 26.52
CA GLN A 103 -6.23 -15.17 26.66
C GLN A 103 -6.55 -16.39 27.52
N SER A 104 -6.30 -17.58 26.98
CA SER A 104 -6.50 -18.82 27.71
C SER A 104 -5.18 -19.55 27.90
N GLY A 105 -4.44 -19.16 28.92
CA GLY A 105 -3.12 -19.71 29.15
C GLY A 105 -2.16 -19.29 28.05
N GLU A 106 -1.74 -20.25 27.23
CA GLU A 106 -0.82 -19.98 26.14
C GLU A 106 -1.55 -19.39 24.94
N SER A 107 -2.83 -19.73 24.80
CA SER A 107 -3.63 -19.35 23.64
C SER A 107 -4.19 -17.93 23.72
N ILE A 108 -3.78 -17.07 22.78
CA ILE A 108 -4.31 -15.70 22.65
C ILE A 108 -4.97 -15.50 21.29
N ASP A 109 -6.29 -15.33 21.29
CA ASP A 109 -7.02 -15.07 20.05
C ASP A 109 -7.93 -13.84 20.20
N ILE A 110 -8.15 -13.12 19.11
CA ILE A 110 -9.04 -11.95 19.13
C ILE A 110 -10.46 -12.33 18.69
N ILE A 111 -11.41 -12.19 19.62
CA ILE A 111 -12.78 -12.65 19.39
C ILE A 111 -13.70 -11.51 18.95
N THR A 112 -14.49 -11.77 17.91
CA THR A 112 -15.38 -10.77 17.35
C THR A 112 -16.81 -10.94 17.87
N ARG A 113 -17.30 -9.93 18.57
CA ARG A 113 -18.61 -9.97 19.20
C ARG A 113 -19.72 -9.76 18.19
N ALA A 114 -19.39 -9.04 17.13
CA ALA A 114 -20.40 -8.61 16.17
C ALA A 114 -19.71 -8.06 14.92
N HIS A 115 -20.20 -8.46 13.75
CA HIS A 115 -19.61 -8.01 12.51
C HIS A 115 -20.67 -7.82 11.44
N GLY A 116 -20.31 -7.09 10.39
CA GLY A 116 -21.19 -6.85 9.26
C GLY A 116 -20.60 -5.79 8.35
N ASN A 117 -20.81 -5.92 7.05
CA ASN A 117 -20.42 -4.88 6.12
C ASN A 117 -21.55 -3.92 5.88
N VAL A 118 -21.75 -2.99 6.80
CA VAL A 118 -22.76 -1.95 6.60
C VAL A 118 -22.26 -1.05 5.48
N GLN A 119 -23.17 -0.27 4.91
CA GLN A 119 -22.88 0.57 3.76
C GLN A 119 -24.15 1.25 3.31
N ASP A 120 -24.07 1.84 2.14
CA ASP A 120 -25.21 2.03 1.28
C ASP A 120 -24.81 1.29 0.01
N ARG A 121 -25.74 0.56 -0.60
CA ARG A 121 -25.43 -0.21 -1.80
C ARG A 121 -24.90 0.72 -2.86
N ILE A 122 -25.46 1.92 -2.91
CA ILE A 122 -24.92 2.99 -3.75
C ILE A 122 -24.78 4.29 -2.97
N GLY A 123 -23.77 5.08 -3.32
CA GLY A 123 -23.47 6.31 -2.62
C GLY A 123 -22.01 6.68 -2.81
N ARG A 124 -21.73 7.98 -2.91
CA ARG A 124 -20.37 8.43 -3.14
C ARG A 124 -19.64 8.72 -1.83
N PRO A 125 -18.53 8.01 -1.60
CA PRO A 125 -17.72 8.24 -0.41
C PRO A 125 -17.16 9.66 -0.39
N SER A 126 -17.47 10.41 0.68
CA SER A 126 -17.03 11.80 0.82
C SER A 126 -15.51 11.95 0.77
N GLU A 127 -15.07 13.17 0.45
CA GLU A 127 -13.66 13.44 0.21
C GLU A 127 -12.79 13.25 1.45
N THR A 128 -13.19 13.89 2.55
CA THR A 128 -12.40 13.88 3.78
C THR A 128 -12.23 12.48 4.35
N GLY A 129 -12.98 11.53 3.80
CA GLY A 129 -12.93 10.15 4.25
C GLY A 129 -14.15 9.84 5.09
N ILE A 130 -14.17 8.67 5.69
CA ILE A 130 -15.26 8.31 6.59
C ILE A 130 -14.84 8.68 8.02
N ILE A 131 -15.80 9.03 8.85
CA ILE A 131 -15.50 9.19 10.28
C ILE A 131 -16.51 8.47 11.17
N GLY A 132 -15.99 7.81 12.20
CA GLY A 132 -16.82 7.09 13.15
C GLY A 132 -16.71 7.60 14.56
N ILE A 133 -17.85 7.69 15.24
CA ILE A 133 -17.90 8.13 16.63
C ILE A 133 -18.85 7.25 17.43
N ILE A 134 -18.42 6.83 18.61
CA ILE A 134 -19.12 5.79 19.37
C ILE A 134 -19.88 6.31 20.60
N ASP A 135 -19.73 7.60 20.89
CA ASP A 135 -20.45 8.24 22.00
C ASP A 135 -20.04 7.74 23.40
N PRO A 136 -20.01 8.66 24.39
CA PRO A 136 -19.53 8.38 25.75
C PRO A 136 -20.26 7.25 26.45
N GLU A 137 -21.59 7.23 26.35
CA GLU A 137 -22.39 6.24 27.06
C GLU A 137 -22.40 4.89 26.36
N CYS A 138 -21.78 4.83 25.18
CA CYS A 138 -21.69 3.60 24.39
C CYS A 138 -23.06 3.01 24.09
N ARG A 139 -23.91 3.75 23.40
CA ARG A 139 -25.24 3.25 23.07
C ARG A 139 -25.58 3.37 21.58
N MET A 140 -24.58 3.79 20.79
CA MET A 140 -24.73 3.89 19.35
C MET A 140 -23.38 4.22 18.71
N ILE A 141 -23.25 3.93 17.42
CA ILE A 141 -22.08 4.35 16.68
C ILE A 141 -22.50 5.20 15.49
N GLY A 142 -22.05 6.46 15.47
CA GLY A 142 -22.34 7.35 14.37
C GLY A 142 -21.31 7.20 13.26
N LEU A 143 -21.76 7.21 12.02
CA LEU A 143 -20.87 7.11 10.87
C LEU A 143 -21.18 8.15 9.82
N ARG A 144 -20.14 8.80 9.32
CA ARG A 144 -20.29 9.75 8.20
C ARG A 144 -19.60 9.14 6.98
N LEU A 145 -20.35 8.34 6.24
CA LEU A 145 -19.79 7.64 5.09
C LEU A 145 -20.00 8.46 3.83
N TYR A 146 -21.19 9.04 3.71
CA TYR A 146 -21.59 9.75 2.50
C TYR A 146 -22.16 11.12 2.83
N ASP A 147 -22.01 12.06 1.90
CA ASP A 147 -22.57 13.38 2.09
C ASP A 147 -24.08 13.34 2.05
N GLY A 148 -24.73 14.01 2.99
CA GLY A 148 -26.17 14.11 3.01
C GLY A 148 -26.88 13.06 3.82
N LEU A 149 -26.14 12.05 4.30
CA LEU A 149 -26.72 11.02 5.14
C LEU A 149 -25.91 10.82 6.42
N PHE A 150 -26.57 10.40 7.49
CA PHE A 150 -25.87 10.04 8.72
C PHE A 150 -26.22 8.64 9.20
N LYS A 151 -25.30 7.71 8.98
CA LYS A 151 -25.47 6.33 9.43
C LYS A 151 -25.30 6.22 10.92
N VAL A 152 -26.25 5.58 11.59
CA VAL A 152 -26.14 5.32 13.01
C VAL A 152 -26.37 3.83 13.29
N ILE A 153 -25.39 3.22 13.96
CA ILE A 153 -25.46 1.81 14.28
C ILE A 153 -25.91 1.60 15.73
N PRO A 154 -27.15 1.13 15.93
CA PRO A 154 -27.61 0.70 17.25
C PRO A 154 -26.65 -0.36 17.77
N LEU A 155 -26.01 -0.11 18.90
CA LEU A 155 -24.85 -0.90 19.28
C LEU A 155 -25.07 -2.07 20.20
N ASP A 156 -26.30 -2.31 20.64
CA ASP A 156 -26.56 -3.42 21.54
C ASP A 156 -25.92 -4.62 20.89
N ARG A 157 -25.34 -5.51 21.70
CA ARG A 157 -24.76 -6.74 21.21
C ARG A 157 -25.61 -7.24 20.04
N ASP A 158 -26.92 -7.36 20.25
CA ASP A 158 -27.88 -7.46 19.16
C ASP A 158 -28.16 -6.06 18.59
N ASN A 159 -27.80 -5.78 17.35
CA ASN A 159 -27.49 -6.73 16.29
C ASN A 159 -26.05 -7.21 16.18
N LYS A 160 -25.87 -8.54 16.19
CA LYS A 160 -24.56 -9.12 15.98
C LYS A 160 -24.17 -8.94 14.52
N GLU A 161 -25.14 -8.57 13.69
CA GLU A 161 -24.91 -8.38 12.28
C GLU A 161 -24.72 -6.90 11.95
N LEU A 162 -24.89 -6.05 12.96
CA LEU A 162 -24.70 -4.61 12.85
C LEU A 162 -25.60 -3.97 11.81
N LYS A 163 -26.90 -4.22 11.91
CA LYS A 163 -27.87 -3.52 11.08
C LYS A 163 -27.78 -2.05 11.44
N ALA A 164 -27.87 -1.20 10.43
CA ALA A 164 -27.88 0.24 10.67
C ALA A 164 -28.94 0.87 9.78
N PHE A 165 -29.33 2.08 10.14
CA PHE A 165 -30.26 2.84 9.30
C PHE A 165 -29.65 4.21 9.04
N ASN A 166 -29.81 4.69 7.81
CA ASN A 166 -29.37 6.04 7.48
C ASN A 166 -30.50 7.00 7.72
N ILE A 167 -30.15 8.27 7.94
CA ILE A 167 -31.14 9.31 8.10
C ILE A 167 -30.62 10.61 7.47
N ARG A 168 -31.54 11.44 6.99
CA ARG A 168 -31.18 12.61 6.18
C ARG A 168 -30.39 13.67 6.94
N LEU A 169 -29.22 13.99 6.39
CA LEU A 169 -28.38 15.07 6.88
C LEU A 169 -28.43 16.18 5.84
N GLU A 170 -29.13 17.27 6.15
CA GLU A 170 -29.38 18.32 5.15
C GLU A 170 -28.21 19.29 5.00
N GLU A 171 -27.32 19.32 5.98
CA GLU A 171 -26.07 20.05 5.83
C GLU A 171 -25.11 19.14 5.09
N LEU A 172 -24.96 19.38 3.79
CA LEU A 172 -24.34 18.41 2.90
C LEU A 172 -22.82 18.29 3.03
N HIS A 173 -22.20 19.21 3.76
CA HIS A 173 -20.74 19.31 3.76
C HIS A 173 -20.15 19.43 5.17
N VAL A 174 -19.82 18.28 5.77
CA VAL A 174 -19.35 18.27 7.16
C VAL A 174 -17.83 18.11 7.26
N ILE A 175 -17.21 18.94 8.11
CA ILE A 175 -15.77 18.89 8.30
C ILE A 175 -15.37 17.87 9.37
N ASP A 176 -15.89 18.04 10.59
CA ASP A 176 -15.67 17.07 11.66
C ASP A 176 -16.84 17.01 12.63
N VAL A 177 -17.14 15.83 13.13
CA VAL A 177 -18.29 15.62 14.01
C VAL A 177 -17.93 14.86 15.29
N LYS A 178 -18.54 15.25 16.41
CA LYS A 178 -18.30 14.56 17.69
C LYS A 178 -19.58 14.38 18.50
N PHE A 179 -19.68 13.25 19.21
CA PHE A 179 -20.75 13.04 20.18
C PHE A 179 -20.38 13.78 21.46
N LEU A 180 -21.38 14.22 22.22
CA LEU A 180 -21.13 15.07 23.37
C LEU A 180 -21.15 14.36 24.71
N TYR A 181 -20.41 14.92 25.67
CA TYR A 181 -20.38 14.38 27.02
C TYR A 181 -21.40 15.08 27.90
N GLY A 182 -21.81 14.39 28.96
CA GLY A 182 -22.65 14.96 29.99
C GLY A 182 -23.96 15.58 29.53
N CYS A 183 -24.55 15.01 28.48
CA CYS A 183 -25.82 15.50 27.98
C CYS A 183 -26.99 14.59 28.32
N GLN A 184 -28.16 15.19 28.56
CA GLN A 184 -29.36 14.47 28.90
C GLN A 184 -29.75 13.47 27.82
N ALA A 185 -29.52 13.83 26.57
CA ALA A 185 -29.86 12.99 25.44
C ALA A 185 -28.66 12.88 24.50
N PRO A 186 -28.63 11.83 23.67
CA PRO A 186 -27.60 11.67 22.63
C PRO A 186 -27.53 12.90 21.74
N THR A 187 -26.42 13.63 21.81
CA THR A 187 -26.31 14.89 21.09
C THR A 187 -25.09 14.94 20.16
N ILE A 188 -25.35 15.16 18.88
CA ILE A 188 -24.28 15.27 17.90
C ILE A 188 -23.80 16.72 17.74
N CYS A 189 -22.50 16.90 17.58
CA CYS A 189 -21.93 18.23 17.43
C CYS A 189 -20.99 18.28 16.23
N PHE A 190 -21.45 18.87 15.13
CA PHE A 190 -20.66 18.91 13.90
C PHE A 190 -20.43 20.32 13.39
N VAL A 191 -19.48 20.43 12.46
CA VAL A 191 -19.22 21.70 11.80
C VAL A 191 -19.39 21.50 10.29
N TYR A 192 -20.30 22.27 9.71
CA TYR A 192 -20.60 22.17 8.28
C TYR A 192 -20.31 23.49 7.58
N GLN A 193 -20.36 23.48 6.26
CA GLN A 193 -20.06 24.68 5.49
C GLN A 193 -21.14 24.99 4.46
N ASP A 194 -21.59 26.24 4.45
CA ASP A 194 -22.56 26.73 3.47
C ASP A 194 -22.05 28.09 2.95
N PRO A 195 -22.70 28.67 1.92
CA PRO A 195 -22.22 29.93 1.35
C PRO A 195 -21.93 31.07 2.34
N GLN A 196 -22.53 31.01 3.54
CA GLN A 196 -22.32 32.05 4.55
C GLN A 196 -21.10 31.78 5.42
N GLY A 197 -20.32 30.77 5.07
CA GLY A 197 -19.17 30.37 5.86
C GLY A 197 -19.48 29.06 6.57
N ARG A 198 -18.57 28.57 7.40
CA ARG A 198 -18.83 27.33 8.14
C ARG A 198 -19.33 27.63 9.54
N HIS A 199 -20.08 26.68 10.12
CA HIS A 199 -20.82 26.92 11.35
C HIS A 199 -20.82 25.70 12.24
N VAL A 200 -21.03 25.90 13.53
CA VAL A 200 -21.21 24.78 14.45
C VAL A 200 -22.70 24.54 14.72
N LYS A 201 -23.10 23.28 14.78
CA LYS A 201 -24.51 22.93 14.85
C LYS A 201 -24.69 21.66 15.67
N THR A 202 -25.79 21.56 16.40
CA THR A 202 -26.08 20.36 17.17
C THR A 202 -27.42 19.74 16.83
N TYR A 203 -27.49 18.42 16.92
CA TYR A 203 -28.72 17.68 16.76
C TYR A 203 -28.82 16.66 17.89
N GLU A 204 -30.04 16.31 18.27
CA GLU A 204 -30.26 15.19 19.17
C GLU A 204 -30.57 13.97 18.32
N VAL A 205 -29.75 12.94 18.44
CA VAL A 205 -29.99 11.71 17.69
C VAL A 205 -30.88 10.75 18.48
N SER A 206 -32.16 10.72 18.11
CA SER A 206 -33.11 9.84 18.77
C SER A 206 -33.37 8.61 17.91
N LEU A 207 -33.04 7.43 18.43
CA LEU A 207 -33.27 6.20 17.69
C LEU A 207 -34.74 5.80 17.75
N ARG A 208 -35.45 6.34 18.73
CA ARG A 208 -36.90 6.39 18.67
C ARG A 208 -37.15 7.28 17.48
N GLU A 209 -38.21 6.99 16.71
CA GLU A 209 -38.48 7.72 15.47
C GLU A 209 -37.38 7.54 14.42
N LYS A 210 -36.21 7.06 14.86
CA LYS A 210 -35.02 6.90 14.01
C LYS A 210 -34.69 8.16 13.22
N GLU A 211 -34.50 9.27 13.93
CA GLU A 211 -34.35 10.56 13.29
C GLU A 211 -33.74 11.57 14.28
N PHE A 212 -33.51 12.80 13.83
CA PHE A 212 -33.00 13.86 14.71
C PHE A 212 -34.11 14.59 15.43
N ASN A 213 -33.73 15.32 16.47
CA ASN A 213 -34.60 16.30 17.10
C ASN A 213 -33.77 17.56 17.34
N LYS A 214 -34.45 18.67 17.58
CA LYS A 214 -33.79 19.95 17.83
C LYS A 214 -32.72 19.83 18.92
N GLY A 215 -31.51 20.26 18.60
CA GLY A 215 -30.41 20.21 19.55
C GLY A 215 -30.51 21.34 20.57
N PRO A 216 -29.69 21.26 21.63
CA PRO A 216 -29.70 22.28 22.68
C PRO A 216 -29.17 23.64 22.21
N TRP A 217 -28.59 23.71 21.02
CA TRP A 217 -27.98 24.94 20.55
C TRP A 217 -28.69 25.58 19.36
N LYS A 218 -28.59 26.90 19.28
CA LYS A 218 -28.89 27.63 18.07
C LYS A 218 -27.62 27.59 17.22
N GLN A 219 -27.72 28.00 15.96
CA GLN A 219 -26.57 27.94 15.07
C GLN A 219 -25.62 29.10 15.29
N GLU A 220 -24.33 28.87 15.04
CA GLU A 220 -23.31 29.89 15.23
C GLU A 220 -22.58 30.22 13.93
N ASN A 221 -21.64 31.17 14.01
CA ASN A 221 -20.79 31.50 12.88
C ASN A 221 -19.33 31.42 13.31
N VAL A 222 -18.84 30.20 13.45
CA VAL A 222 -17.45 30.01 13.83
C VAL A 222 -16.55 30.41 12.67
N GLU A 223 -15.43 31.03 13.01
CA GLU A 223 -14.27 31.18 12.14
C GLU A 223 -14.52 31.32 10.64
N ALA A 224 -13.77 30.56 9.87
CA ALA A 224 -13.76 30.60 8.42
C ALA A 224 -12.88 29.46 7.94
N GLU A 225 -12.25 28.75 8.87
CA GLU A 225 -11.40 27.61 8.51
C GLU A 225 -11.30 26.54 9.60
N ALA A 226 -12.30 26.47 10.48
CA ALA A 226 -12.29 25.50 11.58
C ALA A 226 -12.42 24.06 11.09
N SER A 227 -11.44 23.23 11.48
CA SER A 227 -11.29 21.91 10.88
C SER A 227 -11.44 20.75 11.85
N MET A 228 -11.22 20.97 13.13
CA MET A 228 -11.29 19.88 14.11
C MET A 228 -12.16 20.18 15.31
N VAL A 229 -13.05 19.24 15.63
CA VAL A 229 -13.88 19.39 16.82
C VAL A 229 -13.44 18.39 17.90
N ILE A 230 -13.40 18.87 19.13
CA ILE A 230 -13.06 18.03 20.28
C ILE A 230 -14.17 18.11 21.32
N ALA A 231 -14.79 16.98 21.62
CA ALA A 231 -15.80 16.93 22.66
C ALA A 231 -15.16 16.91 24.05
N VAL A 232 -15.32 18.00 24.79
CA VAL A 232 -14.75 18.09 26.13
C VAL A 232 -15.66 17.42 27.16
N PRO A 233 -15.09 16.55 28.01
CA PRO A 233 -15.87 15.85 29.03
C PRO A 233 -16.19 16.74 30.21
N GLU A 234 -16.71 16.15 31.28
CA GLU A 234 -16.97 16.87 32.51
C GLU A 234 -15.74 16.91 33.40
N PRO A 235 -15.70 17.81 34.41
CA PRO A 235 -16.68 18.81 34.85
C PRO A 235 -16.89 19.99 33.91
N PHE A 236 -17.56 19.75 32.79
CA PHE A 236 -17.96 20.77 31.84
C PHE A 236 -19.01 20.16 30.93
N GLY A 237 -18.65 20.00 29.67
CA GLY A 237 -19.57 19.58 28.64
C GLY A 237 -19.24 20.45 27.45
N GLY A 238 -20.06 20.40 26.42
CA GLY A 238 -19.81 21.22 25.24
C GLY A 238 -18.51 20.83 24.56
N ALA A 239 -18.15 21.56 23.52
CA ALA A 239 -17.01 21.18 22.70
C ALA A 239 -16.11 22.35 22.36
N ILE A 240 -14.80 22.14 22.45
CA ILE A 240 -13.84 23.13 21.98
C ILE A 240 -13.55 22.90 20.51
N ILE A 241 -13.54 23.98 19.73
CA ILE A 241 -13.26 23.88 18.30
C ILE A 241 -11.93 24.52 17.90
N ILE A 242 -10.99 23.68 17.45
CA ILE A 242 -9.70 24.16 16.99
C ILE A 242 -9.65 24.26 15.48
N GLY A 243 -9.58 25.49 14.98
CA GLY A 243 -9.28 25.73 13.58
C GLY A 243 -7.83 26.13 13.51
N GLN A 244 -7.43 26.77 12.41
CA GLN A 244 -6.08 27.32 12.33
C GLN A 244 -6.06 28.58 13.16
N GLU A 245 -5.36 29.61 12.69
CA GLU A 245 -5.30 30.96 13.28
C GLU A 245 -5.94 31.28 14.66
N SER A 246 -6.84 30.41 15.14
CA SER A 246 -7.69 30.71 16.27
C SER A 246 -8.29 29.42 16.83
N ILE A 247 -8.16 29.19 18.12
CA ILE A 247 -8.87 28.06 18.73
C ILE A 247 -9.94 28.58 19.70
N THR A 248 -11.15 28.03 19.58
CA THR A 248 -12.29 28.55 20.34
C THR A 248 -13.04 27.46 21.12
N TYR A 249 -13.67 27.87 22.22
CA TYR A 249 -14.50 26.96 23.01
C TYR A 249 -15.98 27.28 22.86
N HIS A 250 -16.82 26.25 22.93
CA HIS A 250 -18.25 26.43 22.74
C HIS A 250 -19.10 25.52 23.62
N ASN A 251 -19.85 26.12 24.55
CA ASN A 251 -20.94 25.40 25.20
C ASN A 251 -22.26 26.11 24.92
N GLY A 252 -23.28 25.81 25.72
CA GLY A 252 -24.60 26.39 25.53
C GLY A 252 -24.62 27.91 25.60
N ASP A 253 -24.25 28.46 26.75
CA ASP A 253 -24.29 29.90 26.96
C ASP A 253 -22.92 30.54 26.81
N LYS A 254 -21.91 29.87 27.34
CA LYS A 254 -20.55 30.40 27.34
C LYS A 254 -19.83 30.12 26.03
N TYR A 255 -18.78 30.88 25.77
CA TYR A 255 -17.92 30.69 24.61
C TYR A 255 -16.59 31.36 24.89
N LEU A 256 -15.52 30.79 24.35
CA LEU A 256 -14.18 31.22 24.68
C LEU A 256 -13.35 31.20 23.41
N ALA A 257 -12.43 32.15 23.27
CA ALA A 257 -11.73 32.28 22.00
C ALA A 257 -10.35 32.90 22.15
N ILE A 258 -9.34 32.19 21.65
CA ILE A 258 -7.98 32.74 21.61
C ILE A 258 -7.34 32.55 20.24
N ALA A 259 -6.48 33.49 19.87
CA ALA A 259 -5.76 33.41 18.61
C ALA A 259 -4.28 33.66 18.85
N PRO A 260 -3.58 32.66 19.40
CA PRO A 260 -2.14 32.77 19.58
C PRO A 260 -1.45 32.81 18.23
N PRO A 261 -0.48 33.70 18.05
CA PRO A 261 0.16 33.89 16.75
C PRO A 261 1.15 32.78 16.40
N ILE A 262 1.39 31.86 17.35
CA ILE A 262 2.31 30.76 17.10
C ILE A 262 1.64 29.62 16.32
N ILE A 263 0.38 29.82 15.98
CA ILE A 263 -0.41 28.79 15.29
C ILE A 263 -0.39 28.96 13.77
N LYS A 264 -0.65 30.18 13.30
CA LYS A 264 -0.81 30.46 11.87
C LYS A 264 0.34 29.97 10.99
N GLN A 265 1.42 29.53 11.63
CA GLN A 265 2.62 29.07 10.94
C GLN A 265 2.41 27.68 10.33
N SER A 266 1.70 26.83 11.06
CA SER A 266 1.38 25.48 10.61
C SER A 266 0.04 25.04 11.16
N THR A 267 -0.79 24.43 10.33
CA THR A 267 -2.09 23.92 10.80
C THR A 267 -1.96 22.70 11.71
N ILE A 268 -2.58 22.77 12.88
CA ILE A 268 -2.56 21.67 13.83
C ILE A 268 -3.56 20.59 13.40
N VAL A 269 -3.10 19.34 13.41
CA VAL A 269 -3.84 18.26 12.73
C VAL A 269 -4.28 17.12 13.63
N CYS A 270 -3.86 17.13 14.89
CA CYS A 270 -4.24 16.06 15.81
C CYS A 270 -4.36 16.50 17.26
N HIS A 271 -5.27 15.86 17.99
CA HIS A 271 -5.46 16.09 19.40
C HIS A 271 -5.37 14.78 20.16
N ASN A 272 -5.35 14.88 21.49
CA ASN A 272 -5.35 13.72 22.38
C ASN A 272 -5.51 14.16 23.83
N ARG A 273 -6.46 13.54 24.53
CA ARG A 273 -6.73 13.91 25.92
C ARG A 273 -5.68 13.37 26.88
N VAL A 274 -5.10 14.27 27.66
CA VAL A 274 -4.07 13.88 28.63
C VAL A 274 -4.73 13.41 29.93
N ASP A 275 -5.38 14.34 30.61
CA ASP A 275 -6.12 14.02 31.83
C ASP A 275 -7.57 13.75 31.49
N PRO A 276 -8.11 12.62 31.97
CA PRO A 276 -9.47 12.15 31.66
C PRO A 276 -10.56 13.17 31.98
N ASN A 277 -10.27 14.10 32.87
CA ASN A 277 -11.24 15.13 33.23
C ASN A 277 -11.42 16.14 32.09
N GLY A 278 -10.46 16.20 31.19
CA GLY A 278 -10.53 17.11 30.07
C GLY A 278 -9.94 18.46 30.44
N SER A 279 -9.05 18.44 31.43
CA SER A 279 -8.36 19.65 31.83
C SER A 279 -7.41 20.12 30.74
N ARG A 280 -6.70 19.18 30.13
CA ARG A 280 -5.68 19.56 29.15
C ARG A 280 -5.48 18.57 28.00
N TYR A 281 -5.15 19.12 26.82
CA TYR A 281 -5.09 18.36 25.57
C TYR A 281 -3.77 18.57 24.83
N LEU A 282 -3.32 17.53 24.12
CA LEU A 282 -2.09 17.62 23.34
C LEU A 282 -2.39 17.88 21.87
N LEU A 283 -1.79 18.92 21.30
CA LEU A 283 -1.98 19.24 19.89
C LEU A 283 -0.71 19.01 19.06
N GLY A 284 -0.89 18.70 17.79
CA GLY A 284 0.23 18.46 16.89
C GLY A 284 -0.08 18.97 15.49
N ASP A 285 0.94 19.50 14.83
CA ASP A 285 0.74 20.11 13.53
C ASP A 285 1.44 19.34 12.43
N MET A 286 1.36 19.85 11.21
CA MET A 286 1.96 19.17 10.06
C MET A 286 3.48 19.31 10.04
N GLU A 287 4.01 20.17 10.90
CA GLU A 287 5.45 20.41 10.95
C GLU A 287 6.09 19.83 12.21
N GLY A 288 5.40 18.87 12.82
CA GLY A 288 5.96 18.12 13.92
C GLY A 288 6.15 18.88 15.20
N ARG A 289 5.58 20.09 15.28
CA ARG A 289 5.64 20.87 16.50
C ARG A 289 4.57 20.39 17.49
N LEU A 290 4.97 20.21 18.74
CA LEU A 290 4.08 19.67 19.76
C LEU A 290 3.50 20.79 20.60
N PHE A 291 2.18 20.77 20.80
CA PHE A 291 1.52 21.85 21.52
C PHE A 291 0.79 21.34 22.75
N MET A 292 0.96 22.07 23.85
CA MET A 292 0.18 21.85 25.06
C MET A 292 -1.07 22.70 24.89
N LEU A 293 -2.21 22.24 25.40
CA LEU A 293 -3.39 23.08 25.45
C LEU A 293 -4.08 22.95 26.79
N LEU A 294 -4.00 23.98 27.61
CA LEU A 294 -4.52 23.93 28.96
C LEU A 294 -5.83 24.70 29.11
N LEU A 295 -6.78 24.11 29.82
CA LEU A 295 -8.04 24.75 30.15
C LEU A 295 -8.13 24.94 31.65
N GLU A 296 -8.05 26.18 32.13
CA GLU A 296 -8.14 26.43 33.56
C GLU A 296 -9.59 26.68 34.01
N LYS A 297 -10.02 25.91 34.99
CA LYS A 297 -11.41 25.91 35.45
C LYS A 297 -11.67 26.95 36.54
N GLU A 298 -12.95 27.18 36.86
CA GLU A 298 -13.31 28.20 37.84
C GLU A 298 -14.37 27.69 38.80
N GLU A 299 -14.32 28.16 40.05
CA GLU A 299 -15.41 27.94 41.00
C GLU A 299 -15.84 29.22 41.72
N GLN A 300 -17.14 29.53 41.67
CA GLN A 300 -17.73 30.58 42.50
C GLN A 300 -18.18 29.96 43.82
N MET A 301 -18.38 30.80 44.84
CA MET A 301 -18.72 30.36 46.19
C MET A 301 -17.92 29.13 46.64
N ASP A 302 -18.53 28.25 47.42
CA ASP A 302 -17.91 26.98 47.79
C ASP A 302 -17.40 26.20 46.58
N GLY A 303 -18.17 26.22 45.49
CA GLY A 303 -17.80 25.54 44.26
C GLY A 303 -18.90 25.58 43.22
N THR A 304 -18.53 25.71 41.95
CA THR A 304 -19.52 25.83 40.87
C THR A 304 -19.17 25.08 39.60
N VAL A 305 -18.28 25.70 38.80
CA VAL A 305 -17.73 25.26 37.49
C VAL A 305 -17.83 26.39 36.46
N THR A 306 -16.72 26.65 35.77
CA THR A 306 -16.68 27.61 34.68
C THR A 306 -15.33 27.54 33.98
N LEU A 307 -15.12 28.46 33.05
CA LEU A 307 -13.85 28.49 32.33
C LEU A 307 -13.25 29.89 32.24
N LYS A 308 -11.93 29.94 32.29
CA LYS A 308 -11.20 31.19 32.19
C LYS A 308 -10.07 31.09 31.18
N ASP A 309 -10.41 31.26 29.92
CA ASP A 309 -9.44 31.24 28.83
C ASP A 309 -8.63 29.95 28.74
N LEU A 310 -7.58 29.98 27.93
CA LEU A 310 -6.76 28.80 27.67
C LEU A 310 -5.28 29.16 27.73
N ARG A 311 -4.43 28.14 27.70
CA ARG A 311 -2.99 28.35 27.63
C ARG A 311 -2.36 27.27 26.75
N VAL A 312 -1.29 27.63 26.04
CA VAL A 312 -0.74 26.76 24.99
C VAL A 312 0.75 26.41 25.13
N GLU A 313 1.51 27.25 25.84
CA GLU A 313 2.88 26.97 26.29
C GLU A 313 3.91 26.27 25.37
N LEU A 314 3.46 25.64 24.29
CA LEU A 314 4.35 25.18 23.22
C LEU A 314 5.48 24.24 23.67
N LEU A 315 5.21 22.93 23.66
CA LEU A 315 6.12 21.94 24.23
C LEU A 315 7.45 21.76 23.53
N GLY A 316 7.42 21.53 22.22
CA GLY A 316 8.64 21.27 21.47
C GLY A 316 8.39 20.64 20.11
N GLU A 317 9.35 19.85 19.65
CA GLU A 317 9.30 19.28 18.30
C GLU A 317 9.50 17.77 18.32
N THR A 318 8.58 17.06 17.68
CA THR A 318 8.66 15.61 17.54
C THR A 318 8.66 15.23 16.07
N SER A 319 8.51 13.94 15.80
CA SER A 319 8.25 13.48 14.43
C SER A 319 6.88 14.00 13.98
N ILE A 320 6.62 13.90 12.69
CA ILE A 320 5.39 14.44 12.13
C ILE A 320 4.18 13.62 12.54
N ALA A 321 3.40 14.17 13.47
CA ALA A 321 2.32 13.42 14.08
C ALA A 321 1.12 13.28 13.16
N GLU A 322 0.81 12.04 12.82
CA GLU A 322 -0.46 11.73 12.19
C GLU A 322 -1.39 11.27 13.30
N CYS A 323 -0.80 10.62 14.30
CA CYS A 323 -1.51 10.21 15.50
C CYS A 323 -0.73 10.63 16.74
N LEU A 324 -1.45 11.13 17.75
CA LEU A 324 -0.84 11.45 19.04
C LEU A 324 -1.60 10.76 20.15
N THR A 325 -0.87 10.26 21.15
CA THR A 325 -1.51 9.66 22.31
C THR A 325 -0.60 9.73 23.54
N TYR A 326 -1.15 10.19 24.66
CA TYR A 326 -0.41 10.27 25.91
C TYR A 326 -0.61 8.97 26.69
N LEU A 327 0.36 8.61 27.52
CA LEU A 327 0.30 7.37 28.28
C LEU A 327 0.21 7.63 29.79
N ASP A 328 1.39 7.76 30.41
CA ASP A 328 1.48 8.21 31.79
C ASP A 328 2.94 8.57 32.07
N ASN A 329 3.18 9.37 33.10
CA ASN A 329 4.53 9.82 33.43
C ASN A 329 5.19 10.56 32.28
N GLY A 330 4.45 11.48 31.68
CA GLY A 330 4.99 12.36 30.66
C GLY A 330 5.41 11.69 29.36
N VAL A 331 4.95 10.47 29.14
CA VAL A 331 5.31 9.74 27.92
C VAL A 331 4.20 9.75 26.89
N VAL A 332 4.53 10.25 25.70
CA VAL A 332 3.60 10.33 24.60
C VAL A 332 4.10 9.47 23.45
N PHE A 333 3.20 8.71 22.83
CA PHE A 333 3.54 7.96 21.63
C PHE A 333 3.11 8.75 20.40
N VAL A 334 4.04 8.96 19.48
CA VAL A 334 3.70 9.69 18.25
C VAL A 334 3.74 8.79 17.01
N GLY A 335 2.57 8.67 16.38
CA GLY A 335 2.42 7.82 15.21
C GLY A 335 2.58 8.62 13.94
N SER A 336 3.58 8.25 13.14
CA SER A 336 3.95 9.03 11.97
C SER A 336 3.90 8.21 10.68
N ARG A 337 3.23 8.76 9.68
CA ARG A 337 3.15 8.13 8.35
C ARG A 337 4.35 8.52 7.52
N LEU A 338 4.86 9.71 7.79
CA LEU A 338 5.93 10.30 6.98
C LEU A 338 7.30 10.08 7.60
N GLY A 339 7.33 9.46 8.77
CA GLY A 339 8.59 9.22 9.44
C GLY A 339 8.46 8.23 10.57
N ASP A 340 9.55 8.05 11.31
CA ASP A 340 9.59 7.12 12.42
C ASP A 340 8.62 7.53 13.52
N SER A 341 7.97 6.53 14.12
CA SER A 341 7.15 6.76 15.30
C SER A 341 8.05 6.83 16.53
N GLN A 342 7.60 7.56 17.54
CA GLN A 342 8.46 7.84 18.68
C GLN A 342 7.80 7.58 20.02
N LEU A 343 8.61 7.12 20.98
CA LEU A 343 8.29 7.29 22.38
C LEU A 343 9.01 8.56 22.79
N VAL A 344 8.31 9.44 23.48
CA VAL A 344 8.88 10.74 23.81
C VAL A 344 8.55 11.13 25.25
N LYS A 345 9.52 11.77 25.90
CA LYS A 345 9.36 12.10 27.31
C LYS A 345 9.27 13.61 27.55
N LEU A 346 8.30 14.01 28.37
CA LEU A 346 8.00 15.44 28.57
C LEU A 346 8.47 16.01 29.91
N ASN A 347 9.47 16.88 29.86
CA ASN A 347 10.04 17.53 31.03
C ASN A 347 9.20 18.66 31.55
N VAL A 348 9.60 19.20 32.68
CA VAL A 348 9.07 20.47 33.16
C VAL A 348 10.13 21.55 32.95
N ASP A 349 11.32 21.10 32.57
CA ASP A 349 12.44 22.00 32.32
C ASP A 349 12.97 21.88 30.91
N SER A 350 12.92 22.99 30.19
CA SER A 350 13.50 23.07 28.85
C SER A 350 14.98 22.75 28.90
N ASN A 351 15.53 22.28 27.78
CA ASN A 351 16.97 22.08 27.70
C ASN A 351 17.67 23.29 27.08
N GLU A 352 18.82 23.05 26.47
CA GLU A 352 19.60 24.13 25.86
C GLU A 352 18.83 24.80 24.73
N GLN A 353 18.12 24.00 23.95
CA GLN A 353 17.39 24.49 22.79
C GLN A 353 16.04 25.07 23.20
N GLY A 354 15.70 24.93 24.47
CA GLY A 354 14.33 25.13 24.93
C GLY A 354 13.77 23.73 25.03
N SER A 355 12.57 23.50 24.53
CA SER A 355 12.07 22.15 24.30
C SER A 355 11.99 21.24 25.53
N TYR A 356 10.77 20.98 25.98
CA TYR A 356 10.54 19.98 27.03
C TYR A 356 10.57 18.57 26.44
N VAL A 357 10.61 18.49 25.11
CA VAL A 357 10.54 17.19 24.42
C VAL A 357 11.89 16.49 24.35
N VAL A 358 11.91 15.25 24.82
CA VAL A 358 13.08 14.40 24.69
C VAL A 358 12.68 12.98 24.23
N ALA A 359 13.39 12.48 23.24
CA ALA A 359 13.02 11.21 22.60
C ALA A 359 13.52 10.00 23.37
N MET A 360 12.60 9.12 23.72
CA MET A 360 12.96 7.88 24.41
C MET A 360 13.42 6.82 23.41
N GLU A 361 12.51 6.41 22.54
CA GLU A 361 12.83 5.41 21.53
C GLU A 361 12.26 5.78 20.17
N THR A 362 12.87 5.26 19.11
CA THR A 362 12.41 5.50 17.75
C THR A 362 12.13 4.18 17.04
N PHE A 363 11.01 4.12 16.32
CA PHE A 363 10.64 2.91 15.59
C PHE A 363 10.77 3.11 14.08
N THR A 364 11.49 2.22 13.41
CA THR A 364 11.77 2.37 11.98
C THR A 364 10.52 2.39 11.10
N ASN A 365 10.37 3.45 10.30
CA ASN A 365 9.25 3.55 9.36
C ASN A 365 9.73 3.77 7.94
N LEU A 366 9.47 2.79 7.07
CA LEU A 366 9.97 2.79 5.70
C LEU A 366 9.25 3.73 4.73
N GLY A 367 7.95 3.94 4.94
CA GLY A 367 7.15 4.74 4.02
C GLY A 367 7.13 6.22 4.32
N PRO A 368 6.68 7.03 3.35
CA PRO A 368 6.31 6.58 2.01
C PRO A 368 7.55 6.25 1.18
N ILE A 369 7.59 5.05 0.64
CA ILE A 369 8.68 4.67 -0.26
C ILE A 369 8.37 5.25 -1.63
N VAL A 370 9.07 6.30 -2.01
CA VAL A 370 8.78 6.98 -3.26
C VAL A 370 9.61 6.39 -4.39
N ASP A 371 10.71 5.74 -4.00
CA ASP A 371 11.58 5.07 -4.95
C ASP A 371 12.50 4.09 -4.23
N MET A 372 12.71 2.93 -4.86
CA MET A 372 13.61 1.93 -4.33
C MET A 372 14.43 1.34 -5.47
N CYS A 373 15.58 0.77 -5.13
CA CYS A 373 16.44 0.16 -6.13
C CYS A 373 17.26 -0.98 -5.53
N VAL A 374 17.30 -2.11 -6.21
CA VAL A 374 18.05 -3.25 -5.73
C VAL A 374 19.47 -3.20 -6.26
N VAL A 375 20.43 -3.22 -5.35
CA VAL A 375 21.83 -3.02 -5.70
C VAL A 375 22.66 -4.05 -4.94
N ASP A 376 23.75 -4.51 -5.55
CA ASP A 376 24.44 -5.72 -5.11
C ASP A 376 25.79 -5.48 -4.43
N LEU A 377 25.88 -4.41 -3.65
CA LEU A 377 27.07 -4.01 -2.90
C LEU A 377 27.68 -5.11 -2.04
N GLU A 378 28.86 -4.82 -1.50
CA GLU A 378 29.41 -5.56 -0.36
C GLU A 378 29.56 -7.05 -0.62
N ARG A 379 28.45 -7.78 -0.60
CA ARG A 379 28.48 -9.23 -0.74
C ARG A 379 28.83 -9.66 -2.18
N GLN A 380 29.61 -8.80 -2.83
CA GLN A 380 30.21 -9.01 -4.16
C GLN A 380 29.45 -9.85 -5.18
N GLY A 381 29.10 -11.08 -4.80
CA GLY A 381 28.47 -12.00 -5.72
C GLY A 381 27.02 -11.62 -5.97
N GLN A 382 26.35 -11.12 -4.94
CA GLN A 382 24.92 -10.85 -5.07
C GLN A 382 24.40 -9.70 -4.19
N GLY A 383 25.05 -9.44 -3.06
CA GLY A 383 24.74 -8.26 -2.27
C GLY A 383 23.42 -8.23 -1.53
N GLN A 384 22.32 -8.33 -2.29
CA GLN A 384 20.96 -8.45 -1.75
C GLN A 384 20.29 -7.13 -1.37
N LEU A 385 21.08 -6.09 -1.15
CA LEU A 385 20.54 -4.86 -0.56
C LEU A 385 19.45 -4.16 -1.36
N VAL A 386 18.45 -3.68 -0.64
CA VAL A 386 17.40 -2.85 -1.22
C VAL A 386 17.40 -1.48 -0.54
N THR A 387 17.64 -0.43 -1.33
CA THR A 387 17.61 0.94 -0.80
C THR A 387 16.28 1.60 -1.14
N CYS A 388 15.84 2.54 -0.31
CA CYS A 388 14.56 3.23 -0.53
C CYS A 388 14.53 4.63 0.07
N SER A 389 13.33 5.24 0.10
CA SER A 389 13.18 6.65 0.47
C SER A 389 12.16 6.92 1.58
N GLY A 390 12.34 8.02 2.32
CA GLY A 390 11.51 8.33 3.47
C GLY A 390 10.58 9.52 3.34
N ALA A 391 11.03 10.58 2.67
CA ALA A 391 10.23 11.78 2.38
C ALA A 391 10.02 12.77 3.53
N PHE A 392 10.14 14.06 3.20
CA PHE A 392 10.07 15.21 4.12
C PHE A 392 11.24 15.37 5.10
N LYS A 393 10.97 16.04 6.23
CA LYS A 393 11.95 16.22 7.30
C LYS A 393 12.48 14.87 7.79
N GLU A 394 11.67 13.84 7.62
CA GLU A 394 12.08 12.48 7.93
C GLU A 394 12.52 11.77 6.66
N GLY A 395 12.97 12.55 5.68
CA GLY A 395 13.52 11.99 4.46
C GLY A 395 14.82 11.27 4.75
N SER A 396 14.95 10.07 4.22
CA SER A 396 16.14 9.27 4.49
C SER A 396 16.34 8.24 3.40
N LEU A 397 17.48 7.57 3.44
CA LEU A 397 17.66 6.35 2.70
C LEU A 397 17.60 5.21 3.70
N ARG A 398 16.85 4.16 3.37
CA ARG A 398 16.86 2.95 4.16
C ARG A 398 17.53 1.86 3.34
N ILE A 399 18.48 1.19 3.95
CA ILE A 399 19.16 0.07 3.34
C ILE A 399 18.53 -1.18 3.94
N ILE A 400 18.04 -2.07 3.10
CA ILE A 400 17.42 -3.29 3.60
C ILE A 400 18.13 -4.53 3.09
N ARG A 401 18.47 -5.44 3.99
CA ARG A 401 19.11 -6.70 3.61
C ARG A 401 18.66 -7.88 4.47
N ASN A 402 18.61 -9.06 3.86
CA ASN A 402 18.27 -10.29 4.54
C ASN A 402 19.41 -10.78 5.42
N GLY A 403 19.06 -11.53 6.47
CA GLY A 403 20.05 -12.14 7.35
C GLY A 403 20.69 -11.19 8.33
N ILE A 404 21.68 -11.69 9.07
CA ILE A 404 22.39 -10.89 10.06
C ILE A 404 23.88 -10.77 9.74
N GLY A 405 24.48 -9.65 10.13
CA GLY A 405 25.89 -9.43 9.89
C GLY A 405 26.63 -9.09 11.17
N ILE A 406 27.93 -9.31 11.15
CA ILE A 406 28.81 -8.94 12.25
C ILE A 406 30.06 -8.31 11.66
N HIS A 407 30.82 -7.60 12.48
CA HIS A 407 32.04 -6.97 11.99
C HIS A 407 33.24 -7.44 12.80
N GLU A 408 34.41 -7.36 12.17
CA GLU A 408 35.65 -7.83 12.80
C GLU A 408 36.43 -6.66 13.38
N HIS A 409 36.52 -6.61 14.71
CA HIS A 409 37.25 -5.54 15.38
C HIS A 409 38.76 -5.76 15.26
N ALA A 410 39.22 -6.94 15.66
CA ALA A 410 40.62 -7.31 15.49
C ALA A 410 40.72 -8.53 14.58
N SER A 411 41.57 -8.46 13.58
CA SER A 411 41.70 -9.56 12.63
C SER A 411 43.14 -9.99 12.40
N ILE A 412 43.67 -10.81 13.29
CA ILE A 412 45.00 -11.38 13.12
C ILE A 412 44.93 -12.62 12.23
N ASP A 413 45.70 -12.59 11.15
CA ASP A 413 45.82 -13.71 10.22
C ASP A 413 46.23 -15.00 10.93
N LEU A 414 45.67 -16.12 10.49
CA LEU A 414 45.93 -17.41 11.11
C LEU A 414 45.53 -18.59 10.21
N PRO A 415 46.53 -19.30 9.68
CA PRO A 415 46.33 -20.45 8.79
C PRO A 415 46.09 -21.78 9.53
N GLY A 416 45.16 -22.58 9.01
CA GLY A 416 44.97 -23.97 9.42
C GLY A 416 44.68 -24.26 10.88
N ILE A 417 43.48 -23.94 11.33
CA ILE A 417 43.05 -24.31 12.67
C ILE A 417 42.18 -25.55 12.68
N LYS A 418 41.79 -25.95 13.89
CA LYS A 418 40.72 -26.90 14.11
C LYS A 418 40.20 -26.71 15.52
N GLY A 419 38.98 -26.19 15.63
CA GLY A 419 38.37 -25.91 16.92
C GLY A 419 39.05 -24.80 17.69
N LEU A 420 38.41 -24.35 18.75
CA LEU A 420 38.97 -23.35 19.68
C LEU A 420 38.05 -23.21 20.89
N TRP A 421 38.62 -22.82 22.04
CA TRP A 421 37.86 -22.80 23.29
C TRP A 421 38.20 -21.64 24.23
N PRO A 422 37.18 -21.17 25.00
CA PRO A 422 37.31 -20.15 26.05
C PRO A 422 37.52 -20.78 27.42
N LEU A 423 37.51 -19.96 28.48
CA LEU A 423 37.65 -20.37 29.89
C LEU A 423 38.00 -19.16 30.74
N ARG A 424 37.69 -19.16 32.03
CA ARG A 424 38.35 -18.23 32.95
C ARG A 424 38.64 -18.95 34.25
N SER A 425 39.87 -18.85 34.72
CA SER A 425 40.28 -19.49 35.95
C SER A 425 39.66 -18.80 37.16
N ASP A 426 39.70 -17.46 37.15
CA ASP A 426 39.27 -16.67 38.28
C ASP A 426 37.77 -16.39 38.23
N PRO A 427 37.04 -16.83 39.26
CA PRO A 427 35.59 -16.57 39.33
C PRO A 427 35.32 -15.14 39.76
N ASN A 428 36.25 -14.55 40.51
CA ASN A 428 36.07 -13.20 41.05
C ASN A 428 35.77 -12.11 40.02
N ARG A 429 36.30 -12.27 38.81
CA ARG A 429 35.93 -11.38 37.70
C ARG A 429 34.57 -11.81 37.13
N GLU A 430 34.40 -13.12 36.99
CA GLU A 430 33.13 -13.79 36.59
C GLU A 430 32.74 -13.64 35.12
N THR A 431 33.40 -14.45 34.28
CA THR A 431 33.34 -14.36 32.81
C THR A 431 34.26 -15.48 32.23
N ASP A 432 34.60 -15.50 30.92
CA ASP A 432 35.60 -16.48 30.34
C ASP A 432 36.76 -15.88 29.45
N ASP A 433 38.04 -16.21 29.77
CA ASP A 433 39.27 -15.61 29.16
C ASP A 433 40.16 -16.65 28.43
N THR A 434 41.48 -16.48 28.58
CA THR A 434 42.57 -17.32 28.05
C THR A 434 42.21 -18.29 26.93
N LEU A 435 42.06 -17.77 25.72
CA LEU A 435 41.56 -18.56 24.60
C LEU A 435 42.58 -19.57 24.12
N VAL A 436 42.08 -20.65 23.52
CA VAL A 436 42.94 -21.69 22.98
C VAL A 436 42.46 -22.15 21.61
N LEU A 437 43.40 -22.41 20.70
CA LEU A 437 43.05 -22.96 19.39
C LEU A 437 44.06 -24.03 19.00
N SER A 438 43.64 -24.99 18.19
CA SER A 438 44.47 -26.15 17.90
C SER A 438 44.82 -26.24 16.42
N PHE A 439 46.10 -26.36 16.12
CA PHE A 439 46.53 -26.60 14.75
C PHE A 439 46.56 -28.10 14.51
N VAL A 440 46.91 -28.51 13.29
CA VAL A 440 46.95 -29.93 12.98
C VAL A 440 48.07 -30.63 13.76
N GLY A 441 47.67 -31.39 14.77
CA GLY A 441 48.62 -32.16 15.56
C GLY A 441 49.02 -31.52 16.87
N GLN A 442 48.93 -30.20 16.94
CA GLN A 442 49.33 -29.48 18.14
C GLN A 442 48.22 -28.56 18.65
N THR A 443 48.48 -27.90 19.78
CA THR A 443 47.56 -26.93 20.33
C THR A 443 48.30 -25.64 20.64
N ARG A 444 47.56 -24.56 20.80
CA ARG A 444 48.16 -23.29 21.20
C ARG A 444 47.23 -22.52 22.14
N VAL A 445 47.80 -21.97 23.21
CA VAL A 445 47.03 -21.22 24.20
C VAL A 445 47.29 -19.72 24.00
N LEU A 446 46.26 -18.91 24.19
CA LEU A 446 46.36 -17.48 23.94
C LEU A 446 45.62 -16.74 25.04
N MET A 447 46.33 -15.91 25.79
CA MET A 447 45.72 -15.18 26.90
C MET A 447 45.02 -13.89 26.46
N LEU A 448 43.92 -13.56 27.13
CA LEU A 448 43.18 -12.34 26.81
C LEU A 448 43.60 -11.15 27.67
N ASN A 449 43.89 -10.05 27.01
CA ASN A 449 44.01 -8.75 27.65
C ASN A 449 43.90 -7.69 26.56
N GLY A 450 42.86 -6.87 26.65
CA GLY A 450 42.58 -5.90 25.61
C GLY A 450 42.28 -6.59 24.29
N GLU A 451 42.89 -6.11 23.22
CA GLU A 451 42.71 -6.71 21.91
C GLU A 451 43.87 -7.61 21.55
N GLU A 452 44.92 -7.58 22.37
CA GLU A 452 46.13 -8.34 22.06
C GLU A 452 46.07 -9.77 22.60
N VAL A 453 46.50 -10.72 21.79
CA VAL A 453 46.29 -12.13 22.07
C VAL A 453 47.59 -12.89 22.29
N GLU A 454 48.30 -13.13 21.20
CA GLU A 454 49.58 -13.84 21.21
C GLU A 454 49.48 -15.27 21.74
N GLU A 455 50.50 -15.71 22.46
CA GLU A 455 50.56 -17.09 22.92
C GLU A 455 50.83 -17.20 24.42
N THR A 456 52.02 -16.79 24.83
CA THR A 456 52.48 -16.92 26.21
C THR A 456 52.56 -18.38 26.66
N GLU A 457 52.75 -18.58 27.96
CA GLU A 457 52.95 -19.92 28.51
C GLU A 457 52.18 -20.11 29.81
N LEU A 458 51.38 -21.17 29.86
CA LEU A 458 50.64 -21.50 31.07
C LEU A 458 50.99 -22.88 31.59
N MET A 459 51.37 -22.94 32.86
CA MET A 459 51.75 -24.18 33.52
C MET A 459 50.64 -25.22 33.46
N GLY A 460 51.02 -26.48 33.27
CA GLY A 460 50.06 -27.57 33.34
C GLY A 460 49.22 -27.76 32.10
N PHE A 461 49.05 -26.70 31.31
CA PHE A 461 48.41 -26.84 30.02
C PHE A 461 49.30 -27.71 29.15
N VAL A 462 48.70 -28.71 28.51
CA VAL A 462 49.46 -29.66 27.72
C VAL A 462 49.66 -29.18 26.29
N ASP A 463 50.92 -28.98 25.91
CA ASP A 463 51.27 -28.46 24.59
C ASP A 463 51.43 -29.57 23.56
N ASP A 464 52.11 -30.64 23.95
CA ASP A 464 52.48 -31.71 23.01
C ASP A 464 51.28 -32.48 22.45
N GLN A 465 50.07 -32.13 22.91
CA GLN A 465 48.86 -32.86 22.56
C GLN A 465 47.67 -31.96 22.29
N GLN A 466 46.80 -32.40 21.38
CA GLN A 466 45.59 -31.66 21.04
C GLN A 466 44.35 -32.21 21.74
N THR A 467 43.50 -31.31 22.23
CA THR A 467 42.28 -31.71 22.93
C THR A 467 41.01 -31.40 22.14
N PHE A 468 39.92 -32.07 22.51
CA PHE A 468 38.60 -31.74 21.95
C PHE A 468 37.74 -31.02 22.99
N PHE A 469 38.26 -30.92 24.20
CA PHE A 469 37.56 -30.26 25.28
C PHE A 469 38.49 -29.27 25.96
N CYS A 470 37.90 -28.24 26.56
CA CYS A 470 38.62 -27.23 27.29
C CYS A 470 37.61 -26.49 28.17
N GLY A 471 37.81 -25.20 28.35
CA GLY A 471 36.85 -24.39 29.09
C GLY A 471 36.80 -24.68 30.57
N ASN A 472 36.28 -23.72 31.32
CA ASN A 472 36.05 -23.91 32.74
C ASN A 472 34.95 -24.94 32.98
N VAL A 473 35.04 -25.64 34.10
CA VAL A 473 34.04 -26.63 34.45
C VAL A 473 33.81 -26.57 35.97
N ALA A 474 32.62 -26.99 36.40
CA ALA A 474 32.15 -26.82 37.76
C ALA A 474 33.08 -27.32 38.87
N HIS A 475 32.67 -27.06 40.11
CA HIS A 475 33.52 -27.23 41.29
C HIS A 475 34.95 -26.70 41.12
N GLN A 476 35.05 -25.50 40.54
CA GLN A 476 36.33 -24.81 40.34
C GLN A 476 37.41 -25.68 39.73
N GLN A 477 37.37 -25.82 38.40
CA GLN A 477 38.33 -26.68 37.70
C GLN A 477 38.29 -26.51 36.16
N LEU A 478 39.32 -27.01 35.49
CA LEU A 478 39.35 -27.05 34.02
C LEU A 478 39.47 -28.50 33.54
N ILE A 479 38.79 -28.84 32.44
CA ILE A 479 38.94 -30.15 31.81
C ILE A 479 39.51 -29.99 30.41
N GLN A 480 40.50 -30.82 30.06
CA GLN A 480 41.05 -30.81 28.72
C GLN A 480 41.34 -32.23 28.25
N ILE A 481 40.49 -32.75 27.37
CA ILE A 481 40.62 -34.15 26.94
C ILE A 481 41.24 -34.29 25.56
N THR A 482 42.40 -34.93 25.53
CA THR A 482 43.22 -35.00 24.32
C THR A 482 42.93 -36.22 23.44
N SER A 483 43.72 -36.36 22.40
CA SER A 483 43.56 -37.46 21.45
C SER A 483 44.23 -38.75 21.91
N ALA A 484 45.17 -38.65 22.84
CA ALA A 484 45.81 -39.86 23.35
C ALA A 484 45.26 -40.29 24.71
N SER A 485 44.64 -39.36 25.43
CA SER A 485 44.12 -39.66 26.77
C SER A 485 43.05 -38.68 27.24
N VAL A 486 42.74 -38.72 28.54
CA VAL A 486 41.71 -37.85 29.12
C VAL A 486 42.25 -37.14 30.37
N ARG A 487 42.23 -35.81 30.36
CA ARG A 487 42.94 -35.02 31.37
C ARG A 487 42.06 -34.07 32.21
N LEU A 488 42.48 -33.85 33.46
CA LEU A 488 41.72 -33.08 34.45
C LEU A 488 42.66 -32.07 35.16
N VAL A 489 42.17 -30.86 35.44
CA VAL A 489 43.02 -29.73 35.88
C VAL A 489 42.53 -28.99 37.17
N SER A 490 43.46 -28.55 38.02
CA SER A 490 43.18 -28.31 39.46
C SER A 490 42.99 -26.90 40.09
N GLN A 491 43.40 -25.83 39.42
CA GLN A 491 43.35 -24.44 39.95
C GLN A 491 44.52 -24.01 40.85
N GLU A 492 44.24 -23.75 42.13
CA GLU A 492 45.18 -23.09 43.06
C GLU A 492 46.65 -23.55 42.98
N PRO A 493 46.90 -24.86 42.85
CA PRO A 493 48.28 -25.24 42.53
C PRO A 493 48.49 -25.32 41.02
N LYS A 494 47.41 -25.47 40.27
CA LYS A 494 47.47 -25.74 38.83
C LYS A 494 48.29 -26.98 38.54
N ALA A 495 47.69 -28.13 38.79
CA ALA A 495 48.35 -29.41 38.53
C ALA A 495 47.39 -30.33 37.80
N LEU A 496 47.78 -31.59 37.68
CA LEU A 496 47.02 -32.54 36.88
C LEU A 496 46.49 -33.71 37.69
N VAL A 497 45.69 -33.43 38.72
CA VAL A 497 45.06 -34.50 39.48
C VAL A 497 44.21 -35.33 38.54
N SER A 498 44.45 -36.65 38.55
CA SER A 498 43.77 -37.60 37.68
C SER A 498 44.05 -37.41 36.18
N GLU A 499 44.27 -38.54 35.51
CA GLU A 499 44.55 -38.57 34.09
C GLU A 499 44.30 -39.98 33.61
N TRP A 500 43.52 -40.12 32.54
CA TRP A 500 43.01 -41.44 32.16
C TRP A 500 43.31 -41.85 30.74
N LYS A 501 43.69 -43.10 30.57
CA LYS A 501 44.04 -43.65 29.27
C LYS A 501 43.16 -44.84 28.95
N GLU A 502 43.30 -45.37 27.74
CA GLU A 502 42.57 -46.54 27.32
C GLU A 502 43.58 -47.70 27.23
N PRO A 503 43.12 -48.96 27.31
CA PRO A 503 44.03 -50.10 27.50
C PRO A 503 45.21 -50.24 26.55
N GLN A 504 45.00 -50.03 25.24
CA GLN A 504 46.02 -50.37 24.25
C GLN A 504 46.77 -49.16 23.66
N ALA A 505 46.72 -48.03 24.38
CA ALA A 505 47.40 -46.80 23.95
C ALA A 505 46.93 -46.29 22.59
N LYS A 506 45.69 -46.62 22.24
CA LYS A 506 45.08 -46.20 20.99
C LYS A 506 44.73 -44.70 21.01
N ASN A 507 44.26 -44.20 19.88
CA ASN A 507 43.92 -42.80 19.71
C ASN A 507 42.47 -42.52 20.12
N ILE A 508 42.18 -41.28 20.53
CA ILE A 508 40.80 -40.85 20.76
C ILE A 508 40.23 -40.35 19.44
N SER A 509 39.08 -40.90 19.05
CA SER A 509 38.48 -40.55 17.77
C SER A 509 37.23 -39.69 17.93
N VAL A 510 36.17 -40.31 18.42
CA VAL A 510 34.88 -39.65 18.58
C VAL A 510 34.69 -39.25 20.05
N ALA A 511 34.13 -38.07 20.29
CA ALA A 511 34.18 -37.47 21.63
C ALA A 511 32.81 -37.27 22.27
N SER A 512 32.61 -36.06 22.81
CA SER A 512 31.33 -35.48 23.28
C SER A 512 31.54 -34.44 24.37
N CYS A 513 31.36 -34.87 25.62
CA CYS A 513 31.65 -34.10 26.85
C CYS A 513 30.58 -33.12 27.33
N ASN A 514 30.63 -32.83 28.64
CA ASN A 514 29.75 -31.85 29.28
C ASN A 514 30.23 -31.50 30.69
N SER A 515 29.63 -30.47 31.29
CA SER A 515 30.00 -29.98 32.63
C SER A 515 30.05 -31.03 33.75
N SER A 516 29.03 -31.87 33.83
CA SER A 516 28.97 -32.83 34.93
C SER A 516 29.24 -34.27 34.50
N GLN A 517 29.41 -34.49 33.20
CA GLN A 517 29.68 -35.83 32.69
C GLN A 517 30.25 -35.79 31.28
N VAL A 518 30.95 -36.85 30.89
CA VAL A 518 31.58 -36.89 29.57
C VAL A 518 31.62 -38.33 29.02
N VAL A 519 31.65 -38.46 27.70
CA VAL A 519 31.98 -39.74 27.07
C VAL A 519 33.13 -39.48 26.08
N VAL A 520 33.95 -40.49 25.80
CA VAL A 520 35.12 -40.30 24.93
C VAL A 520 35.28 -41.37 23.85
N ALA A 521 34.40 -42.38 23.87
CA ALA A 521 34.32 -43.39 22.81
C ALA A 521 35.55 -44.27 22.57
N VAL A 522 36.52 -43.75 21.81
CA VAL A 522 37.69 -44.50 21.31
C VAL A 522 37.38 -45.80 20.55
N GLY A 523 37.92 -45.90 19.33
CA GLY A 523 37.64 -47.02 18.46
C GLY A 523 36.18 -47.05 18.09
N ARG A 524 35.43 -47.90 18.80
CA ARG A 524 33.99 -47.99 18.61
C ARG A 524 33.36 -47.77 19.97
N ALA A 525 32.16 -48.31 20.16
CA ALA A 525 31.47 -48.21 21.44
C ALA A 525 31.38 -46.76 21.87
N LEU A 526 31.37 -46.52 23.17
CA LEU A 526 31.43 -45.16 23.69
C LEU A 526 32.30 -45.12 24.93
N TYR A 527 32.65 -46.30 25.45
CA TYR A 527 33.37 -46.43 26.73
C TYR A 527 32.61 -45.78 27.90
N TYR A 528 31.96 -44.66 27.61
CA TYR A 528 31.16 -43.88 28.54
C TYR A 528 31.84 -43.57 29.88
N LEU A 529 32.23 -42.31 30.02
CA LEU A 529 32.92 -41.84 31.20
C LEU A 529 31.88 -41.18 32.11
N GLN A 530 32.24 -40.93 33.37
CA GLN A 530 31.41 -40.13 34.26
C GLN A 530 32.29 -39.33 35.21
N ILE A 531 31.86 -38.13 35.59
CA ILE A 531 32.69 -37.24 36.41
C ILE A 531 32.37 -37.25 37.91
N HIS A 532 33.40 -37.48 38.71
CA HIS A 532 33.33 -37.28 40.15
C HIS A 532 34.25 -36.13 40.53
N PRO A 533 34.09 -35.59 41.75
CA PRO A 533 35.00 -34.53 42.22
C PRO A 533 36.48 -34.89 42.06
N GLN A 534 37.12 -34.24 41.09
CA GLN A 534 38.56 -34.31 40.87
C GLN A 534 39.08 -35.66 40.42
N GLU A 535 38.16 -36.58 40.10
CA GLU A 535 38.52 -37.88 39.55
C GLU A 535 37.47 -38.39 38.59
N LEU A 536 37.45 -39.71 38.44
CA LEU A 536 36.71 -40.34 37.35
C LEU A 536 35.68 -41.34 37.81
N ARG A 537 36.17 -42.54 38.14
CA ARG A 537 35.32 -43.67 38.52
C ARG A 537 34.29 -43.98 37.45
N GLN A 538 34.72 -44.48 36.29
CA GLN A 538 33.78 -44.75 35.20
C GLN A 538 32.71 -45.78 35.60
N ILE A 539 31.59 -45.77 34.89
CA ILE A 539 30.50 -46.71 35.15
C ILE A 539 30.07 -47.46 33.90
N SER A 540 30.10 -48.79 33.98
CA SER A 540 29.72 -49.67 32.87
C SER A 540 30.55 -49.45 31.60
N HIS A 541 30.14 -50.10 30.51
CA HIS A 541 30.84 -49.96 29.24
C HIS A 541 29.87 -50.06 28.07
N THR A 542 30.42 -50.15 26.86
CA THR A 542 29.65 -50.06 25.64
C THR A 542 30.22 -50.97 24.56
N GLU A 543 29.38 -51.34 23.60
CA GLU A 543 29.86 -52.03 22.41
C GLU A 543 29.25 -51.43 21.15
N MET A 544 27.92 -51.40 21.09
CA MET A 544 27.14 -50.93 19.93
C MET A 544 27.67 -51.41 18.58
N GLU A 545 27.43 -50.62 17.53
CA GLU A 545 27.70 -51.05 16.17
C GLU A 545 28.76 -50.20 15.47
N HIS A 546 29.97 -50.75 15.35
CA HIS A 546 31.09 -50.14 14.64
C HIS A 546 31.36 -48.66 14.90
N GLU A 547 32.06 -48.02 13.96
CA GLU A 547 32.53 -46.64 14.12
C GLU A 547 31.38 -45.66 14.30
N VAL A 548 31.52 -44.79 15.29
CA VAL A 548 30.46 -43.84 15.63
C VAL A 548 30.76 -42.42 15.16
N ALA A 549 29.77 -41.80 14.52
CA ALA A 549 29.93 -40.48 13.94
C ALA A 549 29.58 -39.37 14.92
N CYS A 550 30.62 -38.76 15.50
CA CYS A 550 30.50 -37.67 16.49
C CYS A 550 29.50 -37.90 17.64
N LEU A 551 29.36 -36.90 18.51
CA LEU A 551 28.61 -37.10 19.75
C LEU A 551 28.23 -35.81 20.46
N ASP A 552 27.12 -35.88 21.20
CA ASP A 552 26.65 -34.76 22.01
C ASP A 552 25.92 -35.27 23.25
N ILE A 553 26.26 -34.70 24.40
CA ILE A 553 25.66 -35.08 25.66
C ILE A 553 24.61 -34.07 26.15
N THR A 554 24.84 -32.80 25.82
CA THR A 554 24.01 -31.64 26.23
C THR A 554 22.65 -31.96 26.87
N PRO A 555 22.50 -31.60 28.15
CA PRO A 555 21.51 -32.12 29.11
C PRO A 555 20.11 -31.53 29.10
N LEU A 556 19.75 -30.74 28.09
CA LEU A 556 18.41 -30.11 28.01
C LEU A 556 17.88 -29.46 29.29
N GLY A 557 17.96 -28.15 29.37
CA GLY A 557 17.41 -27.44 30.51
C GLY A 557 18.16 -26.18 30.85
N ASP A 558 18.17 -25.84 32.14
CA ASP A 558 18.87 -24.64 32.60
C ASP A 558 20.37 -24.74 32.36
N SER A 559 21.01 -25.74 32.95
CA SER A 559 22.43 -25.95 32.71
C SER A 559 22.79 -27.23 31.94
N ASN A 560 22.45 -28.43 32.42
CA ASN A 560 21.71 -28.72 33.67
C ASN A 560 22.51 -28.79 34.99
N GLY A 561 23.66 -29.47 35.05
CA GLY A 561 24.40 -29.98 33.89
C GLY A 561 24.55 -31.47 33.71
N LEU A 562 23.70 -32.26 34.37
CA LEU A 562 23.75 -33.70 34.16
C LEU A 562 22.73 -34.14 33.11
N SER A 563 23.17 -34.94 32.15
CA SER A 563 22.30 -35.39 31.08
C SER A 563 21.85 -36.83 31.29
N PRO A 564 20.54 -37.07 31.24
CA PRO A 564 19.98 -38.43 31.22
C PRO A 564 20.03 -38.98 29.82
N LEU A 565 20.69 -38.24 28.92
CA LEU A 565 20.55 -38.46 27.49
C LEU A 565 21.89 -38.37 26.76
N CYS A 566 22.03 -39.13 25.67
CA CYS A 566 23.27 -39.17 24.91
C CYS A 566 23.03 -39.25 23.40
N ALA A 567 23.50 -38.24 22.67
CA ALA A 567 23.33 -38.18 21.22
C ALA A 567 24.61 -38.61 20.48
N ILE A 568 24.45 -39.40 19.43
CA ILE A 568 25.55 -40.05 18.73
C ILE A 568 25.26 -40.21 17.23
N GLY A 569 26.17 -40.85 16.51
CA GLY A 569 25.98 -41.08 15.08
C GLY A 569 26.61 -42.37 14.56
N LEU A 570 26.48 -42.62 13.27
CA LEU A 570 27.04 -43.83 12.65
C LEU A 570 27.57 -43.58 11.24
N TRP A 571 28.41 -44.49 10.76
CA TRP A 571 28.95 -44.37 9.40
C TRP A 571 28.21 -45.24 8.38
N THR A 572 28.08 -46.54 8.67
CA THR A 572 27.47 -47.45 7.71
C THR A 572 25.96 -47.25 7.61
N ASP A 573 25.27 -47.41 8.72
CA ASP A 573 23.81 -47.23 8.75
C ASP A 573 23.42 -45.78 8.53
N ILE A 574 24.33 -44.88 8.88
CA ILE A 574 24.08 -43.43 8.78
C ILE A 574 22.81 -43.03 9.51
N SER A 575 22.91 -42.86 10.82
CA SER A 575 21.75 -42.53 11.62
C SER A 575 22.13 -41.85 12.92
N ALA A 576 21.52 -40.69 13.17
CA ALA A 576 21.66 -40.03 14.45
C ALA A 576 20.78 -40.75 15.45
N ARG A 577 21.39 -41.48 16.38
CA ARG A 577 20.61 -42.09 17.44
C ARG A 577 20.55 -41.19 18.67
N ILE A 578 19.58 -41.46 19.52
CA ILE A 578 19.49 -40.83 20.82
C ILE A 578 19.61 -42.00 21.79
N LEU A 579 20.22 -41.78 22.95
CA LEU A 579 20.43 -42.89 23.87
C LEU A 579 20.10 -42.56 25.32
N LYS A 580 19.50 -43.54 26.00
CA LYS A 580 19.27 -43.44 27.42
C LYS A 580 20.63 -43.51 28.13
N LEU A 581 20.68 -43.10 29.39
CA LEU A 581 21.92 -43.14 30.16
C LEU A 581 21.61 -43.63 31.58
N PRO A 582 22.42 -44.57 32.09
CA PRO A 582 23.57 -45.16 31.41
C PRO A 582 23.21 -46.46 30.69
N SER A 583 21.94 -46.66 30.41
CA SER A 583 21.46 -47.93 29.86
C SER A 583 21.50 -47.98 28.33
N PHE A 584 21.75 -46.84 27.71
CA PHE A 584 21.85 -46.74 26.25
C PHE A 584 20.57 -47.21 25.54
N GLU A 585 20.55 -48.49 25.16
CA GLU A 585 19.39 -49.15 24.52
C GLU A 585 18.69 -48.37 23.38
N LEU A 586 18.77 -48.90 22.17
CA LEU A 586 18.17 -48.27 21.01
C LEU A 586 16.65 -48.13 21.14
N LEU A 587 16.14 -46.96 20.75
CA LEU A 587 14.72 -46.64 20.94
C LEU A 587 14.03 -46.25 19.64
N HIS A 588 14.56 -45.25 18.94
CA HIS A 588 13.98 -44.79 17.68
C HIS A 588 14.95 -45.07 16.54
N LYS A 589 14.49 -45.80 15.52
CA LYS A 589 15.35 -46.22 14.43
C LYS A 589 15.72 -45.08 13.48
N GLU A 590 14.76 -44.66 12.65
CA GLU A 590 14.96 -43.63 11.63
C GLU A 590 16.22 -43.78 10.77
N MET A 591 16.07 -44.49 9.66
CA MET A 591 17.16 -44.62 8.68
C MET A 591 17.08 -43.45 7.70
N LEU A 592 18.23 -42.98 7.24
CA LEU A 592 18.25 -41.88 6.27
C LEU A 592 18.87 -42.31 4.94
N GLY A 593 18.28 -41.81 3.85
CA GLY A 593 18.73 -42.15 2.52
C GLY A 593 19.99 -41.39 2.12
N GLY A 594 20.78 -41.97 1.23
CA GLY A 594 22.02 -41.36 0.80
C GLY A 594 23.22 -42.07 1.41
N GLU A 595 24.39 -41.84 0.83
CA GLU A 595 25.61 -42.48 1.32
C GLU A 595 26.48 -41.50 2.11
N ILE A 596 26.01 -40.25 2.22
CA ILE A 596 26.68 -39.27 3.06
C ILE A 596 26.50 -39.66 4.52
N ILE A 597 27.29 -39.03 5.39
CA ILE A 597 27.36 -39.43 6.79
C ILE A 597 27.11 -38.25 7.74
N PRO A 598 26.46 -38.51 8.89
CA PRO A 598 26.02 -37.42 9.77
C PRO A 598 27.16 -36.75 10.51
N ARG A 599 27.11 -35.42 10.58
CA ARG A 599 28.15 -34.65 11.25
C ARG A 599 27.53 -33.58 12.14
N SER A 600 28.13 -33.37 13.30
CA SER A 600 27.70 -32.33 14.24
C SER A 600 26.26 -32.46 14.67
N ILE A 601 26.04 -33.14 15.78
CA ILE A 601 24.71 -33.30 16.32
C ILE A 601 24.52 -32.29 17.43
N LEU A 602 23.29 -32.23 17.95
CA LEU A 602 22.98 -31.43 19.12
C LEU A 602 21.51 -31.60 19.45
N MET A 603 21.15 -31.16 20.65
CA MET A 603 19.78 -31.12 21.11
C MET A 603 19.62 -29.79 21.84
N THR A 604 18.68 -28.95 21.40
CA THR A 604 18.54 -27.62 21.99
C THR A 604 17.29 -27.41 22.83
N THR A 605 17.32 -26.33 23.59
CA THR A 605 16.18 -25.91 24.40
C THR A 605 15.92 -24.42 24.22
N PHE A 606 14.67 -24.07 23.95
CA PHE A 606 14.27 -22.68 23.78
C PHE A 606 12.76 -22.58 24.00
N GLU A 607 12.36 -21.63 24.85
CA GLU A 607 10.95 -21.41 25.22
C GLU A 607 10.12 -22.69 25.41
N SER A 608 10.46 -23.46 26.43
CA SER A 608 9.77 -24.72 26.76
C SER A 608 9.89 -25.80 25.70
N SER A 609 10.11 -25.40 24.45
CA SER A 609 10.20 -26.33 23.33
C SER A 609 11.35 -27.32 23.49
N HIS A 610 11.27 -28.45 22.80
CA HIS A 610 12.24 -29.51 22.92
C HIS A 610 12.73 -29.93 21.54
N TYR A 611 13.98 -29.61 21.23
CA TYR A 611 14.49 -29.77 19.87
C TYR A 611 15.82 -30.52 19.79
N LEU A 612 16.16 -30.98 18.59
CA LEU A 612 17.45 -31.58 18.30
C LEU A 612 17.86 -31.27 16.85
N LEU A 613 19.15 -31.42 16.56
CA LEU A 613 19.66 -31.21 15.20
C LEU A 613 20.76 -32.20 14.81
N CYS A 614 20.76 -32.59 13.53
CA CYS A 614 21.78 -33.48 12.97
C CYS A 614 22.04 -33.05 11.53
N ALA A 615 23.31 -32.89 11.15
CA ALA A 615 23.62 -32.02 10.01
C ALA A 615 24.63 -32.47 8.94
N LEU A 616 24.60 -33.75 8.58
CA LEU A 616 25.40 -34.41 7.51
C LEU A 616 26.29 -33.65 6.48
N GLY A 617 26.95 -34.44 5.63
CA GLY A 617 27.97 -33.93 4.72
C GLY A 617 27.60 -32.85 3.73
N ASP A 618 26.33 -32.77 3.36
CA ASP A 618 25.87 -31.80 2.37
C ASP A 618 25.61 -30.45 3.01
N GLY A 619 25.67 -30.42 4.34
CA GLY A 619 25.20 -29.27 5.08
C GLY A 619 23.71 -29.40 5.27
N ALA A 620 23.13 -30.40 4.61
CA ALA A 620 21.73 -30.73 4.78
C ALA A 620 21.52 -31.06 6.23
N LEU A 621 20.36 -30.71 6.74
CA LEU A 621 20.15 -30.87 8.16
C LEU A 621 18.72 -31.18 8.45
N PHE A 622 18.54 -32.02 9.44
CA PHE A 622 17.24 -32.50 9.75
C PHE A 622 16.73 -31.82 11.02
N TYR A 623 15.42 -31.73 11.18
CA TYR A 623 14.85 -31.19 12.42
C TYR A 623 13.53 -31.84 12.90
N PHE A 624 13.39 -31.97 14.21
CA PHE A 624 12.26 -32.64 14.85
C PHE A 624 11.57 -31.68 15.82
N GLY A 625 10.29 -31.92 16.07
CA GLY A 625 9.65 -31.44 17.29
C GLY A 625 9.52 -32.64 18.23
N LEU A 626 9.84 -32.45 19.51
CA LEU A 626 9.96 -33.57 20.45
C LEU A 626 9.17 -33.48 21.74
N ASN A 627 9.10 -34.62 22.41
CA ASN A 627 8.67 -34.71 23.79
C ASN A 627 9.72 -35.45 24.62
N ILE A 628 10.25 -34.77 25.64
CA ILE A 628 11.34 -35.31 26.45
C ILE A 628 10.93 -36.54 27.25
N GLU A 629 9.66 -36.63 27.62
CA GLU A 629 9.17 -37.71 28.48
C GLU A 629 9.50 -39.10 27.93
N THR A 630 9.11 -39.35 26.70
CA THR A 630 9.36 -40.64 26.05
C THR A 630 10.62 -40.59 25.21
N GLY A 631 11.17 -39.39 25.04
CA GLY A 631 12.35 -39.19 24.22
C GLY A 631 12.08 -39.49 22.76
N LEU A 632 10.80 -39.54 22.41
CA LEU A 632 10.39 -39.96 21.06
C LEU A 632 10.26 -38.80 20.08
N LEU A 633 10.86 -39.00 18.92
CA LEU A 633 10.99 -37.98 17.90
C LEU A 633 9.71 -37.96 17.08
N SER A 634 9.41 -36.83 16.42
CA SER A 634 8.30 -36.75 15.48
C SER A 634 8.37 -35.50 14.61
N ASP A 635 7.30 -35.26 13.85
CA ASP A 635 7.29 -34.27 12.76
C ASP A 635 8.61 -34.26 11.99
N ARG A 636 8.85 -35.37 11.29
CA ARG A 636 10.10 -35.56 10.57
C ARG A 636 10.22 -34.63 9.38
N LYS A 637 11.26 -33.81 9.39
CA LYS A 637 11.56 -32.97 8.24
C LYS A 637 13.01 -32.50 8.24
N LYS A 638 13.58 -32.40 7.05
CA LYS A 638 14.93 -31.89 6.89
C LYS A 638 14.95 -30.78 5.85
N VAL A 639 15.93 -29.89 5.95
CA VAL A 639 16.15 -28.90 4.90
C VAL A 639 17.64 -28.87 4.56
N THR A 640 17.96 -28.39 3.37
CA THR A 640 19.33 -28.45 2.89
C THR A 640 19.91 -27.06 2.62
N LEU A 641 21.19 -26.87 2.95
CA LEU A 641 21.88 -25.64 2.61
C LEU A 641 23.31 -25.90 2.14
N GLY A 642 23.75 -25.08 1.20
CA GLY A 642 25.13 -25.10 0.71
C GLY A 642 25.71 -26.46 0.43
N THR A 643 26.92 -26.69 0.94
CA THR A 643 27.65 -27.91 0.67
C THR A 643 28.64 -28.20 1.78
N GLN A 644 29.27 -27.15 2.28
CA GLN A 644 30.33 -27.28 3.27
C GLN A 644 29.83 -27.74 4.64
N PRO A 645 30.61 -28.57 5.33
CA PRO A 645 30.40 -29.05 6.70
C PRO A 645 29.88 -27.97 7.65
N THR A 646 29.09 -28.39 8.63
CA THR A 646 28.59 -27.49 9.65
C THR A 646 29.04 -27.96 11.02
N VAL A 647 29.34 -27.01 11.91
CA VAL A 647 29.60 -27.34 13.30
C VAL A 647 28.50 -26.74 14.14
N LEU A 648 28.26 -27.31 15.31
CA LEU A 648 27.11 -26.91 16.11
C LEU A 648 27.47 -26.68 17.56
N ARG A 649 27.43 -25.42 17.96
CA ARG A 649 27.77 -25.03 19.31
C ARG A 649 26.46 -24.84 20.07
N THR A 650 26.17 -23.60 20.44
CA THR A 650 24.90 -23.12 21.05
C THR A 650 25.12 -22.53 22.44
N PHE A 651 24.53 -21.37 22.62
CA PHE A 651 24.87 -20.43 23.66
C PHE A 651 23.77 -19.39 23.62
N ARG A 652 23.92 -18.28 24.34
CA ARG A 652 22.78 -17.42 24.54
C ARG A 652 22.76 -16.09 23.75
N SER A 653 22.98 -14.98 24.46
CA SER A 653 22.68 -13.59 24.07
C SER A 653 21.30 -13.13 24.57
N LEU A 654 21.18 -11.80 24.77
CA LEU A 654 20.08 -11.13 25.51
C LEU A 654 18.89 -11.94 26.04
N SER A 655 17.81 -12.01 25.26
CA SER A 655 16.57 -12.64 25.72
C SER A 655 16.04 -13.68 24.74
N THR A 656 16.92 -14.16 23.87
CA THR A 656 16.55 -15.20 22.90
C THR A 656 17.18 -16.55 23.24
N THR A 657 18.15 -16.93 22.40
CA THR A 657 18.77 -18.27 22.33
C THR A 657 19.20 -18.29 20.86
N ASN A 658 19.97 -19.29 20.45
CA ASN A 658 20.46 -19.38 19.08
C ASN A 658 20.98 -20.80 18.87
N VAL A 659 21.05 -21.24 17.62
CA VAL A 659 21.50 -22.61 17.36
C VAL A 659 22.48 -22.74 16.20
N PHE A 660 22.28 -21.95 15.15
CA PHE A 660 23.26 -21.65 14.08
C PHE A 660 24.24 -22.71 13.56
N ALA A 661 24.28 -22.88 12.25
CA ALA A 661 25.28 -23.75 11.63
C ALA A 661 26.37 -22.93 10.95
N CYS A 662 27.56 -23.51 10.83
CA CYS A 662 28.69 -22.81 10.23
C CYS A 662 29.03 -23.37 8.85
N SER A 663 29.01 -22.52 7.82
CA SER A 663 29.32 -22.95 6.46
C SER A 663 29.77 -21.81 5.55
N ASP A 664 29.76 -22.05 4.25
CA ASP A 664 30.03 -21.02 3.26
C ASP A 664 28.94 -19.96 3.38
N ARG A 665 27.76 -20.42 3.77
CA ARG A 665 26.65 -19.54 4.08
C ARG A 665 26.24 -19.80 5.53
N PRO A 666 26.99 -19.22 6.48
CA PRO A 666 26.89 -19.44 7.93
C PRO A 666 25.47 -19.15 8.40
N THR A 667 24.78 -20.13 8.97
CA THR A 667 23.37 -19.95 9.28
C THR A 667 23.09 -19.72 10.76
N VAL A 668 21.83 -19.41 11.07
CA VAL A 668 21.32 -19.52 12.44
C VAL A 668 19.85 -19.92 12.56
N ILE A 669 19.57 -20.81 13.51
CA ILE A 669 18.20 -21.25 13.77
C ILE A 669 17.69 -20.85 15.15
N TYR A 670 16.55 -20.15 15.17
CA TYR A 670 15.86 -19.82 16.42
C TYR A 670 14.45 -20.38 16.39
N SER A 671 13.58 -19.67 17.08
CA SER A 671 12.14 -19.85 16.97
C SER A 671 11.44 -18.49 17.06
N SER A 672 10.40 -18.31 16.26
CA SER A 672 9.61 -17.08 16.29
C SER A 672 8.12 -17.42 16.38
N ASN A 673 7.41 -16.69 17.25
CA ASN A 673 6.08 -17.07 17.75
C ASN A 673 5.77 -18.57 17.69
N HIS A 674 6.71 -19.36 18.21
CA HIS A 674 6.57 -20.81 18.40
C HIS A 674 6.64 -21.65 17.12
N LYS A 675 7.41 -21.15 16.16
CA LYS A 675 7.87 -21.97 15.03
C LYS A 675 9.30 -21.53 14.84
N LEU A 676 10.06 -22.27 14.04
CA LEU A 676 11.48 -21.95 13.87
C LEU A 676 11.75 -20.83 12.88
N VAL A 677 13.02 -20.43 12.81
CA VAL A 677 13.47 -19.43 11.86
C VAL A 677 14.91 -19.76 11.48
N PHE A 678 15.23 -19.65 10.19
CA PHE A 678 16.60 -19.84 9.71
C PHE A 678 17.13 -18.54 9.12
N SER A 679 17.91 -17.80 9.90
CA SER A 679 18.52 -16.57 9.40
C SER A 679 20.01 -16.77 9.16
N ASN A 680 20.43 -16.69 7.91
CA ASN A 680 21.84 -16.80 7.54
C ASN A 680 22.68 -15.67 8.15
N VAL A 681 24.01 -15.77 8.01
CA VAL A 681 24.90 -14.68 8.38
C VAL A 681 25.63 -14.18 7.11
N ASN A 682 26.22 -12.99 7.14
CA ASN A 682 26.76 -12.41 5.90
C ASN A 682 28.20 -12.82 5.60
N LEU A 683 28.84 -13.48 6.55
CA LEU A 683 30.25 -13.81 6.41
C LEU A 683 30.55 -14.73 5.25
N LYS A 684 31.75 -14.55 4.72
CA LYS A 684 32.30 -15.46 3.73
C LYS A 684 32.39 -16.86 4.31
N GLU A 685 33.49 -17.12 4.99
CA GLU A 685 33.77 -18.48 5.42
C GLU A 685 33.92 -18.63 6.93
N VAL A 686 33.19 -19.59 7.50
CA VAL A 686 33.31 -19.93 8.91
C VAL A 686 33.62 -21.42 9.04
N ASN A 687 34.34 -21.77 10.11
CA ASN A 687 34.90 -23.08 10.30
C ASN A 687 34.65 -23.50 11.71
N TYR A 688 35.39 -22.84 12.58
CA TYR A 688 35.27 -22.99 14.00
C TYR A 688 35.15 -21.59 14.52
N MET A 689 34.38 -21.44 15.58
CA MET A 689 33.99 -20.14 16.07
C MET A 689 33.45 -20.51 17.45
N CYS A 690 33.49 -19.58 18.40
CA CYS A 690 33.14 -19.93 19.78
C CYS A 690 32.57 -18.78 20.63
N PRO A 691 31.60 -19.11 21.52
CA PRO A 691 30.93 -18.04 22.27
C PRO A 691 31.83 -17.47 23.36
N LEU A 692 32.05 -16.16 23.30
CA LEU A 692 32.95 -15.49 24.23
C LEU A 692 32.29 -14.26 24.84
N ASN A 693 31.82 -14.37 26.06
CA ASN A 693 31.22 -13.23 26.75
C ASN A 693 32.15 -12.64 27.82
N SER A 694 33.01 -11.72 27.39
CA SER A 694 33.97 -11.08 28.29
C SER A 694 33.43 -9.80 28.91
N ASP A 695 34.03 -9.36 30.01
CA ASP A 695 33.59 -8.13 30.67
C ASP A 695 34.19 -6.90 29.98
N GLY A 696 35.06 -7.15 29.01
CA GLY A 696 35.53 -6.12 28.11
C GLY A 696 34.92 -6.36 26.75
N TYR A 697 33.90 -7.23 26.73
CA TYR A 697 33.27 -7.68 25.49
C TYR A 697 31.87 -8.23 25.74
N PRO A 698 31.00 -7.48 26.46
CA PRO A 698 29.76 -8.08 26.97
C PRO A 698 28.90 -8.76 25.90
N ASP A 699 28.62 -10.05 26.10
CA ASP A 699 27.82 -10.84 25.17
C ASP A 699 28.33 -10.77 23.73
N SER A 700 29.57 -11.20 23.53
CA SER A 700 30.18 -11.20 22.20
C SER A 700 30.57 -12.61 21.75
N LEU A 701 31.57 -12.70 20.88
CA LEU A 701 31.83 -13.93 20.14
C LEU A 701 33.14 -13.90 19.33
N ALA A 702 33.81 -15.04 19.19
CA ALA A 702 35.08 -15.12 18.48
C ALA A 702 35.07 -16.07 17.31
N LEU A 703 35.49 -15.59 16.15
CA LEU A 703 35.60 -16.45 14.97
C LEU A 703 37.05 -16.77 14.68
N ALA A 704 37.33 -17.99 14.18
CA ALA A 704 38.69 -18.50 14.07
C ALA A 704 39.29 -18.58 12.66
N ASN A 705 38.43 -18.57 11.64
CA ASN A 705 38.75 -18.72 10.20
C ASN A 705 40.02 -19.48 9.72
N ASN A 706 40.03 -19.81 8.44
CA ASN A 706 41.12 -20.55 7.84
C ASN A 706 42.33 -19.67 7.61
N SER A 707 42.10 -18.36 7.56
CA SER A 707 43.14 -17.40 7.22
C SER A 707 43.38 -16.43 8.38
N THR A 708 42.35 -16.20 9.20
CA THR A 708 42.45 -15.24 10.30
C THR A 708 41.45 -15.54 11.41
N LEU A 709 41.48 -14.77 12.49
CA LEU A 709 40.40 -14.81 13.49
C LEU A 709 39.34 -13.78 13.08
N THR A 710 38.39 -13.46 13.96
CA THR A 710 37.44 -12.37 13.66
C THR A 710 37.02 -11.39 14.80
N ILE A 711 36.20 -11.84 15.75
CA ILE A 711 35.72 -11.03 16.93
C ILE A 711 34.95 -9.70 16.71
N GLY A 712 33.74 -9.63 17.28
CA GLY A 712 32.87 -8.45 17.18
C GLY A 712 31.60 -8.48 18.06
N THR A 713 30.68 -7.53 17.84
CA THR A 713 29.55 -7.29 18.77
C THR A 713 28.15 -7.83 18.37
N ILE A 714 27.94 -8.10 17.08
CA ILE A 714 26.63 -8.56 16.53
C ILE A 714 25.49 -7.54 16.58
N ASP A 715 24.72 -7.49 15.49
CA ASP A 715 23.67 -6.49 15.29
C ASP A 715 22.36 -6.84 16.02
N GLU A 716 21.36 -5.97 15.87
CA GLU A 716 20.04 -6.16 16.45
C GLU A 716 19.36 -7.44 15.93
N ILE A 717 18.50 -8.02 16.75
CA ILE A 717 17.86 -9.29 16.42
C ILE A 717 16.56 -9.13 15.61
N GLN A 718 16.66 -9.38 14.30
CA GLN A 718 15.51 -9.29 13.40
C GLN A 718 15.63 -10.30 12.27
N LYS A 719 14.65 -10.30 11.36
CA LYS A 719 14.74 -11.10 10.15
C LYS A 719 15.34 -10.25 9.04
N LEU A 720 14.90 -9.00 8.97
CA LEU A 720 15.41 -8.05 7.98
C LEU A 720 16.23 -6.98 8.69
N HIS A 721 17.45 -6.74 8.22
CA HIS A 721 18.26 -5.66 8.78
C HIS A 721 18.02 -4.36 8.02
N ILE A 722 17.90 -3.26 8.76
CA ILE A 722 17.68 -1.96 8.14
C ILE A 722 18.64 -0.89 8.66
N ARG A 723 19.41 -0.32 7.75
CA ARG A 723 20.27 0.81 8.07
C ARG A 723 19.57 2.09 7.60
N THR A 724 19.71 3.16 8.37
CA THR A 724 19.01 4.41 8.08
C THR A 724 19.93 5.62 8.05
N VAL A 725 19.95 6.31 6.92
CA VAL A 725 20.65 7.60 6.83
C VAL A 725 19.67 8.73 6.56
N PRO A 726 19.31 9.47 7.61
CA PRO A 726 18.36 10.58 7.48
C PRO A 726 18.94 11.67 6.60
N LEU A 727 18.08 12.28 5.77
CA LEU A 727 18.52 13.38 4.93
C LEU A 727 18.02 14.70 5.52
N TYR A 728 16.91 14.62 6.26
CA TYR A 728 16.21 15.78 6.81
C TYR A 728 15.56 16.60 5.71
N GLU A 729 15.30 15.95 4.57
CA GLU A 729 14.60 16.57 3.45
C GLU A 729 14.16 15.48 2.47
N SER A 730 13.20 15.80 1.60
CA SER A 730 12.54 14.78 0.78
C SER A 730 13.40 14.25 -0.35
N PRO A 731 13.67 12.94 -0.34
CA PRO A 731 14.30 12.26 -1.47
C PRO A 731 13.22 11.79 -2.42
N ARG A 732 13.52 11.74 -3.71
CA ARG A 732 12.49 11.47 -4.71
C ARG A 732 12.81 10.30 -5.64
N LYS A 733 14.03 10.27 -6.16
CA LYS A 733 14.45 9.22 -7.07
C LYS A 733 15.83 8.74 -6.69
N ILE A 734 16.15 7.49 -7.01
CA ILE A 734 17.47 6.94 -6.74
C ILE A 734 17.92 6.02 -7.86
N CYS A 735 19.23 5.78 -7.92
CA CYS A 735 19.83 4.84 -8.86
C CYS A 735 21.25 4.55 -8.41
N TYR A 736 21.91 3.61 -9.09
CA TYR A 736 23.25 3.19 -8.69
C TYR A 736 24.31 3.39 -9.77
N GLN A 737 25.44 3.95 -9.37
CA GLN A 737 26.57 4.15 -10.27
C GLN A 737 27.73 3.29 -9.78
N GLU A 738 27.80 2.07 -10.31
CA GLU A 738 28.79 1.10 -9.90
C GLU A 738 30.22 1.63 -10.03
N VAL A 739 30.51 2.29 -11.13
CA VAL A 739 31.86 2.77 -11.42
C VAL A 739 32.26 3.96 -10.55
N SER A 740 31.29 4.58 -9.89
CA SER A 740 31.57 5.68 -8.98
C SER A 740 31.36 5.26 -7.53
N GLN A 741 30.91 4.02 -7.34
CA GLN A 741 30.66 3.45 -6.02
C GLN A 741 29.82 4.37 -5.15
N CYS A 742 28.77 4.94 -5.73
CA CYS A 742 27.95 5.91 -5.02
C CYS A 742 26.58 6.06 -5.67
N PHE A 743 25.67 6.72 -4.96
CA PHE A 743 24.27 6.87 -5.40
C PHE A 743 23.91 8.29 -5.82
N GLY A 744 23.00 8.40 -6.78
CA GLY A 744 22.43 9.68 -7.14
C GLY A 744 21.02 9.78 -6.57
N VAL A 745 20.78 10.81 -5.77
CA VAL A 745 19.47 10.98 -5.15
C VAL A 745 18.88 12.35 -5.44
N LEU A 746 17.84 12.39 -6.26
CA LEU A 746 17.07 13.61 -6.47
C LEU A 746 16.41 13.97 -5.14
N SER A 747 16.61 15.19 -4.69
CA SER A 747 16.06 15.60 -3.38
C SER A 747 15.58 17.04 -3.40
N SER A 748 14.84 17.43 -2.37
CA SER A 748 14.37 18.81 -2.27
C SER A 748 14.17 19.24 -0.83
N ARG A 749 14.29 20.55 -0.60
CA ARG A 749 14.01 21.15 0.71
C ARG A 749 13.11 22.36 0.52
N ILE A 750 12.32 22.68 1.55
CA ILE A 750 11.44 23.85 1.52
C ILE A 750 12.22 25.06 2.01
N GLU A 751 11.86 26.25 1.54
CA GLU A 751 12.80 27.38 1.60
C GLU A 751 12.33 28.68 2.28
N VAL A 752 11.17 29.20 1.90
CA VAL A 752 10.56 30.41 2.51
C VAL A 752 11.34 31.72 2.23
N GLN A 753 10.62 32.82 2.06
CA GLN A 753 11.22 34.11 1.68
C GLN A 753 12.00 34.81 2.81
N ASP A 754 13.12 35.42 2.44
CA ASP A 754 13.98 36.13 3.38
C ASP A 754 13.65 37.63 3.42
N THR A 755 12.75 38.06 2.53
CA THR A 755 12.34 39.46 2.38
C THR A 755 13.46 40.38 1.88
N SER A 756 14.70 39.92 2.04
CA SER A 756 15.89 40.67 1.67
C SER A 756 16.51 40.01 0.45
N GLY A 757 15.71 39.84 -0.60
CA GLY A 757 16.07 38.95 -1.70
C GLY A 757 16.13 37.56 -1.12
N GLY A 758 16.71 36.63 -1.87
CA GLY A 758 17.00 35.29 -1.37
C GLY A 758 15.90 34.59 -0.59
N THR A 759 16.29 33.63 0.24
CA THR A 759 15.34 32.77 0.94
C THR A 759 15.82 32.28 2.31
N THR A 760 17.11 32.44 2.60
CA THR A 760 17.70 32.11 3.91
C THR A 760 17.42 30.73 4.53
N ALA A 761 16.72 29.86 3.79
CA ALA A 761 16.47 28.47 4.21
C ALA A 761 15.71 28.30 5.54
N LEU A 762 15.71 27.09 6.07
CA LEU A 762 14.96 26.78 7.29
C LEU A 762 15.76 26.01 8.35
N ARG A 763 16.40 24.92 7.94
CA ARG A 763 17.20 24.11 8.85
C ARG A 763 18.43 23.59 8.12
N PRO A 764 19.51 23.31 8.87
CA PRO A 764 20.60 22.60 8.22
C PRO A 764 20.15 21.17 7.92
N SER A 765 20.29 20.74 6.68
CA SER A 765 19.83 19.41 6.28
C SER A 765 20.85 18.75 5.38
N ALA A 766 20.37 17.86 4.50
CA ALA A 766 21.22 17.29 3.49
C ALA A 766 21.54 18.39 2.50
N SER A 767 22.24 18.05 1.42
CA SER A 767 22.56 19.04 0.39
C SER A 767 23.41 20.19 0.92
N THR A 768 22.85 20.97 1.84
CA THR A 768 23.54 22.12 2.39
C THR A 768 24.78 21.76 3.19
N GLN A 769 25.04 20.46 3.34
CA GLN A 769 26.19 19.99 4.10
C GLN A 769 27.18 19.23 3.21
N ALA A 770 27.02 19.35 1.90
CA ALA A 770 27.88 18.64 0.96
C ALA A 770 29.33 19.10 1.06
N LEU A 771 30.25 18.23 0.65
CA LEU A 771 31.68 18.52 0.75
C LEU A 771 32.18 19.47 -0.34
N SER A 772 31.46 19.52 -1.45
CA SER A 772 31.88 20.33 -2.58
C SER A 772 30.72 21.14 -3.14
N SER A 773 29.73 20.43 -3.68
CA SER A 773 28.52 21.04 -4.25
C SER A 773 28.74 21.85 -5.53
N SER A 774 27.63 22.18 -6.18
CA SER A 774 27.63 23.01 -7.38
C SER A 774 26.23 23.60 -7.52
N VAL A 775 26.09 24.58 -8.41
CA VAL A 775 24.81 25.26 -8.57
C VAL A 775 24.48 25.45 -10.05
N SER A 776 23.21 25.23 -10.40
CA SER A 776 22.75 25.35 -11.78
C SER A 776 22.99 26.76 -12.32
N SER A 777 23.09 26.87 -13.64
CA SER A 777 23.32 28.14 -14.29
C SER A 777 22.44 28.28 -15.52
N SER A 778 21.63 29.34 -15.55
CA SER A 778 20.79 29.65 -16.71
C SER A 778 21.64 29.74 -17.97
N LYS A 779 21.18 29.32 -19.17
CA LYS A 779 19.79 28.94 -19.57
C LYS A 779 18.86 30.15 -19.77
N LEU A 780 17.77 29.97 -20.54
CA LEU A 780 17.03 31.13 -21.06
C LEU A 780 15.57 31.26 -20.67
N PHE A 781 14.82 30.16 -20.76
CA PHE A 781 13.41 30.06 -20.33
C PHE A 781 12.28 30.27 -21.39
N SER A 782 11.85 31.48 -21.75
CA SER A 782 12.45 32.76 -21.42
C SER A 782 11.67 33.56 -20.36
N SER A 783 12.36 33.86 -19.27
CA SER A 783 11.79 34.63 -18.17
C SER A 783 12.19 36.11 -18.22
N SER A 784 13.06 36.44 -19.15
CA SER A 784 13.58 37.80 -19.24
C SER A 784 12.48 38.81 -19.59
N THR A 785 12.90 40.07 -19.77
CA THR A 785 11.98 41.16 -20.05
C THR A 785 10.88 41.26 -19.01
N ALA A 786 11.26 41.62 -17.79
CA ALA A 786 10.33 41.70 -16.65
C ALA A 786 9.61 40.38 -16.41
N PRO A 787 10.24 39.46 -15.66
CA PRO A 787 9.73 38.14 -15.28
C PRO A 787 8.30 38.21 -14.77
N HIS A 788 8.05 39.17 -13.88
CA HIS A 788 6.71 39.51 -13.43
C HIS A 788 5.91 38.33 -12.86
N GLU A 789 6.42 37.75 -11.79
CA GLU A 789 5.65 36.81 -11.01
C GLU A 789 5.26 37.52 -9.72
N THR A 790 5.79 37.05 -8.60
CA THR A 790 5.72 37.72 -7.30
C THR A 790 6.53 36.93 -6.28
N SER A 791 6.39 37.31 -5.02
CA SER A 791 6.91 36.51 -3.92
C SER A 791 5.73 35.78 -3.29
N PHE A 792 4.52 36.18 -3.71
CA PHE A 792 3.29 35.55 -3.24
C PHE A 792 3.30 34.06 -3.54
N GLY A 793 2.54 33.30 -2.76
CA GLY A 793 2.67 31.85 -2.80
C GLY A 793 3.99 31.51 -2.13
N GLU A 794 4.10 31.89 -0.86
CA GLU A 794 5.31 31.67 -0.08
C GLU A 794 5.61 30.17 0.07
N GLU A 795 6.71 29.85 0.73
CA GLU A 795 7.22 28.49 0.85
C GLU A 795 7.66 28.03 -0.52
N VAL A 796 8.96 27.83 -0.69
CA VAL A 796 9.50 27.46 -1.98
C VAL A 796 10.31 26.16 -1.88
N GLU A 797 10.23 25.33 -2.92
CA GLU A 797 10.97 24.08 -2.96
C GLU A 797 12.21 24.21 -3.84
N VAL A 798 13.36 23.86 -3.27
CA VAL A 798 14.61 23.84 -4.00
C VAL A 798 15.00 22.40 -4.26
N HIS A 799 15.11 22.02 -5.53
CA HIS A 799 15.44 20.64 -5.86
C HIS A 799 16.95 20.41 -6.03
N ASN A 800 17.38 19.23 -5.65
CA ASN A 800 18.80 18.89 -5.65
C ASN A 800 19.07 17.49 -6.16
N LEU A 801 20.28 17.29 -6.69
CA LEU A 801 20.82 15.95 -6.91
C LEU A 801 21.91 15.71 -5.88
N LEU A 802 21.89 14.54 -5.25
CA LEU A 802 22.89 14.24 -4.23
C LEU A 802 23.75 13.02 -4.59
N ILE A 803 25.06 13.17 -4.45
CA ILE A 803 25.97 12.07 -4.68
C ILE A 803 26.38 11.51 -3.34
N ILE A 804 26.05 10.23 -3.12
CA ILE A 804 26.18 9.61 -1.80
C ILE A 804 27.03 8.35 -1.84
N ASP A 805 28.10 8.34 -1.04
CA ASP A 805 29.01 7.20 -0.98
C ASP A 805 28.29 5.92 -0.58
N GLN A 806 28.61 4.81 -1.24
CA GLN A 806 27.91 3.56 -1.00
C GLN A 806 28.33 2.86 0.29
N HIS A 807 29.42 3.32 0.89
CA HIS A 807 29.93 2.72 2.10
C HIS A 807 29.71 3.60 3.33
N THR A 808 30.26 4.81 3.29
CA THR A 808 30.14 5.73 4.42
C THR A 808 28.79 6.43 4.44
N PHE A 809 28.12 6.44 3.29
CA PHE A 809 26.85 7.17 3.12
C PHE A 809 26.95 8.63 3.51
N GLU A 810 28.15 9.19 3.34
CA GLU A 810 28.35 10.62 3.50
C GLU A 810 27.98 11.29 2.19
N VAL A 811 27.39 12.47 2.27
CA VAL A 811 26.97 13.20 1.07
C VAL A 811 28.19 13.79 0.38
N LEU A 812 28.56 13.19 -0.75
CA LEU A 812 29.74 13.62 -1.50
C LEU A 812 29.49 14.95 -2.21
N HIS A 813 28.51 14.96 -3.10
CA HIS A 813 28.24 16.15 -3.88
C HIS A 813 26.75 16.51 -3.90
N ALA A 814 26.47 17.81 -3.89
CA ALA A 814 25.10 18.30 -4.02
C ALA A 814 24.98 19.31 -5.15
N HIS A 815 24.12 19.01 -6.12
CA HIS A 815 23.86 19.95 -7.22
C HIS A 815 22.47 20.54 -7.07
N GLN A 816 22.40 21.86 -7.06
CA GLN A 816 21.12 22.56 -6.95
C GLN A 816 20.59 22.89 -8.33
N PHE A 817 19.28 22.67 -8.55
CA PHE A 817 18.67 22.93 -9.84
C PHE A 817 18.16 24.37 -9.98
N LEU A 818 17.53 24.66 -11.11
CA LEU A 818 17.10 26.02 -11.40
C LEU A 818 15.98 26.48 -10.48
N GLN A 819 15.90 27.78 -10.26
CA GLN A 819 14.81 28.37 -9.49
C GLN A 819 13.47 28.03 -10.15
N ASN A 820 12.59 27.41 -9.37
CA ASN A 820 11.26 26.95 -9.82
C ASN A 820 11.28 25.70 -10.70
N GLU A 821 12.32 24.88 -10.56
CA GLU A 821 12.41 23.64 -11.33
C GLU A 821 12.08 22.39 -10.50
N TYR A 822 11.42 21.43 -11.12
CA TYR A 822 11.06 20.18 -10.46
C TYR A 822 11.83 19.03 -11.08
N ALA A 823 12.55 18.27 -10.27
CA ALA A 823 13.28 17.10 -10.76
C ALA A 823 12.38 15.87 -10.69
N LEU A 824 12.16 15.22 -11.83
CA LEU A 824 11.18 14.14 -11.91
C LEU A 824 11.79 12.77 -12.15
N SER A 825 12.71 12.69 -13.09
CA SER A 825 13.29 11.39 -13.46
C SER A 825 14.82 11.39 -13.36
N LEU A 826 15.39 10.19 -13.29
CA LEU A 826 16.83 10.03 -13.11
C LEU A 826 17.26 8.64 -13.56
N VAL A 827 18.36 8.59 -14.32
CA VAL A 827 18.93 7.33 -14.78
C VAL A 827 20.45 7.36 -14.61
N SER A 828 21.03 6.20 -14.35
CA SER A 828 22.47 6.01 -14.39
C SER A 828 22.77 5.05 -15.52
N CYS A 829 23.55 5.50 -16.50
CA CYS A 829 23.88 4.67 -17.67
C CYS A 829 24.96 5.29 -18.53
N LYS A 830 25.49 4.49 -19.45
CA LYS A 830 26.39 4.97 -20.50
C LYS A 830 25.70 4.78 -21.85
N LEU A 831 26.10 5.55 -22.85
CA LEU A 831 25.41 5.53 -24.13
C LEU A 831 26.36 5.59 -25.33
N GLY A 832 25.93 5.01 -26.46
CA GLY A 832 26.70 5.03 -27.69
C GLY A 832 28.04 4.32 -27.58
N LYS A 833 29.01 4.80 -28.37
CA LYS A 833 30.37 4.28 -28.30
C LYS A 833 31.16 5.07 -27.26
N ASP A 834 30.43 5.60 -26.27
CA ASP A 834 31.01 6.46 -25.25
C ASP A 834 31.14 5.68 -23.92
N PRO A 835 32.39 5.48 -23.47
CA PRO A 835 32.69 4.64 -22.32
C PRO A 835 32.32 5.26 -20.96
N ASN A 836 31.98 6.55 -20.96
CA ASN A 836 31.63 7.21 -19.72
C ASN A 836 30.23 6.86 -19.25
N THR A 837 30.09 6.52 -17.98
CA THR A 837 28.78 6.25 -17.39
C THR A 837 28.24 7.55 -16.81
N TYR A 838 27.01 7.90 -17.17
CA TYR A 838 26.45 9.21 -16.82
C TYR A 838 25.28 9.17 -15.83
N PHE A 839 25.00 10.34 -15.26
CA PHE A 839 23.84 10.56 -14.43
C PHE A 839 22.89 11.49 -15.19
N ILE A 840 21.84 10.93 -15.77
CA ILE A 840 20.87 11.74 -16.49
C ILE A 840 19.62 12.01 -15.65
N VAL A 841 19.25 13.28 -15.52
CA VAL A 841 18.03 13.65 -14.80
C VAL A 841 17.09 14.49 -15.67
N GLY A 842 15.84 14.05 -15.75
CA GLY A 842 14.81 14.79 -16.45
C GLY A 842 14.01 15.64 -15.47
N THR A 843 13.66 16.84 -15.89
CA THR A 843 13.02 17.78 -14.98
C THR A 843 11.76 18.44 -15.56
N ALA A 844 11.20 19.37 -14.79
CA ALA A 844 10.05 20.13 -15.24
C ALA A 844 10.05 21.49 -14.54
N MET A 845 9.69 22.54 -15.27
CA MET A 845 9.64 23.88 -14.71
C MET A 845 8.25 24.06 -14.10
N VAL A 846 8.14 24.48 -12.85
CA VAL A 846 6.84 24.63 -12.26
C VAL A 846 6.59 25.98 -11.64
N TYR A 847 5.66 26.69 -12.25
CA TYR A 847 5.40 28.09 -11.97
C TYR A 847 4.06 28.21 -11.30
N PRO A 848 3.91 29.22 -10.46
CA PRO A 848 2.57 29.56 -10.01
C PRO A 848 1.56 29.69 -11.14
N GLU A 849 1.77 30.64 -12.03
CA GLU A 849 0.79 30.97 -13.08
C GLU A 849 0.27 29.80 -13.94
N GLU A 850 1.06 28.73 -14.03
CA GLU A 850 0.70 27.57 -14.87
C GLU A 850 0.38 26.28 -14.12
N ALA A 851 -0.74 25.65 -14.49
CA ALA A 851 -1.14 24.37 -13.91
C ALA A 851 -0.44 23.20 -14.60
N GLU A 852 -0.25 23.30 -15.91
CA GLU A 852 0.47 22.28 -16.66
C GLU A 852 1.84 22.79 -17.06
N PRO A 853 2.90 22.04 -16.74
CA PRO A 853 4.25 22.46 -17.11
C PRO A 853 4.41 22.42 -18.61
N LYS A 854 5.11 23.40 -19.17
CA LYS A 854 5.32 23.42 -20.61
C LYS A 854 6.80 23.31 -20.97
N GLN A 855 7.67 23.44 -19.97
CA GLN A 855 9.10 23.39 -20.20
C GLN A 855 9.83 22.56 -19.14
N GLY A 856 10.77 21.73 -19.58
CA GLY A 856 11.58 20.94 -18.69
C GLY A 856 12.98 20.79 -19.24
N ARG A 857 13.81 19.98 -18.59
CA ARG A 857 15.17 19.75 -19.08
C ARG A 857 15.63 18.31 -18.89
N ILE A 858 16.33 17.80 -19.89
CA ILE A 858 17.03 16.54 -19.78
C ILE A 858 18.52 16.83 -19.67
N VAL A 859 19.03 16.90 -18.44
CA VAL A 859 20.43 17.24 -18.21
C VAL A 859 21.31 16.04 -17.85
N VAL A 860 22.47 15.95 -18.51
CA VAL A 860 23.42 14.86 -18.31
C VAL A 860 24.58 15.31 -17.39
N PHE A 861 24.92 14.46 -16.41
CA PHE A 861 26.03 14.73 -15.52
C PHE A 861 27.03 13.59 -15.59
N GLN A 862 28.29 13.90 -15.34
CA GLN A 862 29.30 12.86 -15.14
C GLN A 862 30.08 13.19 -13.87
N TYR A 863 30.33 12.17 -13.07
CA TYR A 863 30.96 12.37 -11.77
C TYR A 863 32.42 11.95 -11.77
N SER A 864 33.29 12.88 -11.38
CA SER A 864 34.70 12.60 -11.19
C SER A 864 35.20 13.49 -10.07
N ASP A 865 35.94 12.91 -9.13
CA ASP A 865 36.46 13.61 -7.95
C ASP A 865 35.58 14.75 -7.42
N GLY A 866 34.48 14.37 -6.77
CA GLY A 866 33.61 15.29 -6.07
C GLY A 866 33.19 16.61 -6.71
N LYS A 867 33.51 16.83 -7.98
CA LYS A 867 33.16 18.11 -8.59
C LYS A 867 31.86 18.07 -9.39
N LEU A 868 31.54 16.90 -9.95
CA LEU A 868 30.31 16.72 -10.73
C LEU A 868 30.14 17.77 -11.82
N GLN A 869 30.77 17.53 -12.96
CA GLN A 869 30.68 18.44 -14.10
C GLN A 869 29.46 18.12 -14.95
N THR A 870 28.96 19.13 -15.66
CA THR A 870 27.80 18.95 -16.52
C THR A 870 28.22 18.82 -17.99
N VAL A 871 27.42 18.11 -18.78
CA VAL A 871 27.73 17.91 -20.19
C VAL A 871 26.62 18.41 -21.11
N ALA A 872 25.61 17.56 -21.30
CA ALA A 872 24.56 17.82 -22.28
C ALA A 872 23.78 19.10 -22.02
N GLU A 873 22.86 19.06 -21.04
CA GLU A 873 21.94 20.17 -20.80
C GLU A 873 21.10 20.40 -22.05
N LYS A 874 19.93 19.81 -22.09
CA LYS A 874 19.05 20.01 -23.24
C LYS A 874 17.61 20.29 -22.87
N GLU A 875 17.10 21.43 -23.34
CA GLU A 875 15.76 21.90 -23.03
C GLU A 875 14.71 21.27 -23.93
N VAL A 876 13.52 21.04 -23.38
CA VAL A 876 12.40 20.48 -24.13
C VAL A 876 11.12 21.22 -23.81
N LYS A 877 10.11 21.10 -24.67
CA LYS A 877 8.83 21.74 -24.39
C LYS A 877 7.85 20.77 -23.74
N GLY A 878 7.89 20.72 -22.42
CA GLY A 878 7.07 19.80 -21.67
C GLY A 878 7.80 19.26 -20.45
N ALA A 879 7.10 18.47 -19.65
CA ALA A 879 7.67 17.91 -18.44
C ALA A 879 8.13 16.49 -18.71
N VAL A 880 9.41 16.22 -18.51
CA VAL A 880 9.91 14.86 -18.64
C VAL A 880 9.59 14.03 -17.37
N TYR A 881 8.55 13.19 -17.50
CA TYR A 881 8.06 12.40 -16.39
C TYR A 881 8.92 11.16 -16.14
N SER A 882 9.26 10.47 -17.22
CA SER A 882 9.96 9.20 -17.11
C SER A 882 11.10 9.13 -18.10
N MET A 883 12.17 8.44 -17.71
CA MET A 883 13.26 8.14 -18.62
C MET A 883 13.99 6.86 -18.21
N VAL A 884 14.50 6.11 -19.18
CA VAL A 884 15.09 4.80 -18.93
C VAL A 884 16.07 4.41 -20.04
N GLU A 885 17.21 3.82 -19.64
CA GLU A 885 18.23 3.36 -20.59
C GLU A 885 17.66 2.34 -21.58
N PHE A 886 17.97 2.52 -22.85
CA PHE A 886 17.38 1.68 -23.89
C PHE A 886 18.34 1.35 -25.01
N ASN A 887 19.05 0.23 -24.87
CA ASN A 887 19.96 -0.25 -25.90
C ASN A 887 21.05 0.75 -26.24
N GLY A 888 21.74 1.24 -25.22
CA GLY A 888 22.76 2.25 -25.40
C GLY A 888 22.13 3.59 -25.71
N LYS A 889 20.81 3.65 -25.68
CA LYS A 889 20.09 4.89 -25.93
C LYS A 889 19.25 5.34 -24.75
N LEU A 890 18.84 6.61 -24.76
CA LEU A 890 18.01 7.16 -23.72
C LEU A 890 16.56 7.35 -24.19
N LEU A 891 15.63 6.62 -23.58
CA LEU A 891 14.22 6.76 -23.91
C LEU A 891 13.51 7.61 -22.87
N ALA A 892 12.74 8.59 -23.32
CA ALA A 892 12.15 9.55 -22.40
C ALA A 892 10.70 9.89 -22.69
N SER A 893 9.99 10.28 -21.64
CA SER A 893 8.57 10.64 -21.72
C SER A 893 8.39 12.12 -21.38
N ILE A 894 8.06 12.93 -22.37
CA ILE A 894 7.83 14.35 -22.15
C ILE A 894 6.36 14.71 -22.33
N ASN A 895 5.67 14.93 -21.22
CA ASN A 895 4.23 15.19 -21.22
C ASN A 895 3.43 14.10 -21.93
N SER A 896 2.91 14.43 -23.10
CA SER A 896 2.11 13.47 -23.87
C SER A 896 2.92 12.77 -24.96
N THR A 897 4.23 13.05 -25.00
CA THR A 897 5.09 12.53 -26.05
C THR A 897 6.06 11.47 -25.52
N VAL A 898 6.29 10.43 -26.31
CA VAL A 898 7.29 9.42 -26.00
C VAL A 898 8.42 9.52 -27.01
N ARG A 899 9.48 10.20 -26.62
CA ARG A 899 10.59 10.49 -27.54
C ARG A 899 11.81 9.63 -27.25
N LEU A 900 12.40 9.04 -28.29
CA LEU A 900 13.63 8.26 -28.13
C LEU A 900 14.88 9.01 -28.58
N TYR A 901 15.71 9.38 -27.62
CA TYR A 901 16.96 10.09 -27.90
C TYR A 901 18.14 9.16 -28.18
N GLU A 902 19.06 9.65 -28.99
CA GLU A 902 20.28 8.93 -29.34
C GLU A 902 21.46 9.78 -28.87
N TRP A 903 22.46 9.13 -28.28
CA TRP A 903 23.63 9.83 -27.75
C TRP A 903 24.78 9.73 -28.75
N THR A 904 25.20 10.89 -29.25
CA THR A 904 26.18 10.96 -30.34
C THR A 904 27.57 11.38 -29.86
N THR A 905 28.55 11.26 -30.74
CA THR A 905 29.96 11.42 -30.37
C THR A 905 30.37 12.85 -30.04
N GLU A 906 29.53 13.82 -30.38
CA GLU A 906 29.83 15.20 -30.03
C GLU A 906 29.22 15.56 -28.68
N LYS A 907 28.81 14.53 -27.95
CA LYS A 907 28.22 14.66 -26.61
C LYS A 907 27.00 15.57 -26.59
N GLU A 908 26.04 15.29 -27.47
CA GLU A 908 24.80 16.03 -27.50
C GLU A 908 23.64 15.06 -27.64
N LEU A 909 22.45 15.50 -27.21
CA LEU A 909 21.28 14.64 -27.29
C LEU A 909 20.52 14.84 -28.59
N ARG A 910 20.24 13.75 -29.28
CA ARG A 910 19.62 13.80 -30.59
C ARG A 910 18.32 13.00 -30.60
N THR A 911 17.23 13.62 -31.03
CA THR A 911 15.93 12.94 -31.05
C THR A 911 15.71 12.11 -32.30
N GLU A 912 15.71 10.79 -32.14
CA GLU A 912 15.54 9.88 -33.26
C GLU A 912 14.10 9.85 -33.77
N CYS A 913 13.18 9.42 -32.92
CA CYS A 913 11.79 9.28 -33.33
C CYS A 913 10.81 9.71 -32.25
N ASN A 914 9.52 9.69 -32.60
CA ASN A 914 8.49 10.17 -31.69
C ASN A 914 7.27 9.26 -31.62
N HIS A 915 6.58 9.30 -30.49
CA HIS A 915 5.24 8.73 -30.36
C HIS A 915 4.34 9.79 -29.74
N TYR A 916 3.37 10.28 -30.50
CA TYR A 916 2.60 11.45 -30.10
C TYR A 916 1.26 11.11 -29.45
N ASN A 917 0.84 9.86 -29.56
CA ASN A 917 -0.51 9.49 -29.12
C ASN A 917 -0.61 9.13 -27.63
N ASN A 918 -0.58 10.16 -26.78
CA ASN A 918 -0.81 9.98 -25.34
C ASN A 918 -1.48 11.23 -24.75
N ILE A 919 -2.16 11.07 -23.62
CA ILE A 919 -2.67 12.23 -22.89
C ILE A 919 -1.57 12.78 -21.98
N MET A 920 -1.06 11.91 -21.11
CA MET A 920 0.15 12.20 -20.33
C MET A 920 0.84 10.90 -19.92
N ALA A 921 2.07 10.72 -20.36
CA ALA A 921 2.80 9.48 -20.14
C ALA A 921 3.76 9.62 -18.96
N LEU A 922 3.50 8.90 -17.88
CA LEU A 922 4.27 9.07 -16.65
C LEU A 922 5.21 7.90 -16.35
N TYR A 923 4.87 6.72 -16.83
CA TYR A 923 5.64 5.54 -16.48
C TYR A 923 6.17 4.79 -17.71
N LEU A 924 7.49 4.68 -17.80
CA LEU A 924 8.13 3.97 -18.91
C LEU A 924 8.90 2.73 -18.45
N LYS A 925 8.58 1.58 -19.05
CA LYS A 925 9.32 0.36 -18.77
C LYS A 925 9.69 -0.34 -20.07
N THR A 926 10.83 -1.01 -20.08
CA THR A 926 11.38 -1.57 -21.31
C THR A 926 11.93 -2.97 -21.15
N LYS A 927 11.71 -3.80 -22.16
CA LYS A 927 12.36 -5.10 -22.26
C LYS A 927 12.71 -5.38 -23.72
N GLY A 928 14.00 -5.44 -24.02
CA GLY A 928 14.45 -5.71 -25.38
C GLY A 928 14.13 -4.56 -26.32
N ASP A 929 13.36 -4.84 -27.37
CA ASP A 929 12.92 -3.80 -28.28
C ASP A 929 11.51 -3.31 -27.90
N PHE A 930 10.88 -3.98 -26.95
CA PHE A 930 9.53 -3.64 -26.52
C PHE A 930 9.51 -2.51 -25.48
N ILE A 931 8.41 -1.76 -25.47
CA ILE A 931 8.24 -0.64 -24.54
C ILE A 931 6.85 -0.63 -23.90
N LEU A 932 6.80 -0.57 -22.57
CA LEU A 932 5.52 -0.49 -21.87
C LEU A 932 5.28 0.92 -21.32
N VAL A 933 4.27 1.58 -21.87
CA VAL A 933 3.96 2.96 -21.48
C VAL A 933 2.75 3.04 -20.56
N GLY A 934 2.94 3.68 -19.41
CA GLY A 934 1.85 3.88 -18.47
C GLY A 934 1.28 5.28 -18.54
N ASP A 935 -0.03 5.39 -18.70
CA ASP A 935 -0.67 6.69 -18.83
C ASP A 935 -1.64 6.88 -17.70
N LEU A 936 -1.63 8.06 -17.11
CA LEU A 936 -2.58 8.36 -16.04
C LEU A 936 -4.00 8.31 -16.54
N MET A 937 -4.21 8.55 -17.83
CA MET A 937 -5.56 8.62 -18.37
C MET A 937 -5.93 7.40 -19.21
N ARG A 938 -5.34 7.29 -20.39
CA ARG A 938 -5.74 6.27 -21.36
C ARG A 938 -5.06 4.90 -21.18
N SER A 939 -4.78 4.52 -19.94
CA SER A 939 -4.30 3.17 -19.62
C SER A 939 -2.92 2.81 -20.19
N VAL A 940 -2.71 1.52 -20.43
CA VAL A 940 -1.40 0.99 -20.79
C VAL A 940 -1.20 0.87 -22.30
N LEU A 941 0.04 0.98 -22.73
CA LEU A 941 0.38 0.96 -24.15
C LEU A 941 1.69 0.21 -24.40
N LEU A 942 1.70 -0.66 -25.41
CA LEU A 942 2.89 -1.43 -25.73
C LEU A 942 3.47 -1.05 -27.08
N LEU A 943 4.61 -0.37 -27.05
CA LEU A 943 5.35 -0.04 -28.25
C LEU A 943 6.50 -1.01 -28.45
N ALA A 944 7.02 -1.08 -29.66
CA ALA A 944 8.29 -1.76 -29.88
C ALA A 944 9.18 -0.84 -30.68
N TYR A 945 10.30 -1.36 -31.16
CA TYR A 945 11.20 -0.52 -31.92
C TYR A 945 11.71 -1.22 -33.20
N LYS A 946 12.17 -0.39 -34.12
CA LYS A 946 12.44 -0.76 -35.48
C LYS A 946 13.88 -0.42 -35.80
N PRO A 947 14.76 -1.42 -35.78
CA PRO A 947 16.19 -1.15 -36.04
C PRO A 947 16.57 -0.43 -37.34
N MET A 948 15.73 -0.46 -38.38
CA MET A 948 16.04 0.18 -39.66
C MET A 948 14.82 0.86 -40.29
N GLU A 949 14.09 1.60 -39.48
CA GLU A 949 12.86 2.31 -39.87
C GLU A 949 12.89 3.49 -38.92
N GLY A 950 13.22 3.18 -37.67
CA GLY A 950 13.37 4.16 -36.63
C GLY A 950 12.06 4.48 -35.93
N ASN A 951 10.96 4.41 -36.67
CA ASN A 951 9.67 4.88 -36.17
C ASN A 951 9.08 4.07 -35.03
N PHE A 952 7.85 4.40 -34.63
CA PHE A 952 7.18 3.72 -33.54
C PHE A 952 5.83 3.17 -33.98
N GLU A 953 5.83 1.92 -34.42
CA GLU A 953 4.62 1.13 -34.51
C GLU A 953 3.93 1.02 -33.15
N GLU A 954 2.60 0.88 -33.14
CA GLU A 954 1.86 0.68 -31.90
C GLU A 954 1.25 -0.71 -31.91
N ILE A 955 1.92 -1.64 -31.25
CA ILE A 955 1.56 -3.06 -31.30
C ILE A 955 0.17 -3.37 -30.75
N ALA A 956 -0.06 -3.05 -29.47
CA ALA A 956 -1.38 -3.23 -28.87
C ALA A 956 -1.63 -2.28 -27.71
N ARG A 957 -2.84 -2.29 -27.19
CA ARG A 957 -3.23 -1.41 -26.10
C ARG A 957 -4.35 -2.01 -25.26
N ASP A 958 -4.34 -1.75 -23.97
CA ASP A 958 -5.46 -2.12 -23.11
C ASP A 958 -6.59 -1.09 -23.24
N PHE A 959 -7.79 -1.58 -23.51
CA PHE A 959 -8.90 -0.71 -23.80
C PHE A 959 -9.61 -0.25 -22.53
N ASN A 960 -9.27 -0.85 -21.40
CA ASN A 960 -9.92 -0.53 -20.13
C ASN A 960 -9.19 0.55 -19.33
N PRO A 961 -9.88 1.66 -19.04
CA PRO A 961 -9.28 2.83 -18.38
C PRO A 961 -8.84 2.56 -16.94
N ASN A 962 -7.59 2.91 -16.62
CA ASN A 962 -7.01 2.71 -15.30
C ASN A 962 -6.10 3.87 -14.89
N TRP A 963 -6.36 4.47 -13.73
CA TRP A 963 -5.46 5.50 -13.20
C TRP A 963 -4.29 4.86 -12.46
N MET A 964 -3.16 4.71 -13.18
CA MET A 964 -2.01 3.94 -12.69
C MET A 964 -1.02 4.68 -11.79
N SER A 965 -0.43 3.95 -10.85
CA SER A 965 0.56 4.50 -9.92
C SER A 965 1.95 4.00 -10.24
N ALA A 966 2.02 2.80 -10.83
CA ALA A 966 3.30 2.22 -11.23
C ALA A 966 3.07 1.08 -12.20
N VAL A 967 4.09 0.78 -13.01
CA VAL A 967 3.94 -0.20 -14.09
C VAL A 967 5.22 -1.05 -14.22
N GLU A 968 5.08 -2.26 -14.75
CA GLU A 968 6.22 -3.19 -14.85
C GLU A 968 6.01 -4.31 -15.87
N ILE A 969 7.12 -4.81 -16.40
CA ILE A 969 7.10 -5.91 -17.36
C ILE A 969 7.56 -7.23 -16.73
N LEU A 970 6.65 -8.19 -16.67
CA LEU A 970 6.95 -9.49 -16.10
C LEU A 970 7.71 -10.34 -17.11
N ASP A 971 7.21 -10.36 -18.34
CA ASP A 971 7.95 -10.96 -19.44
C ASP A 971 7.47 -10.36 -20.76
N ASP A 972 7.88 -10.97 -21.87
CA ASP A 972 7.56 -10.46 -23.20
C ASP A 972 6.06 -10.28 -23.46
N ASP A 973 5.23 -11.11 -22.83
CA ASP A 973 3.80 -11.07 -23.12
C ASP A 973 2.90 -10.69 -21.94
N ASN A 974 3.47 -10.52 -20.75
CA ASN A 974 2.67 -10.14 -19.60
C ASN A 974 3.10 -8.79 -19.05
N PHE A 975 2.13 -7.99 -18.61
CA PHE A 975 2.42 -6.63 -18.13
C PHE A 975 1.68 -6.30 -16.83
N LEU A 976 2.44 -5.94 -15.80
CA LEU A 976 1.88 -5.69 -14.47
C LEU A 976 1.62 -4.22 -14.19
N GLY A 977 0.46 -3.93 -13.61
CA GLY A 977 0.09 -2.56 -13.32
C GLY A 977 -0.50 -2.39 -11.93
N ALA A 978 -0.25 -1.22 -11.34
CA ALA A 978 -0.84 -0.86 -10.05
C ALA A 978 -1.79 0.33 -10.24
N GLU A 979 -2.89 0.33 -9.52
CA GLU A 979 -3.96 1.30 -9.74
C GLU A 979 -4.32 2.08 -8.46
N ASN A 980 -5.02 3.20 -8.64
CA ASN A 980 -5.26 4.16 -7.56
C ASN A 980 -6.17 3.67 -6.44
N ALA A 981 -6.86 2.56 -6.66
CA ALA A 981 -7.76 2.03 -5.65
C ALA A 981 -7.14 0.82 -4.95
N PHE A 982 -5.80 0.78 -4.97
CA PHE A 982 -5.03 -0.30 -4.33
C PHE A 982 -5.23 -1.64 -5.02
N ASN A 983 -5.45 -1.61 -6.34
CA ASN A 983 -5.65 -2.85 -7.10
C ASN A 983 -4.47 -3.20 -8.00
N LEU A 984 -4.32 -4.49 -8.29
CA LEU A 984 -3.31 -4.95 -9.23
C LEU A 984 -4.00 -5.57 -10.44
N PHE A 985 -3.43 -5.37 -11.62
CA PHE A 985 -3.96 -5.98 -12.83
C PHE A 985 -2.83 -6.33 -13.79
N VAL A 986 -3.07 -7.34 -14.63
CA VAL A 986 -2.08 -7.76 -15.61
C VAL A 986 -2.70 -7.82 -17.00
N CYS A 987 -1.98 -7.30 -18.00
CA CYS A 987 -2.41 -7.35 -19.39
C CYS A 987 -1.53 -8.28 -20.21
N GLN A 988 -2.09 -8.84 -21.29
CA GLN A 988 -1.32 -9.71 -22.16
C GLN A 988 -1.53 -9.39 -23.65
N LYS A 989 -0.46 -9.48 -24.43
CA LYS A 989 -0.58 -9.48 -25.88
C LYS A 989 -1.11 -10.83 -26.30
N ASP A 990 -2.08 -10.85 -27.21
CA ASP A 990 -2.69 -12.10 -27.64
C ASP A 990 -1.71 -12.94 -28.43
N SER A 991 -1.37 -14.11 -27.89
CA SER A 991 -0.40 -15.00 -28.54
C SER A 991 -0.96 -15.55 -29.84
N ALA A 992 -2.28 -15.62 -29.93
CA ALA A 992 -2.95 -16.10 -31.13
C ALA A 992 -2.85 -15.08 -32.26
N ALA A 993 -2.22 -15.50 -33.37
CA ALA A 993 -2.06 -14.62 -34.52
C ALA A 993 -3.40 -14.14 -35.05
N THR A 994 -4.15 -15.07 -35.65
CA THR A 994 -5.50 -14.83 -36.21
C THR A 994 -5.65 -13.49 -36.98
N THR A 995 -6.59 -12.65 -36.58
CA THR A 995 -6.80 -11.34 -37.21
C THR A 995 -5.75 -10.32 -36.77
N ASP A 996 -6.04 -9.04 -37.04
CA ASP A 996 -5.26 -7.94 -36.48
C ASP A 996 -5.93 -7.43 -35.21
N GLU A 997 -7.26 -7.44 -35.23
CA GLU A 997 -8.09 -6.89 -34.16
C GLU A 997 -7.77 -7.44 -32.77
N GLU A 998 -7.66 -8.76 -32.66
CA GLU A 998 -7.37 -9.38 -31.39
C GLU A 998 -5.92 -9.16 -30.98
N ARG A 999 -5.02 -9.15 -31.97
CA ARG A 999 -3.62 -8.94 -31.67
C ARG A 999 -3.27 -7.46 -31.43
N GLN A 1000 -4.28 -6.60 -31.49
CA GLN A 1000 -4.11 -5.20 -31.13
C GLN A 1000 -4.77 -4.90 -29.79
N HIS A 1001 -5.22 -5.94 -29.10
CA HIS A 1001 -5.95 -5.79 -27.85
C HIS A 1001 -5.26 -6.54 -26.72
N LEU A 1002 -4.68 -5.81 -25.78
CA LEU A 1002 -4.16 -6.41 -24.56
C LEU A 1002 -5.36 -6.78 -23.69
N GLN A 1003 -5.35 -7.99 -23.15
CA GLN A 1003 -6.50 -8.47 -22.36
C GLN A 1003 -6.17 -8.54 -20.88
N GLU A 1004 -7.04 -7.95 -20.05
CA GLU A 1004 -6.85 -7.96 -18.61
C GLU A 1004 -7.12 -9.35 -18.03
N VAL A 1005 -6.06 -10.10 -17.79
CA VAL A 1005 -6.19 -11.49 -17.35
C VAL A 1005 -5.95 -11.69 -15.85
N GLY A 1006 -5.40 -10.68 -15.20
CA GLY A 1006 -5.17 -10.73 -13.77
C GLY A 1006 -5.80 -9.55 -13.04
N LEU A 1007 -6.37 -9.82 -11.88
CA LEU A 1007 -6.95 -8.78 -11.02
C LEU A 1007 -6.77 -9.21 -9.56
N PHE A 1008 -6.54 -8.25 -8.67
CA PHE A 1008 -6.18 -8.54 -7.29
C PHE A 1008 -6.14 -7.27 -6.48
N HIS A 1009 -6.82 -7.26 -5.34
CA HIS A 1009 -6.82 -6.10 -4.46
C HIS A 1009 -5.65 -6.18 -3.49
N LEU A 1010 -4.73 -5.23 -3.59
CA LEU A 1010 -3.51 -5.28 -2.78
C LEU A 1010 -3.70 -4.66 -1.41
N GLY A 1011 -4.61 -3.68 -1.33
CA GLY A 1011 -4.86 -2.97 -0.09
C GLY A 1011 -3.83 -1.91 0.14
N GLU A 1012 -2.91 -1.77 -0.81
CA GLU A 1012 -1.86 -0.77 -0.71
C GLU A 1012 -1.58 -0.04 -2.01
N PHE A 1013 -0.97 1.14 -1.89
CA PHE A 1013 -0.66 1.98 -3.03
C PHE A 1013 0.79 1.79 -3.43
N VAL A 1014 1.01 1.11 -4.54
CA VAL A 1014 2.36 0.82 -5.02
C VAL A 1014 3.01 1.98 -5.76
N ASN A 1015 4.17 2.42 -5.26
CA ASN A 1015 4.86 3.56 -5.84
C ASN A 1015 5.92 3.20 -6.88
N VAL A 1016 6.50 2.01 -6.78
CA VAL A 1016 7.62 1.64 -7.64
C VAL A 1016 7.81 0.12 -7.74
N PHE A 1017 8.04 -0.36 -8.95
CA PHE A 1017 8.39 -1.76 -9.17
C PHE A 1017 9.86 -1.88 -9.53
N CYS A 1018 10.51 -2.95 -9.06
CA CYS A 1018 11.86 -3.30 -9.50
C CYS A 1018 12.09 -4.79 -9.48
N HIS A 1019 12.83 -5.28 -10.49
CA HIS A 1019 13.21 -6.68 -10.56
C HIS A 1019 14.41 -6.96 -9.69
N GLY A 1020 14.42 -8.11 -9.02
CA GLY A 1020 15.53 -8.46 -8.16
C GLY A 1020 15.08 -9.30 -6.99
N SER A 1021 16.04 -9.73 -6.18
CA SER A 1021 15.74 -10.58 -5.03
C SER A 1021 16.80 -10.41 -3.93
N LEU A 1022 16.44 -10.80 -2.72
CA LEU A 1022 17.37 -10.74 -1.60
C LEU A 1022 17.72 -12.15 -1.15
N VAL A 1023 17.70 -13.08 -2.10
CA VAL A 1023 17.88 -14.50 -1.81
C VAL A 1023 18.98 -15.15 -2.64
N MET A 1024 19.79 -15.99 -2.01
CA MET A 1024 20.87 -16.68 -2.70
C MET A 1024 20.35 -17.69 -3.73
N GLN A 1025 21.27 -18.24 -4.53
CA GLN A 1025 20.93 -19.27 -5.50
C GLN A 1025 21.13 -20.65 -4.86
N ASN A 1026 21.10 -21.69 -5.70
CA ASN A 1026 21.17 -23.07 -5.23
C ASN A 1026 22.02 -23.93 -6.16
N LEU A 1027 22.70 -24.98 -5.69
CA LEU A 1027 22.70 -25.56 -4.33
C LEU A 1027 21.38 -26.21 -3.89
N GLY A 1028 20.79 -26.98 -4.81
CA GLY A 1028 19.57 -27.72 -4.52
C GLY A 1028 18.35 -26.84 -4.37
N GLU A 1029 17.29 -27.15 -5.10
CA GLU A 1029 17.22 -28.34 -5.94
C GLU A 1029 16.87 -27.95 -7.36
N THR A 1030 17.42 -26.80 -7.77
CA THR A 1030 17.37 -26.27 -9.14
C THR A 1030 17.17 -27.38 -10.18
N SER A 1031 16.02 -27.42 -10.87
CA SER A 1031 15.02 -26.34 -11.01
C SER A 1031 14.35 -25.74 -9.77
N THR A 1032 13.97 -24.46 -9.90
CA THR A 1032 13.27 -23.72 -8.87
C THR A 1032 11.76 -23.80 -9.11
N PRO A 1033 10.96 -23.72 -8.02
CA PRO A 1033 9.50 -23.87 -8.11
C PRO A 1033 8.75 -22.70 -8.77
N THR A 1034 9.27 -21.49 -8.66
CA THR A 1034 8.62 -20.34 -9.30
C THR A 1034 9.57 -19.55 -10.19
N GLN A 1035 9.01 -18.81 -11.14
CA GLN A 1035 9.83 -18.10 -12.13
C GLN A 1035 9.75 -16.58 -11.99
N GLY A 1036 10.92 -15.95 -11.94
CA GLY A 1036 11.00 -14.50 -11.80
C GLY A 1036 10.76 -14.03 -10.38
N SER A 1037 11.02 -12.74 -10.14
CA SER A 1037 10.80 -12.13 -8.82
C SER A 1037 10.74 -10.60 -8.91
N VAL A 1038 9.53 -10.06 -8.88
CA VAL A 1038 9.34 -8.61 -8.93
C VAL A 1038 9.00 -8.04 -7.56
N LEU A 1039 9.80 -7.08 -7.11
CA LEU A 1039 9.55 -6.42 -5.83
C LEU A 1039 8.83 -5.10 -6.03
N PHE A 1040 8.14 -4.63 -5.00
CA PHE A 1040 7.49 -3.31 -5.07
C PHE A 1040 7.48 -2.57 -3.74
N GLY A 1041 7.61 -1.24 -3.81
CA GLY A 1041 7.51 -0.40 -2.64
C GLY A 1041 6.16 0.28 -2.60
N THR A 1042 5.62 0.46 -1.40
CA THR A 1042 4.30 1.06 -1.26
C THR A 1042 4.35 2.36 -0.45
N VAL A 1043 3.20 3.02 -0.34
CA VAL A 1043 3.13 4.29 0.36
C VAL A 1043 3.14 4.07 1.89
N ASN A 1044 2.70 2.90 2.32
CA ASN A 1044 2.63 2.60 3.73
C ASN A 1044 3.86 1.84 4.24
N GLY A 1045 4.89 1.79 3.40
CA GLY A 1045 6.16 1.23 3.80
C GLY A 1045 6.27 -0.26 3.63
N MET A 1046 5.29 -0.86 2.97
CA MET A 1046 5.29 -2.30 2.74
C MET A 1046 6.09 -2.69 1.50
N ILE A 1047 6.80 -3.80 1.56
CA ILE A 1047 7.48 -4.35 0.39
C ILE A 1047 6.93 -5.73 0.02
N GLY A 1048 6.53 -5.90 -1.24
CA GLY A 1048 5.94 -7.14 -1.68
C GLY A 1048 6.72 -7.78 -2.82
N LEU A 1049 6.28 -8.96 -3.25
CA LEU A 1049 6.97 -9.71 -4.28
C LEU A 1049 6.00 -10.30 -5.28
N VAL A 1050 6.31 -10.17 -6.56
CA VAL A 1050 5.52 -10.78 -7.62
C VAL A 1050 6.37 -11.77 -8.41
N THR A 1051 5.87 -12.99 -8.58
CA THR A 1051 6.59 -14.03 -9.30
C THR A 1051 5.65 -14.91 -10.13
N SER A 1052 6.14 -15.38 -11.27
CA SER A 1052 5.35 -16.22 -12.17
C SER A 1052 5.21 -17.65 -11.67
N LEU A 1053 4.12 -18.29 -12.06
CA LEU A 1053 3.81 -19.63 -11.60
C LEU A 1053 3.39 -20.52 -12.77
N SER A 1054 3.60 -21.83 -12.62
CA SER A 1054 3.13 -22.81 -13.61
C SER A 1054 1.66 -23.11 -13.39
N GLU A 1055 1.02 -23.71 -14.39
CA GLU A 1055 -0.43 -23.93 -14.34
C GLU A 1055 -0.84 -24.99 -13.31
N SER A 1056 0.10 -25.86 -12.93
CA SER A 1056 -0.14 -26.84 -11.88
C SER A 1056 -0.40 -26.11 -10.58
N TRP A 1057 0.54 -25.23 -10.25
CA TRP A 1057 0.57 -24.54 -8.98
C TRP A 1057 -0.59 -23.58 -8.78
N TYR A 1058 -0.80 -22.68 -9.75
CA TYR A 1058 -1.89 -21.73 -9.63
C TYR A 1058 -3.20 -22.46 -9.35
N ASN A 1059 -3.43 -23.58 -10.03
CA ASN A 1059 -4.64 -24.37 -9.79
C ASN A 1059 -4.55 -25.13 -8.48
N LEU A 1060 -3.33 -25.53 -8.11
CA LEU A 1060 -3.07 -26.16 -6.82
C LEU A 1060 -3.39 -25.19 -5.69
N LEU A 1061 -2.68 -24.06 -5.67
CA LEU A 1061 -2.82 -23.08 -4.60
C LEU A 1061 -4.18 -22.38 -4.59
N LEU A 1062 -4.89 -22.44 -5.71
CA LEU A 1062 -6.19 -21.79 -5.80
C LEU A 1062 -7.22 -22.58 -5.01
N ASP A 1063 -7.23 -23.91 -5.19
CA ASP A 1063 -8.12 -24.75 -4.41
C ASP A 1063 -7.64 -24.78 -2.96
N MET A 1064 -6.31 -24.75 -2.80
CA MET A 1064 -5.68 -24.66 -1.48
C MET A 1064 -6.15 -23.42 -0.72
N GLN A 1065 -6.26 -22.29 -1.42
CA GLN A 1065 -6.79 -21.07 -0.82
C GLN A 1065 -8.21 -21.27 -0.33
N ASN A 1066 -9.04 -21.90 -1.17
CA ASN A 1066 -10.44 -22.09 -0.84
C ASN A 1066 -10.66 -22.88 0.45
N ARG A 1067 -9.86 -23.93 0.68
CA ARG A 1067 -10.00 -24.67 1.93
C ARG A 1067 -9.52 -23.83 3.09
N LEU A 1068 -8.34 -23.24 2.94
CA LEU A 1068 -7.82 -22.33 3.95
C LEU A 1068 -8.84 -21.25 4.27
N ASN A 1069 -9.61 -20.84 3.26
CA ASN A 1069 -10.69 -19.89 3.45
C ASN A 1069 -11.90 -20.47 4.20
N LYS A 1070 -11.78 -21.72 4.65
CA LYS A 1070 -12.82 -22.31 5.50
C LYS A 1070 -12.41 -22.27 6.98
N VAL A 1071 -11.11 -22.36 7.25
CA VAL A 1071 -10.60 -22.27 8.62
C VAL A 1071 -9.40 -21.31 8.71
N ILE A 1072 -9.48 -20.28 9.57
CA ILE A 1072 -8.36 -19.34 9.61
C ILE A 1072 -7.79 -18.83 10.97
N LYS A 1073 -8.49 -18.00 11.75
CA LYS A 1073 -9.92 -17.71 11.67
C LYS A 1073 -10.26 -16.25 11.39
N SER A 1074 -10.06 -15.83 10.14
CA SER A 1074 -10.69 -14.61 9.63
C SER A 1074 -10.32 -13.29 10.32
N VAL A 1075 -10.51 -13.23 11.63
CA VAL A 1075 -10.69 -11.98 12.38
C VAL A 1075 -11.66 -10.98 11.73
N GLY A 1076 -12.72 -10.66 12.47
CA GLY A 1076 -13.77 -9.79 11.96
C GLY A 1076 -14.72 -10.53 11.04
N LYS A 1077 -14.42 -11.81 10.81
CA LYS A 1077 -15.14 -12.65 9.85
C LYS A 1077 -15.26 -11.99 8.49
N ILE A 1078 -14.11 -11.62 7.92
CA ILE A 1078 -14.06 -11.07 6.59
C ILE A 1078 -13.66 -12.21 5.66
N GLU A 1079 -14.42 -12.43 4.59
CA GLU A 1079 -14.06 -13.48 3.66
C GLU A 1079 -12.90 -13.05 2.80
N HIS A 1080 -11.88 -13.89 2.70
CA HIS A 1080 -10.67 -13.57 1.95
C HIS A 1080 -10.93 -13.22 0.49
N SER A 1081 -11.98 -13.80 -0.08
CA SER A 1081 -12.36 -13.53 -1.47
C SER A 1081 -12.89 -12.10 -1.61
N PHE A 1082 -13.73 -11.71 -0.66
CA PHE A 1082 -14.27 -10.37 -0.63
C PHE A 1082 -13.15 -9.36 -0.53
N TRP A 1083 -12.28 -9.58 0.45
CA TRP A 1083 -11.13 -8.73 0.68
C TRP A 1083 -10.20 -8.62 -0.52
N ARG A 1084 -10.08 -9.70 -1.29
CA ARG A 1084 -9.19 -9.69 -2.45
C ARG A 1084 -9.90 -9.33 -3.73
N SER A 1085 -11.22 -9.15 -3.66
CA SER A 1085 -11.96 -8.81 -4.86
C SER A 1085 -11.54 -7.42 -5.36
N PHE A 1086 -11.38 -7.30 -6.67
CA PHE A 1086 -11.08 -6.02 -7.31
C PHE A 1086 -12.23 -5.06 -7.02
N HIS A 1087 -11.90 -3.92 -6.41
CA HIS A 1087 -12.93 -2.99 -5.99
C HIS A 1087 -12.55 -1.54 -6.18
N THR A 1088 -13.23 -0.85 -7.09
CA THR A 1088 -13.09 0.59 -7.21
C THR A 1088 -14.45 1.27 -7.03
N GLU A 1089 -14.47 2.58 -7.21
CA GLU A 1089 -15.68 3.36 -7.00
C GLU A 1089 -16.77 2.92 -7.97
N ARG A 1090 -16.34 2.42 -9.13
CA ARG A 1090 -17.27 2.04 -10.19
C ARG A 1090 -17.62 0.55 -10.21
N LYS A 1091 -16.72 -0.31 -9.73
CA LYS A 1091 -16.94 -1.75 -9.89
C LYS A 1091 -16.34 -2.63 -8.78
N THR A 1092 -16.97 -3.77 -8.57
CA THR A 1092 -16.50 -4.79 -7.66
C THR A 1092 -16.48 -6.13 -8.38
N GLU A 1093 -15.29 -6.71 -8.53
CA GLU A 1093 -15.12 -7.93 -9.31
C GLU A 1093 -14.17 -8.87 -8.59
N PRO A 1094 -14.38 -10.18 -8.70
CA PRO A 1094 -13.48 -11.14 -8.06
C PRO A 1094 -12.04 -11.01 -8.57
N ALA A 1095 -11.12 -11.69 -7.91
CA ALA A 1095 -9.69 -11.55 -8.22
C ALA A 1095 -9.29 -12.22 -9.52
N THR A 1096 -9.08 -13.54 -9.47
CA THR A 1096 -8.51 -14.33 -10.57
C THR A 1096 -7.11 -13.91 -11.02
N GLY A 1097 -6.33 -14.89 -11.50
CA GLY A 1097 -4.99 -14.66 -11.99
C GLY A 1097 -3.94 -14.37 -10.92
N PHE A 1098 -4.38 -14.33 -9.66
CA PHE A 1098 -3.49 -13.92 -8.57
C PHE A 1098 -3.61 -14.80 -7.34
N ILE A 1099 -2.47 -15.30 -6.87
CA ILE A 1099 -2.39 -16.10 -5.65
C ILE A 1099 -1.85 -15.25 -4.50
N ASP A 1100 -2.62 -15.18 -3.42
CA ASP A 1100 -2.21 -14.47 -2.21
C ASP A 1100 -1.25 -15.34 -1.41
N GLY A 1101 0.05 -15.08 -1.55
CA GLY A 1101 1.06 -15.85 -0.85
C GLY A 1101 0.94 -15.81 0.66
N ASP A 1102 0.47 -14.67 1.19
CA ASP A 1102 0.29 -14.50 2.62
C ASP A 1102 -0.68 -15.54 3.17
N LEU A 1103 -1.67 -15.89 2.37
CA LEU A 1103 -2.67 -16.86 2.78
C LEU A 1103 -2.11 -18.27 2.71
N ILE A 1104 -1.18 -18.49 1.80
CA ILE A 1104 -0.62 -19.82 1.60
C ILE A 1104 0.44 -20.16 2.65
N GLU A 1105 1.28 -19.19 2.98
CA GLU A 1105 2.32 -19.43 3.98
C GLU A 1105 1.73 -19.40 5.39
N SER A 1106 0.52 -18.87 5.51
CA SER A 1106 -0.16 -18.82 6.80
C SER A 1106 -0.79 -20.17 7.12
N PHE A 1107 -0.44 -21.18 6.34
CA PHE A 1107 -0.88 -22.55 6.58
C PHE A 1107 0.04 -23.22 7.58
N LEU A 1108 1.30 -22.79 7.64
CA LEU A 1108 2.27 -23.44 8.52
C LEU A 1108 1.99 -23.23 10.00
N ASP A 1109 1.03 -22.39 10.32
CA ASP A 1109 0.85 -21.97 11.71
C ASP A 1109 -0.36 -22.58 12.41
N ILE A 1110 -1.35 -23.04 11.65
CA ILE A 1110 -2.49 -23.75 12.24
C ILE A 1110 -2.02 -25.02 12.96
N SER A 1111 -2.92 -25.69 13.67
CA SER A 1111 -2.55 -26.91 14.38
C SER A 1111 -2.49 -28.10 13.42
N ARG A 1112 -1.87 -29.18 13.88
CA ARG A 1112 -1.74 -30.41 13.09
C ARG A 1112 -3.06 -31.08 12.71
N PRO A 1113 -4.05 -31.09 13.61
CA PRO A 1113 -5.34 -31.65 13.16
C PRO A 1113 -6.04 -30.80 12.11
N LYS A 1114 -5.63 -29.53 11.98
CA LYS A 1114 -6.17 -28.65 10.95
C LYS A 1114 -5.55 -28.94 9.58
N MET A 1115 -4.23 -29.14 9.53
CA MET A 1115 -3.59 -29.56 8.28
C MET A 1115 -4.22 -30.86 7.86
N GLN A 1116 -4.37 -31.76 8.82
CA GLN A 1116 -4.98 -33.06 8.58
C GLN A 1116 -6.42 -32.91 8.09
N GLU A 1117 -7.07 -31.84 8.51
CA GLU A 1117 -8.44 -31.56 8.11
C GLU A 1117 -8.54 -31.15 6.63
N VAL A 1118 -7.44 -30.62 6.08
CA VAL A 1118 -7.43 -30.26 4.67
C VAL A 1118 -6.76 -31.32 3.79
N VAL A 1119 -5.64 -31.86 4.23
CA VAL A 1119 -4.92 -32.84 3.42
C VAL A 1119 -5.68 -34.16 3.20
N ALA A 1120 -6.25 -34.72 4.27
CA ALA A 1120 -6.94 -36.01 4.24
C ALA A 1120 -7.98 -36.06 3.13
N ASN A 1121 -8.48 -34.89 2.76
CA ASN A 1121 -9.32 -34.77 1.58
C ASN A 1121 -8.63 -34.06 0.44
N LEU A 1122 -7.55 -33.33 0.70
CA LEU A 1122 -6.71 -32.79 -0.39
C LEU A 1122 -6.29 -33.88 -1.38
N GLN A 1123 -6.78 -35.08 -1.11
CA GLN A 1123 -6.91 -36.18 -2.03
C GLN A 1123 -8.09 -35.97 -2.98
N TYR A 1124 -8.95 -34.99 -2.68
CA TYR A 1124 -10.17 -34.74 -3.48
C TYR A 1124 -9.83 -34.21 -4.87
N ASP A 1125 -8.54 -34.15 -5.17
CA ASP A 1125 -8.06 -33.39 -6.31
C ASP A 1125 -6.65 -33.77 -6.74
N ASP A 1126 -5.78 -34.03 -5.77
CA ASP A 1126 -4.36 -34.26 -6.05
C ASP A 1126 -4.13 -35.36 -7.08
N GLY A 1127 -3.25 -35.07 -8.02
CA GLY A 1127 -2.93 -35.99 -9.10
C GLY A 1127 -2.22 -37.25 -8.67
N SER A 1128 -1.72 -38.02 -9.64
CA SER A 1128 -1.23 -39.37 -9.34
C SER A 1128 0.26 -39.46 -9.09
N GLY A 1129 1.06 -39.57 -10.15
CA GLY A 1129 2.50 -39.80 -10.10
C GLY A 1129 3.22 -39.59 -8.79
N MET A 1130 3.65 -40.70 -8.19
CA MET A 1130 4.47 -40.73 -6.97
C MET A 1130 4.11 -39.77 -5.81
N LYS A 1131 2.85 -39.37 -5.72
CA LYS A 1131 2.41 -38.45 -4.66
C LYS A 1131 0.89 -38.40 -4.50
N ARG A 1132 0.41 -38.54 -3.26
CA ARG A 1132 -1.03 -38.41 -2.94
C ARG A 1132 -1.23 -37.57 -1.69
N GLU A 1133 -1.34 -38.27 -0.58
CA GLU A 1133 -1.43 -37.65 0.73
C GLU A 1133 -0.02 -37.43 1.25
N ALA A 1134 0.94 -38.13 0.66
CA ALA A 1134 2.35 -37.83 0.88
C ALA A 1134 2.60 -36.36 0.55
N THR A 1135 1.65 -35.75 -0.15
CA THR A 1135 1.62 -34.32 -0.36
C THR A 1135 1.49 -33.54 0.94
N ALA A 1136 0.91 -34.16 1.97
CA ALA A 1136 0.73 -33.50 3.27
C ALA A 1136 2.06 -33.04 3.87
N ASP A 1137 3.13 -33.69 3.46
CA ASP A 1137 4.47 -33.21 3.81
C ASP A 1137 5.23 -32.82 2.56
N ASP A 1138 4.56 -32.88 1.42
CA ASP A 1138 5.02 -32.15 0.26
C ASP A 1138 4.58 -30.71 0.47
N LEU A 1139 3.29 -30.47 0.72
CA LEU A 1139 2.83 -29.08 0.76
C LEU A 1139 3.48 -28.22 1.85
N ILE A 1140 3.93 -28.84 2.93
CA ILE A 1140 4.74 -28.12 3.90
C ILE A 1140 6.11 -27.87 3.26
N LYS A 1141 6.55 -28.80 2.42
CA LYS A 1141 7.81 -28.68 1.70
C LYS A 1141 7.59 -27.86 0.41
N VAL A 1142 6.33 -27.69 0.03
CA VAL A 1142 6.04 -26.71 -1.00
C VAL A 1142 5.93 -25.34 -0.34
N VAL A 1143 5.29 -25.25 0.82
CA VAL A 1143 5.19 -23.95 1.50
C VAL A 1143 6.55 -23.51 2.06
N GLU A 1144 7.37 -24.46 2.48
CA GLU A 1144 8.76 -24.14 2.77
C GLU A 1144 9.39 -23.60 1.49
N GLU A 1145 8.92 -24.09 0.34
CA GLU A 1145 9.55 -23.77 -0.93
C GLU A 1145 9.14 -22.37 -1.36
N LEU A 1146 8.01 -21.93 -0.83
CA LEU A 1146 7.54 -20.57 -1.04
C LEU A 1146 8.39 -19.59 -0.22
N THR A 1147 8.22 -19.64 1.11
CA THR A 1147 8.92 -18.79 2.07
C THR A 1147 10.33 -18.31 1.72
N ARG A 1148 11.02 -19.08 0.89
CA ARG A 1148 12.44 -18.85 0.62
C ARG A 1148 12.69 -18.05 -0.65
N ILE A 1149 11.63 -17.75 -1.40
CA ILE A 1149 11.77 -16.92 -2.58
C ILE A 1149 11.97 -15.45 -2.18
N HIS A 1150 11.76 -15.17 -0.89
CA HIS A 1150 11.95 -13.84 -0.34
C HIS A 1150 12.77 -13.91 0.95
N ARG B 28 -19.35 34.34 -4.63
CA ARG B 28 -18.62 34.32 -3.36
C ARG B 28 -17.91 32.99 -3.15
N ASN B 29 -18.61 32.02 -2.58
CA ASN B 29 -18.03 30.70 -2.35
C ASN B 29 -18.40 29.70 -3.45
N LYS B 30 -17.41 29.47 -4.32
CA LYS B 30 -17.49 28.60 -5.50
C LYS B 30 -16.31 29.05 -6.34
N ARG B 31 -15.94 30.31 -6.14
CA ARG B 31 -14.75 30.89 -6.72
C ARG B 31 -13.67 30.84 -5.66
N SER B 32 -14.11 30.76 -4.41
CA SER B 32 -13.22 30.51 -3.29
C SER B 32 -13.29 29.03 -2.94
N ARG B 33 -14.06 28.30 -3.75
CA ARG B 33 -14.15 26.85 -3.70
C ARG B 33 -14.00 26.33 -5.13
N SER B 34 -12.75 26.25 -5.59
CA SER B 34 -12.42 25.76 -6.93
C SER B 34 -10.92 25.51 -7.17
N PRO B 35 -10.09 26.59 -7.22
CA PRO B 35 -8.70 26.34 -7.61
C PRO B 35 -7.97 25.53 -6.55
N LEU B 36 -8.51 25.59 -5.35
CA LEU B 36 -8.24 24.65 -4.28
C LEU B 36 -9.65 24.13 -3.96
N GLU B 37 -10.11 23.00 -4.53
CA GLU B 37 -9.39 21.78 -4.97
C GLU B 37 -8.89 21.07 -3.72
N LEU B 38 -8.15 21.83 -2.91
CA LEU B 38 -8.03 21.71 -1.44
C LEU B 38 -6.63 21.53 -0.85
N GLU B 39 -6.04 20.35 -0.93
CA GLU B 39 -4.66 20.20 -0.46
C GLU B 39 -3.70 20.69 -1.54
N PRO B 40 -2.74 21.55 -1.16
CA PRO B 40 -2.49 22.12 0.18
C PRO B 40 -3.50 23.15 0.68
N GLU B 41 -3.97 22.94 1.92
CA GLU B 41 -4.92 23.83 2.59
C GLU B 41 -4.40 25.26 2.67
N ALA B 42 -3.09 25.40 2.87
CA ALA B 42 -2.44 26.71 2.84
C ALA B 42 -2.83 27.47 1.57
N LYS B 43 -2.70 28.79 1.62
CA LYS B 43 -3.14 29.71 0.55
C LYS B 43 -4.67 29.80 0.35
N LYS B 44 -5.13 31.00 0.03
CA LYS B 44 -6.51 31.48 0.23
C LYS B 44 -6.84 31.53 1.72
N LEU B 45 -7.79 30.71 2.16
CA LEU B 45 -8.21 30.67 3.58
C LEU B 45 -8.83 31.96 4.10
N CYS B 46 -8.53 33.08 3.45
CA CYS B 46 -9.00 34.38 3.92
C CYS B 46 -10.49 34.61 3.72
N ALA B 47 -11.16 33.64 3.08
CA ALA B 47 -12.61 33.71 2.85
C ALA B 47 -13.02 35.03 2.21
N LYS B 48 -12.46 35.29 1.04
CA LYS B 48 -12.63 36.58 0.34
C LYS B 48 -12.20 37.74 1.22
N GLY B 49 -11.07 37.57 1.92
CA GLY B 49 -10.56 38.58 2.81
C GLY B 49 -11.43 38.75 4.04
N SER B 50 -11.81 37.63 4.64
CA SER B 50 -12.70 37.62 5.81
C SER B 50 -13.98 38.40 5.54
N GLY B 51 -14.62 38.09 4.43
CA GLY B 51 -15.79 38.82 3.99
C GLY B 51 -15.38 40.12 3.33
N PRO B 52 -15.78 40.32 2.07
CA PRO B 52 -15.41 41.54 1.34
C PRO B 52 -16.41 42.65 1.56
N SER B 53 -16.81 42.86 2.82
CA SER B 53 -17.83 43.84 3.18
C SER B 53 -19.08 43.68 2.31
N ARG B 54 -19.54 42.45 2.19
CA ARG B 54 -20.71 42.09 1.38
C ARG B 54 -20.51 42.45 -0.10
N ARG B 55 -19.70 41.62 -0.77
CA ARG B 55 -19.44 41.59 -2.23
C ARG B 55 -18.09 42.14 -2.74
N CYS B 56 -17.78 43.44 -2.65
CA CYS B 56 -18.56 44.47 -1.97
C CYS B 56 -19.57 45.17 -2.87
N ASP B 57 -20.21 46.21 -2.33
CA ASP B 57 -21.15 47.01 -3.10
C ASP B 57 -20.42 47.79 -4.18
N SER B 58 -21.03 47.91 -5.36
CA SER B 58 -20.40 48.52 -6.53
C SER B 58 -19.10 47.79 -6.89
N ASP B 59 -18.10 48.53 -7.40
CA ASP B 59 -16.84 47.88 -7.77
C ASP B 59 -16.15 47.20 -6.59
N CYS B 60 -15.46 46.12 -6.95
CA CYS B 60 -14.74 45.20 -6.07
C CYS B 60 -14.56 44.01 -6.99
N LEU B 61 -13.36 43.43 -6.99
CA LEU B 61 -12.95 42.44 -8.01
C LEU B 61 -13.57 42.60 -9.45
N TRP B 62 -14.63 41.90 -9.90
CA TRP B 62 -15.37 40.80 -9.27
C TRP B 62 -14.93 39.49 -9.91
N VAL B 63 -15.77 39.03 -10.84
CA VAL B 63 -15.50 37.83 -11.60
C VAL B 63 -14.59 38.18 -12.77
N GLY B 64 -14.45 39.49 -13.01
CA GLY B 64 -13.47 40.01 -13.94
C GLY B 64 -12.10 39.55 -13.48
N LEU B 65 -11.70 40.00 -12.29
CA LEU B 65 -10.54 39.42 -11.65
C LEU B 65 -10.92 38.23 -10.76
N ALA B 66 -11.68 37.32 -11.35
CA ALA B 66 -11.70 35.93 -10.94
C ALA B 66 -10.90 35.23 -12.02
N GLY B 67 -10.05 36.02 -12.66
CA GLY B 67 -9.29 35.58 -13.82
C GLY B 67 -7.87 35.15 -13.51
N PRO B 68 -7.02 36.06 -13.00
CA PRO B 68 -5.66 35.58 -12.77
C PRO B 68 -5.60 34.62 -11.60
N GLN B 69 -6.57 34.70 -10.69
CA GLN B 69 -6.63 33.69 -9.64
C GLN B 69 -6.75 32.32 -10.30
N ILE B 70 -7.83 32.08 -11.02
CA ILE B 70 -8.05 30.80 -11.68
C ILE B 70 -6.94 30.47 -12.70
N LEU B 71 -6.28 31.50 -13.23
CA LEU B 71 -5.22 31.28 -14.20
C LEU B 71 -4.00 30.58 -13.58
N PRO B 72 -3.36 31.17 -12.55
CA PRO B 72 -2.77 30.31 -11.52
C PRO B 72 -3.79 29.60 -10.60
N PRO B 73 -4.29 28.39 -10.95
CA PRO B 73 -5.15 27.69 -10.00
C PRO B 73 -4.28 26.76 -9.16
N CYS B 74 -4.48 25.45 -9.27
CA CYS B 74 -3.51 24.53 -8.70
C CYS B 74 -2.17 24.74 -9.40
N ARG B 75 -1.12 24.40 -8.65
CA ARG B 75 0.20 25.00 -8.85
C ARG B 75 1.01 24.39 -9.93
N SER B 76 0.47 23.30 -10.45
CA SER B 76 1.24 22.31 -11.12
C SER B 76 0.22 21.24 -11.11
N ILE B 77 0.57 20.13 -11.72
CA ILE B 77 -0.02 18.89 -11.33
C ILE B 77 1.13 18.11 -10.73
N VAL B 78 2.27 18.13 -11.44
CA VAL B 78 3.45 17.33 -11.11
C VAL B 78 3.93 17.42 -9.65
N ARG B 79 3.30 18.31 -8.87
CA ARG B 79 3.57 18.46 -7.43
C ARG B 79 2.36 18.00 -6.60
N THR B 80 1.16 17.98 -7.19
CA THR B 80 0.00 17.39 -6.52
C THR B 80 0.03 15.89 -6.73
N LEU B 81 0.53 15.49 -7.89
CA LEU B 81 0.77 14.08 -8.16
C LEU B 81 1.74 13.54 -7.13
N HIS B 82 2.83 14.27 -6.93
CA HIS B 82 3.81 13.87 -5.93
C HIS B 82 3.19 13.86 -4.54
N GLN B 83 2.26 14.77 -4.28
CA GLN B 83 1.57 14.80 -3.00
C GLN B 83 0.69 13.57 -2.86
N HIS B 84 0.20 13.07 -3.98
CA HIS B 84 -0.59 11.85 -3.97
C HIS B 84 0.36 10.67 -3.78
N LYS B 85 1.52 10.75 -4.43
CA LYS B 85 2.53 9.69 -4.36
C LYS B 85 3.07 9.53 -2.95
N LEU B 86 2.87 10.56 -2.12
CA LEU B 86 3.22 10.51 -0.71
C LEU B 86 2.02 10.11 0.15
N GLY B 87 0.85 10.00 -0.48
CA GLY B 87 -0.35 9.58 0.20
C GLY B 87 -0.97 10.66 1.07
N ARG B 88 -0.38 11.85 1.04
CA ARG B 88 -0.91 12.97 1.82
C ARG B 88 -2.23 13.48 1.26
N ALA B 89 -2.25 13.83 -0.02
CA ALA B 89 -3.46 14.27 -0.69
C ALA B 89 -4.43 13.11 -0.94
N SER B 90 -5.70 13.32 -0.60
CA SER B 90 -6.74 12.32 -0.86
C SER B 90 -6.99 12.17 -2.35
N TRP B 91 -7.45 10.99 -2.76
CA TRP B 91 -7.72 10.73 -4.17
C TRP B 91 -8.73 11.71 -4.85
N PRO B 92 -9.90 11.95 -4.22
CA PRO B 92 -10.85 12.88 -4.86
C PRO B 92 -10.27 14.27 -5.09
N SER B 93 -9.36 14.70 -4.22
CA SER B 93 -8.64 15.94 -4.44
C SER B 93 -7.93 15.87 -5.78
N VAL B 94 -7.12 14.83 -5.95
CA VAL B 94 -6.36 14.62 -7.17
C VAL B 94 -7.25 14.62 -8.42
N GLN B 95 -8.18 13.67 -8.46
CA GLN B 95 -9.08 13.47 -9.60
C GLN B 95 -9.79 14.76 -10.05
N GLN B 96 -9.97 15.68 -9.11
CA GLN B 96 -10.62 16.96 -9.38
C GLN B 96 -9.62 17.91 -10.01
N GLY B 97 -8.34 17.75 -9.65
CA GLY B 97 -7.29 18.57 -10.21
C GLY B 97 -6.71 17.88 -11.43
N LEU B 98 -7.18 16.65 -11.66
CA LEU B 98 -6.80 15.88 -12.83
C LEU B 98 -7.78 16.15 -13.95
N GLN B 99 -9.02 16.52 -13.60
CA GLN B 99 -10.01 16.85 -14.61
C GLN B 99 -9.87 18.27 -15.12
N GLN B 100 -9.03 19.07 -14.46
CA GLN B 100 -8.67 20.38 -15.00
C GLN B 100 -7.50 20.18 -15.96
N SER B 101 -6.89 19.00 -15.90
CA SER B 101 -5.89 18.62 -16.89
C SER B 101 -6.68 18.21 -18.12
N PHE B 102 -7.82 17.55 -17.88
CA PHE B 102 -8.89 17.45 -18.86
C PHE B 102 -9.42 18.87 -19.01
N LEU B 103 -10.51 19.08 -19.74
CA LEU B 103 -10.99 20.45 -20.00
C LEU B 103 -9.95 21.29 -20.77
N HIS B 104 -8.72 21.31 -20.27
CA HIS B 104 -7.61 21.96 -20.95
C HIS B 104 -7.35 21.35 -22.32
N THR B 105 -7.25 20.02 -22.35
CA THR B 105 -7.14 19.33 -23.63
C THR B 105 -8.47 19.40 -24.37
N LEU B 106 -9.57 19.43 -23.62
CA LEU B 106 -10.90 19.55 -24.20
C LEU B 106 -11.07 20.89 -24.89
N ASP B 107 -10.23 21.85 -24.50
CA ASP B 107 -10.20 23.15 -25.16
C ASP B 107 -9.36 23.11 -26.42
N SER B 108 -8.80 21.93 -26.72
CA SER B 108 -8.08 21.71 -27.95
C SER B 108 -8.74 20.57 -28.70
N TYR B 109 -9.89 20.15 -28.21
CA TYR B 109 -10.73 19.19 -28.88
C TYR B 109 -11.37 19.88 -30.07
N ARG B 110 -11.28 21.21 -30.06
CA ARG B 110 -12.01 22.09 -30.99
C ARG B 110 -11.96 21.69 -32.46
N ILE B 111 -11.18 20.66 -32.79
CA ILE B 111 -11.11 20.20 -34.17
C ILE B 111 -11.83 18.86 -34.36
N LEU B 112 -12.29 18.64 -35.58
CA LEU B 112 -13.18 17.53 -35.88
C LEU B 112 -12.57 16.58 -36.87
N GLN B 113 -11.97 15.50 -36.36
CA GLN B 113 -11.26 14.56 -37.20
C GLN B 113 -12.08 14.08 -38.38
N LYS B 114 -13.27 13.55 -38.10
CA LYS B 114 -14.09 12.97 -39.14
C LYS B 114 -15.55 13.36 -39.06
N ALA B 115 -16.30 13.03 -40.11
CA ALA B 115 -17.74 13.17 -40.14
C ALA B 115 -18.28 12.26 -41.23
N ALA B 116 -19.29 11.46 -40.90
CA ALA B 116 -19.86 10.51 -41.86
C ALA B 116 -21.37 10.52 -41.79
N PRO B 117 -22.03 10.79 -42.93
CA PRO B 117 -23.49 10.96 -42.97
C PRO B 117 -24.23 9.82 -43.64
N PHE B 118 -25.55 10.00 -43.76
CA PHE B 118 -26.45 9.10 -44.45
C PHE B 118 -27.85 9.72 -44.42
N ASP B 119 -28.73 9.35 -45.35
CA ASP B 119 -30.06 9.97 -45.40
C ASP B 119 -30.95 9.63 -44.21
N ARG B 120 -32.11 10.30 -44.13
CA ARG B 120 -33.15 9.97 -43.17
C ARG B 120 -32.82 10.20 -41.68
N ARG B 121 -31.87 11.08 -41.41
CA ARG B 121 -31.61 11.62 -40.06
C ARG B 121 -31.27 10.67 -38.89
N ALA B 122 -30.38 11.14 -38.01
CA ALA B 122 -29.85 10.35 -36.90
C ALA B 122 -30.68 10.49 -35.63
N THR B 123 -30.92 9.36 -34.95
CA THR B 123 -31.84 9.35 -33.81
C THR B 123 -31.26 8.73 -32.54
N SER B 124 -30.57 7.60 -32.69
CA SER B 124 -30.00 6.89 -31.54
C SER B 124 -28.48 6.88 -31.63
N LEU B 125 -27.84 6.66 -30.49
CA LEU B 125 -26.38 6.65 -30.43
C LEU B 125 -25.86 5.73 -29.34
N ALA B 126 -24.85 4.93 -29.67
CA ALA B 126 -24.21 4.05 -28.70
C ALA B 126 -22.74 3.83 -29.01
N TRP B 127 -21.92 3.81 -27.98
CA TRP B 127 -20.51 3.49 -28.12
C TRP B 127 -20.29 1.99 -28.00
N HIS B 128 -19.12 1.56 -28.44
CA HIS B 128 -18.69 0.17 -28.31
C HIS B 128 -18.01 0.03 -26.95
N PRO B 129 -18.55 -0.85 -26.08
CA PRO B 129 -18.15 -0.95 -24.67
C PRO B 129 -16.66 -1.16 -24.51
N THR B 130 -16.09 -2.01 -25.35
CA THR B 130 -14.70 -2.40 -25.27
C THR B 130 -13.81 -1.51 -26.11
N HIS B 131 -14.19 -1.32 -27.37
CA HIS B 131 -13.32 -0.66 -28.32
C HIS B 131 -13.49 0.87 -28.32
N PRO B 132 -12.35 1.59 -28.34
CA PRO B 132 -12.35 3.05 -28.29
C PRO B 132 -12.58 3.73 -29.63
N SER B 133 -12.55 2.97 -30.72
CA SER B 133 -12.65 3.56 -32.05
C SER B 133 -13.95 3.22 -32.78
N THR B 134 -14.74 2.30 -32.25
CA THR B 134 -16.03 2.00 -32.90
C THR B 134 -17.23 2.56 -32.15
N VAL B 135 -18.20 3.01 -32.96
CA VAL B 135 -19.40 3.63 -32.44
C VAL B 135 -20.51 3.19 -33.38
N ALA B 136 -21.75 3.29 -32.91
CA ALA B 136 -22.91 2.92 -33.72
C ALA B 136 -23.95 4.04 -33.73
N VAL B 137 -24.60 4.24 -34.87
CA VAL B 137 -25.64 5.26 -35.01
C VAL B 137 -26.89 4.67 -35.66
N GLY B 138 -28.06 5.13 -35.21
CA GLY B 138 -29.33 4.71 -35.79
C GLY B 138 -30.00 5.81 -36.59
N SER B 139 -31.05 5.44 -37.32
CA SER B 139 -31.75 6.40 -38.17
C SER B 139 -33.17 6.64 -37.69
N LYS B 140 -33.93 7.37 -38.50
CA LYS B 140 -35.37 7.50 -38.29
C LYS B 140 -36.05 6.67 -39.39
N GLY B 141 -35.23 6.15 -40.29
CA GLY B 141 -35.73 5.37 -41.41
C GLY B 141 -35.51 3.88 -41.25
N GLY B 142 -34.79 3.49 -40.22
CA GLY B 142 -34.56 2.08 -39.94
C GLY B 142 -33.18 1.61 -40.30
N ASP B 143 -32.28 2.56 -40.50
CA ASP B 143 -30.96 2.22 -41.04
C ASP B 143 -29.84 2.45 -40.01
N ILE B 144 -29.12 1.38 -39.66
CA ILE B 144 -28.05 1.47 -38.68
C ILE B 144 -26.67 1.42 -39.33
N MET B 145 -25.70 2.07 -38.70
CA MET B 145 -24.31 2.07 -39.17
C MET B 145 -23.35 1.71 -38.06
N LEU B 146 -22.53 0.68 -38.29
CA LEU B 146 -21.43 0.39 -37.37
C LEU B 146 -20.17 1.04 -37.90
N TRP B 147 -19.83 2.21 -37.36
CA TRP B 147 -18.65 2.92 -37.80
C TRP B 147 -17.49 2.80 -36.80
N ASN B 148 -16.38 2.30 -37.31
CA ASN B 148 -15.13 2.19 -36.58
C ASN B 148 -14.08 2.98 -37.38
N PHE B 149 -13.04 3.48 -36.73
CA PHE B 149 -12.00 4.21 -37.46
C PHE B 149 -10.61 3.60 -37.31
N GLY B 150 -9.60 4.38 -37.69
CA GLY B 150 -8.23 3.91 -37.71
C GLY B 150 -8.09 2.71 -38.64
N ILE B 151 -9.03 2.59 -39.56
CA ILE B 151 -9.11 1.43 -40.42
C ILE B 151 -9.20 1.83 -41.89
N LYS B 152 -9.85 2.96 -42.14
CA LYS B 152 -10.21 3.41 -43.49
C LYS B 152 -11.02 2.38 -44.29
N ASP B 153 -11.26 1.22 -43.71
CA ASP B 153 -12.21 0.26 -44.23
C ASP B 153 -13.60 0.87 -44.09
N LYS B 154 -14.52 0.45 -44.93
CA LYS B 154 -15.82 1.10 -44.99
C LYS B 154 -16.84 0.51 -44.01
N PRO B 155 -17.66 1.38 -43.40
CA PRO B 155 -18.61 1.03 -42.34
C PRO B 155 -19.64 -0.01 -42.75
N THR B 156 -20.05 -0.87 -41.82
CA THR B 156 -21.10 -1.85 -42.09
C THR B 156 -22.46 -1.20 -41.92
N PHE B 157 -23.45 -1.68 -42.67
CA PHE B 157 -24.74 -1.01 -42.72
C PHE B 157 -25.93 -1.96 -42.70
N ILE B 158 -27.08 -1.42 -42.30
CA ILE B 158 -28.34 -2.15 -42.33
C ILE B 158 -29.42 -1.22 -42.88
N LYS B 159 -30.22 -1.71 -43.81
CA LYS B 159 -31.24 -0.88 -44.46
C LYS B 159 -32.66 -1.24 -44.00
N GLY B 160 -33.41 -0.22 -43.56
CA GLY B 160 -34.72 -0.43 -43.00
C GLY B 160 -35.87 -0.09 -43.94
N ILE B 161 -36.89 0.57 -43.40
CA ILE B 161 -38.14 0.79 -44.13
C ILE B 161 -38.37 2.24 -44.54
N GLY B 162 -37.62 3.16 -43.94
CA GLY B 162 -37.65 4.56 -44.33
C GLY B 162 -38.97 5.28 -44.14
N ALA B 163 -39.68 4.95 -43.08
CA ALA B 163 -40.95 5.60 -42.78
C ALA B 163 -41.25 5.53 -41.30
N GLY B 164 -41.69 4.36 -40.86
CA GLY B 164 -41.92 4.12 -39.45
C GLY B 164 -40.78 3.30 -38.89
N GLY B 165 -39.62 3.41 -39.50
CA GLY B 165 -38.46 2.65 -39.08
C GLY B 165 -37.59 3.42 -38.10
N SER B 166 -38.14 4.46 -37.49
CA SER B 166 -37.36 5.23 -36.52
C SER B 166 -36.80 4.35 -35.41
N ILE B 167 -35.50 4.51 -35.17
CA ILE B 167 -34.84 3.78 -34.10
C ILE B 167 -34.82 4.66 -32.86
N THR B 168 -35.20 4.08 -31.74
CA THR B 168 -35.30 4.82 -30.50
C THR B 168 -34.57 4.03 -29.42
N GLY B 169 -33.44 4.55 -28.96
CA GLY B 169 -32.64 3.82 -28.02
C GLY B 169 -31.99 2.62 -28.68
N LEU B 170 -30.70 2.76 -28.93
CA LEU B 170 -29.89 1.71 -29.56
C LEU B 170 -28.74 1.40 -28.64
N LYS B 171 -28.59 0.13 -28.26
CA LYS B 171 -27.49 -0.26 -27.40
C LYS B 171 -26.82 -1.53 -27.90
N PHE B 172 -25.58 -1.73 -27.46
CA PHE B 172 -24.78 -2.87 -27.86
C PHE B 172 -25.30 -4.16 -27.25
N ASN B 173 -24.65 -5.27 -27.56
CA ASN B 173 -24.84 -6.52 -26.82
C ASN B 173 -23.62 -6.81 -25.96
N PRO B 174 -23.77 -6.68 -24.64
CA PRO B 174 -22.70 -6.83 -23.65
C PRO B 174 -21.90 -8.12 -23.74
N LEU B 175 -22.40 -9.13 -24.46
CA LEU B 175 -21.67 -10.39 -24.60
C LEU B 175 -20.67 -10.33 -25.75
N ASN B 176 -21.16 -10.50 -26.97
CA ASN B 176 -20.34 -10.26 -28.15
C ASN B 176 -20.79 -8.97 -28.87
N THR B 177 -19.82 -8.10 -29.14
CA THR B 177 -20.11 -6.78 -29.68
C THR B 177 -20.68 -6.83 -31.08
N ASN B 178 -20.37 -7.89 -31.81
CA ASN B 178 -20.87 -8.07 -33.17
C ASN B 178 -22.38 -8.26 -33.24
N GLN B 179 -23.04 -8.15 -32.09
CA GLN B 179 -24.49 -8.13 -32.01
C GLN B 179 -24.92 -6.83 -31.34
N PHE B 180 -26.14 -6.40 -31.60
CA PHE B 180 -26.68 -5.23 -30.90
C PHE B 180 -28.18 -5.33 -30.67
N TYR B 181 -28.63 -4.73 -29.59
CA TYR B 181 -30.06 -4.63 -29.31
C TYR B 181 -30.55 -3.34 -29.94
N ALA B 182 -31.86 -3.21 -30.13
CA ALA B 182 -32.42 -2.00 -30.71
C ALA B 182 -33.92 -1.89 -30.47
N SER B 183 -34.42 -0.65 -30.46
CA SER B 183 -35.85 -0.42 -30.31
C SER B 183 -36.35 0.51 -31.42
N SER B 184 -37.13 -0.05 -32.35
CA SER B 184 -37.55 0.67 -33.54
C SER B 184 -39.01 1.14 -33.50
N MET B 185 -39.33 2.15 -34.30
CA MET B 185 -40.69 2.63 -34.42
C MET B 185 -41.54 1.62 -35.22
N GLU B 186 -40.87 0.64 -35.82
CA GLU B 186 -41.57 -0.38 -36.59
C GLU B 186 -42.32 -1.34 -35.67
N GLY B 187 -41.96 -1.32 -34.39
CA GLY B 187 -42.66 -2.12 -33.39
C GLY B 187 -41.90 -3.34 -32.88
N THR B 188 -40.62 -3.42 -33.18
CA THR B 188 -39.83 -4.61 -32.85
C THR B 188 -38.55 -4.28 -32.09
N THR B 189 -38.53 -4.59 -30.79
CA THR B 189 -37.30 -4.49 -30.01
C THR B 189 -36.58 -5.81 -30.20
N ARG B 190 -35.50 -5.75 -30.95
CA ARG B 190 -34.88 -6.96 -31.46
C ARG B 190 -33.43 -7.09 -31.02
N LEU B 191 -32.85 -8.24 -31.33
CA LEU B 191 -31.42 -8.46 -31.18
C LEU B 191 -30.96 -8.86 -32.57
N GLN B 192 -30.13 -8.04 -33.20
CA GLN B 192 -29.76 -8.28 -34.59
C GLN B 192 -28.27 -8.09 -34.79
N ASP B 193 -27.68 -8.91 -35.68
CA ASP B 193 -26.27 -8.74 -36.01
C ASP B 193 -26.08 -7.53 -36.91
N PHE B 194 -24.85 -7.03 -36.94
CA PHE B 194 -24.48 -5.96 -37.86
C PHE B 194 -24.33 -6.54 -39.26
N LYS B 195 -24.25 -7.87 -39.33
CA LYS B 195 -24.26 -8.56 -40.61
C LYS B 195 -25.68 -8.68 -41.14
N GLY B 196 -26.62 -8.01 -40.46
CA GLY B 196 -27.96 -7.85 -40.97
C GLY B 196 -28.99 -8.81 -40.44
N ASN B 197 -28.60 -10.06 -40.26
CA ASN B 197 -29.57 -11.11 -39.92
C ASN B 197 -30.12 -10.98 -38.50
N ILE B 198 -31.44 -10.90 -38.40
CA ILE B 198 -32.11 -10.78 -37.12
C ILE B 198 -31.93 -12.04 -36.26
N LEU B 199 -31.49 -11.84 -35.03
CA LEU B 199 -31.33 -12.94 -34.10
C LEU B 199 -32.48 -12.89 -33.10
N ARG B 200 -33.58 -13.51 -33.49
CA ARG B 200 -34.84 -13.48 -32.75
C ARG B 200 -35.32 -12.08 -32.34
N VAL B 201 -36.38 -12.04 -31.55
CA VAL B 201 -37.08 -10.81 -31.21
C VAL B 201 -37.53 -10.90 -29.76
N PHE B 202 -37.54 -9.76 -29.07
CA PHE B 202 -37.91 -9.73 -27.66
C PHE B 202 -39.39 -9.28 -27.46
N ALA B 203 -39.76 -8.13 -28.03
CA ALA B 203 -41.11 -7.56 -27.86
C ALA B 203 -41.92 -7.50 -29.16
N SER B 204 -43.25 -7.57 -29.10
CA SER B 204 -44.01 -7.88 -30.32
C SER B 204 -45.36 -7.20 -30.70
N SER B 205 -45.71 -6.07 -30.09
CA SER B 205 -46.88 -5.21 -30.45
C SER B 205 -48.18 -5.88 -30.97
N ASP B 206 -48.07 -6.56 -32.12
CA ASP B 206 -49.18 -7.24 -32.80
C ASP B 206 -50.24 -6.28 -33.32
N THR B 207 -50.20 -5.03 -32.85
CA THR B 207 -50.95 -3.98 -33.50
C THR B 207 -49.97 -3.19 -34.35
N ILE B 208 -50.12 -1.87 -34.32
CA ILE B 208 -49.49 -1.00 -35.29
C ILE B 208 -49.29 0.36 -34.63
N ASN B 209 -50.39 0.94 -34.15
CA ASN B 209 -50.41 2.29 -33.61
C ASN B 209 -49.52 2.54 -32.39
N ILE B 210 -48.67 1.57 -32.06
CA ILE B 210 -47.78 1.69 -30.91
C ILE B 210 -46.36 1.22 -31.20
N TRP B 211 -45.39 1.84 -30.53
CA TRP B 211 -43.97 1.65 -30.80
C TRP B 211 -43.22 2.17 -29.58
N PHE B 212 -41.90 1.94 -29.53
CA PHE B 212 -41.15 2.32 -28.34
C PHE B 212 -40.08 3.39 -28.52
N CYS B 213 -39.76 4.06 -27.42
CA CYS B 213 -38.89 5.22 -27.44
C CYS B 213 -37.61 5.00 -26.63
N SER B 214 -37.56 3.91 -25.89
CA SER B 214 -36.44 3.69 -24.97
C SER B 214 -35.97 2.24 -24.91
N LEU B 215 -34.74 2.05 -24.44
CA LEU B 215 -34.15 0.73 -24.28
C LEU B 215 -32.83 0.81 -23.52
N ASP B 216 -32.60 -0.13 -22.63
CA ASP B 216 -31.33 -0.25 -21.94
C ASP B 216 -31.13 -1.68 -21.45
N VAL B 217 -29.89 -2.12 -21.36
CA VAL B 217 -29.59 -3.47 -20.92
C VAL B 217 -28.56 -3.43 -19.80
N SER B 218 -28.06 -4.60 -19.41
CA SER B 218 -27.02 -4.66 -18.39
C SER B 218 -26.25 -5.97 -18.46
N ALA B 219 -24.94 -5.88 -18.28
CA ALA B 219 -24.08 -7.05 -18.24
C ALA B 219 -24.11 -7.72 -16.87
N SER B 220 -24.22 -6.91 -15.82
CA SER B 220 -24.16 -7.41 -14.46
C SER B 220 -25.42 -8.16 -14.04
N SER B 221 -26.57 -7.53 -14.22
CA SER B 221 -27.83 -8.11 -13.77
C SER B 221 -28.59 -8.87 -14.85
N ARG B 222 -28.03 -8.87 -16.05
CA ARG B 222 -28.60 -9.60 -17.19
C ARG B 222 -30.06 -9.24 -17.41
N MET B 223 -30.32 -8.06 -17.94
CA MET B 223 -31.69 -7.69 -18.24
C MET B 223 -31.76 -6.96 -19.58
N VAL B 224 -32.98 -6.67 -20.00
CA VAL B 224 -33.22 -5.69 -21.03
C VAL B 224 -34.36 -4.83 -20.52
N VAL B 225 -34.66 -3.72 -21.19
CA VAL B 225 -35.79 -2.89 -20.79
C VAL B 225 -36.23 -2.03 -21.98
N THR B 226 -37.50 -1.64 -22.00
CA THR B 226 -38.07 -0.90 -23.12
C THR B 226 -39.33 -0.20 -22.64
N GLY B 227 -39.56 1.04 -23.07
CA GLY B 227 -40.57 1.87 -22.43
C GLY B 227 -41.78 2.32 -23.23
N ASP B 228 -41.68 2.28 -24.56
CA ASP B 228 -42.77 2.71 -25.45
C ASP B 228 -43.39 4.10 -25.25
N ASN B 229 -44.42 4.37 -26.06
CA ASN B 229 -45.03 5.69 -26.11
C ASN B 229 -46.37 5.79 -25.40
N VAL B 230 -46.74 4.73 -24.69
CA VAL B 230 -48.04 4.69 -24.02
C VAL B 230 -47.86 4.69 -22.49
N GLY B 231 -46.63 4.56 -22.04
CA GLY B 231 -46.35 4.67 -20.62
C GLY B 231 -46.05 3.36 -19.92
N ASN B 232 -46.41 2.26 -20.58
CA ASN B 232 -46.09 0.95 -20.05
C ASN B 232 -44.76 0.48 -20.62
N VAL B 233 -44.09 -0.39 -19.87
CA VAL B 233 -42.74 -0.82 -20.18
C VAL B 233 -42.58 -2.31 -19.94
N ILE B 234 -41.63 -2.91 -20.63
CA ILE B 234 -41.34 -4.30 -20.43
C ILE B 234 -39.91 -4.48 -19.93
N LEU B 235 -39.64 -5.59 -19.26
CA LEU B 235 -38.30 -5.93 -18.80
C LEU B 235 -38.13 -7.40 -19.10
N LEU B 236 -36.95 -7.80 -19.56
CA LEU B 236 -36.69 -9.20 -19.88
C LEU B 236 -35.28 -9.57 -19.42
N ASN B 237 -35.04 -10.87 -19.30
CA ASN B 237 -33.68 -11.38 -19.23
C ASN B 237 -33.15 -11.32 -20.64
N MET B 238 -31.86 -11.59 -20.82
CA MET B 238 -31.33 -11.75 -22.17
C MET B 238 -31.87 -13.05 -22.78
N ASP B 239 -32.59 -13.82 -21.97
CA ASP B 239 -33.33 -14.99 -22.42
C ASP B 239 -34.80 -14.86 -22.04
N GLY B 240 -35.66 -14.79 -23.05
CA GLY B 240 -37.11 -14.76 -22.87
C GLY B 240 -37.60 -13.87 -21.76
N LYS B 241 -38.47 -14.42 -20.93
CA LYS B 241 -38.87 -13.77 -19.68
C LYS B 241 -39.68 -12.49 -19.92
N GLU B 242 -40.98 -12.55 -19.70
CA GLU B 242 -41.83 -11.38 -19.94
C GLU B 242 -42.53 -10.95 -18.65
N LEU B 243 -41.74 -10.86 -17.58
CA LEU B 243 -42.23 -10.59 -16.23
C LEU B 243 -42.68 -9.16 -16.04
N TRP B 244 -43.02 -8.49 -17.13
CA TRP B 244 -43.19 -7.07 -17.02
C TRP B 244 -44.03 -6.54 -18.15
N ASN B 245 -44.97 -5.67 -17.80
CA ASN B 245 -45.72 -4.92 -18.79
C ASN B 245 -46.46 -3.79 -18.11
N LEU B 246 -46.50 -3.82 -16.77
CA LEU B 246 -47.35 -2.91 -16.02
C LEU B 246 -47.13 -1.43 -16.34
N ARG B 247 -48.23 -0.69 -16.40
CA ARG B 247 -48.22 0.70 -16.81
C ARG B 247 -47.39 1.56 -15.88
N MET B 248 -46.34 2.17 -16.42
CA MET B 248 -45.48 2.98 -15.58
C MET B 248 -45.85 4.43 -15.57
N HIS B 249 -46.70 4.82 -16.52
CA HIS B 249 -47.57 5.98 -16.34
C HIS B 249 -48.42 6.29 -17.55
N LYS B 250 -49.00 7.47 -17.49
CA LYS B 250 -49.82 8.03 -18.56
C LYS B 250 -48.94 8.69 -19.60
N LYS B 251 -49.07 8.24 -20.84
CA LYS B 251 -48.31 8.70 -22.02
C LYS B 251 -46.81 8.35 -22.09
N LYS B 252 -46.17 8.77 -23.18
CA LYS B 252 -44.87 8.24 -23.63
C LYS B 252 -43.73 8.13 -22.60
N VAL B 253 -43.05 6.98 -22.61
CA VAL B 253 -41.81 6.79 -21.84
C VAL B 253 -40.58 7.13 -22.68
N THR B 254 -40.10 8.35 -22.53
CA THR B 254 -39.06 8.87 -23.42
C THR B 254 -37.69 8.23 -23.20
N HIS B 255 -37.45 7.70 -21.99
CA HIS B 255 -36.14 7.14 -21.68
C HIS B 255 -36.11 6.30 -20.39
N VAL B 256 -35.29 5.25 -20.42
CA VAL B 256 -35.08 4.34 -19.29
C VAL B 256 -33.59 4.07 -19.12
N ALA B 257 -33.12 3.88 -17.89
CA ALA B 257 -31.70 3.59 -17.66
C ALA B 257 -31.42 2.82 -16.37
N LEU B 258 -30.64 1.73 -16.50
CA LEU B 258 -30.29 0.86 -15.38
C LEU B 258 -29.03 1.32 -14.67
N ASN B 259 -29.01 1.17 -13.35
CA ASN B 259 -27.88 1.61 -12.54
C ASN B 259 -26.69 0.66 -12.62
N PRO B 260 -25.55 1.13 -13.17
CA PRO B 260 -24.36 0.28 -13.34
C PRO B 260 -23.81 -0.30 -12.04
N CYS B 261 -23.86 0.48 -10.96
CA CYS B 261 -23.27 0.04 -9.71
C CYS B 261 -24.28 -0.62 -8.80
N CYS B 262 -25.55 -0.33 -9.02
CA CYS B 262 -26.58 -0.97 -8.21
C CYS B 262 -27.07 -2.25 -8.88
N ASP B 263 -27.00 -2.28 -10.21
CA ASP B 263 -27.76 -3.22 -11.07
C ASP B 263 -29.24 -3.20 -10.75
N TRP B 264 -29.62 -4.07 -9.81
CA TRP B 264 -30.87 -4.06 -9.01
C TRP B 264 -31.76 -2.78 -9.08
N PHE B 265 -31.22 -1.63 -9.50
CA PHE B 265 -32.00 -0.37 -9.49
C PHE B 265 -32.35 0.09 -10.91
N LEU B 266 -33.43 0.85 -11.08
CA LEU B 266 -33.84 1.27 -12.44
C LEU B 266 -34.45 2.65 -12.35
N ALA B 267 -34.52 3.36 -13.47
CA ALA B 267 -35.07 4.71 -13.50
C ALA B 267 -35.56 5.05 -14.89
N THR B 268 -36.82 5.44 -14.99
CA THR B 268 -37.41 5.83 -16.26
C THR B 268 -37.77 7.29 -16.22
N ALA B 269 -37.27 8.04 -17.20
CA ALA B 269 -37.63 9.44 -17.35
C ALA B 269 -38.59 9.54 -18.52
N SER B 270 -39.63 10.36 -18.36
CA SER B 270 -40.60 10.52 -19.44
C SER B 270 -41.58 11.67 -19.35
N VAL B 271 -42.27 11.91 -20.46
CA VAL B 271 -43.33 12.92 -20.53
C VAL B 271 -44.42 12.57 -19.52
N ASP B 272 -44.69 13.53 -18.64
CA ASP B 272 -45.49 13.37 -17.43
C ASP B 272 -45.21 14.66 -16.74
N GLN B 273 -43.95 15.06 -16.88
CA GLN B 273 -43.22 15.98 -16.02
C GLN B 273 -42.77 15.24 -14.76
N THR B 274 -42.58 13.93 -14.84
CA THR B 274 -42.06 13.15 -13.72
C THR B 274 -41.03 12.10 -14.12
N VAL B 275 -39.94 11.99 -13.37
CA VAL B 275 -39.10 10.80 -13.37
C VAL B 275 -39.56 10.03 -12.13
N LYS B 276 -39.56 8.70 -12.19
CA LYS B 276 -40.29 7.90 -11.20
C LYS B 276 -39.44 6.84 -10.54
N ILE B 277 -38.30 6.58 -11.16
CA ILE B 277 -37.27 5.66 -10.66
C ILE B 277 -37.59 4.15 -10.64
N TRP B 278 -38.04 3.63 -9.49
CA TRP B 278 -38.14 2.19 -9.18
C TRP B 278 -36.83 1.53 -8.79
N ASP B 279 -36.97 0.31 -8.28
CA ASP B 279 -35.84 -0.56 -8.02
C ASP B 279 -36.17 -1.91 -8.65
N LEU B 280 -37.18 -1.89 -9.52
CA LEU B 280 -37.83 -3.10 -10.01
C LEU B 280 -38.14 -3.98 -8.81
N ARG B 281 -37.88 -5.30 -8.86
CA ARG B 281 -37.97 -6.14 -7.66
C ARG B 281 -39.26 -5.98 -6.87
N GLN B 282 -39.14 -6.05 -5.54
CA GLN B 282 -40.15 -5.59 -4.60
C GLN B 282 -40.90 -4.33 -5.08
N VAL B 283 -42.13 -4.19 -4.62
CA VAL B 283 -42.98 -3.08 -4.99
C VAL B 283 -43.37 -3.14 -6.48
N ARG B 284 -44.66 -3.31 -6.75
CA ARG B 284 -45.17 -3.30 -8.11
C ARG B 284 -46.60 -2.80 -8.16
N GLY B 285 -47.46 -3.42 -7.35
CA GLY B 285 -48.90 -3.27 -7.39
C GLY B 285 -49.56 -1.97 -7.81
N LYS B 286 -48.98 -1.29 -8.79
CA LYS B 286 -49.49 -0.04 -9.34
C LYS B 286 -49.52 1.11 -8.33
N ALA B 287 -48.97 2.25 -8.72
CA ALA B 287 -48.75 3.38 -7.81
C ALA B 287 -47.93 2.91 -6.60
N SER B 288 -46.68 2.55 -6.87
CA SER B 288 -45.83 1.86 -5.90
C SER B 288 -44.43 1.85 -6.46
N PHE B 289 -43.52 2.63 -5.88
CA PHE B 289 -42.29 2.96 -6.58
C PHE B 289 -41.20 3.75 -5.87
N LEU B 290 -41.05 3.58 -4.56
CA LEU B 290 -40.05 4.35 -3.83
C LEU B 290 -40.24 5.87 -3.93
N TYR B 291 -39.96 6.45 -5.09
CA TYR B 291 -39.74 7.91 -5.16
C TYR B 291 -40.59 8.78 -6.10
N SER B 292 -40.34 8.74 -7.40
CA SER B 292 -41.09 9.55 -8.36
C SER B 292 -41.05 11.07 -8.14
N LEU B 293 -40.10 11.73 -8.80
CA LEU B 293 -39.96 13.18 -8.65
C LEU B 293 -40.50 13.97 -9.85
N PRO B 294 -41.36 14.95 -9.58
CA PRO B 294 -42.04 15.68 -10.64
C PRO B 294 -41.17 16.77 -11.24
N HIS B 295 -41.63 17.37 -12.33
CA HIS B 295 -40.93 18.47 -12.98
C HIS B 295 -41.96 19.45 -13.52
N ARG B 296 -41.46 20.50 -14.16
CA ARG B 296 -42.25 21.31 -15.06
C ARG B 296 -41.86 20.80 -16.43
N HIS B 297 -42.78 20.76 -17.37
CA HIS B 297 -42.48 20.32 -18.74
C HIS B 297 -42.05 18.84 -18.84
N PRO B 298 -42.26 18.25 -20.02
CA PRO B 298 -41.78 16.92 -20.42
C PRO B 298 -40.29 16.72 -20.17
N VAL B 299 -39.81 15.47 -20.13
CA VAL B 299 -38.38 15.22 -19.97
C VAL B 299 -37.84 14.16 -20.94
N ASN B 300 -36.54 14.22 -21.22
CA ASN B 300 -35.92 13.35 -22.20
C ASN B 300 -35.02 12.27 -21.64
N ALA B 301 -34.30 12.58 -20.57
CA ALA B 301 -33.24 11.69 -20.12
C ALA B 301 -33.27 11.40 -18.64
N ALA B 302 -32.83 10.19 -18.29
CA ALA B 302 -32.64 9.81 -16.91
C ALA B 302 -31.13 9.83 -16.67
N CYS B 303 -30.43 8.93 -17.35
CA CYS B 303 -28.97 8.87 -17.32
C CYS B 303 -28.40 8.66 -15.91
N PHE B 304 -28.26 7.39 -15.54
CA PHE B 304 -27.60 7.05 -14.29
C PHE B 304 -26.11 7.35 -14.40
N SER B 305 -25.51 7.72 -13.28
CA SER B 305 -24.08 8.05 -13.23
C SER B 305 -23.20 6.80 -13.25
N PRO B 306 -21.93 6.97 -13.66
CA PRO B 306 -20.95 5.88 -13.58
C PRO B 306 -20.88 5.30 -12.17
N ASP B 307 -21.02 6.16 -11.16
CA ASP B 307 -20.99 5.69 -9.77
C ASP B 307 -22.34 5.13 -9.36
N GLY B 308 -23.39 5.61 -10.02
CA GLY B 308 -24.76 5.21 -9.71
C GLY B 308 -25.30 5.85 -8.44
N ALA B 309 -25.68 7.11 -8.52
CA ALA B 309 -26.16 7.83 -7.35
C ALA B 309 -26.87 9.15 -7.65
N ARG B 310 -26.67 9.71 -8.84
CA ARG B 310 -27.01 11.11 -9.05
C ARG B 310 -28.16 11.47 -10.01
N LEU B 311 -28.28 10.77 -11.14
CA LEU B 311 -29.35 11.04 -12.11
C LEU B 311 -29.26 12.43 -12.77
N LEU B 312 -29.22 12.44 -14.09
CA LEU B 312 -29.19 13.68 -14.85
C LEU B 312 -30.48 13.77 -15.66
N THR B 313 -31.45 14.55 -15.18
CA THR B 313 -32.82 14.50 -15.70
C THR B 313 -33.09 15.29 -16.99
N THR B 314 -32.44 16.43 -17.16
CA THR B 314 -32.52 17.26 -18.38
C THR B 314 -33.91 17.50 -18.99
N ASP B 315 -34.44 18.69 -18.72
CA ASP B 315 -35.82 19.05 -19.06
C ASP B 315 -35.99 19.42 -20.53
N GLN B 316 -37.21 19.80 -20.91
CA GLN B 316 -37.53 20.03 -22.30
C GLN B 316 -37.74 21.49 -22.66
N LYS B 317 -37.46 22.38 -21.72
CA LYS B 317 -37.50 23.81 -22.02
C LYS B 317 -36.11 24.39 -21.83
N SER B 318 -35.71 24.56 -20.58
CA SER B 318 -34.33 24.89 -20.25
C SER B 318 -33.89 23.95 -19.13
N GLU B 319 -33.65 24.51 -17.95
CA GLU B 319 -33.38 23.77 -16.70
C GLU B 319 -32.89 22.31 -16.75
N ILE B 320 -31.67 22.09 -16.25
CA ILE B 320 -31.17 20.73 -16.05
C ILE B 320 -31.08 20.47 -14.56
N ARG B 321 -31.55 19.31 -14.11
CA ARG B 321 -31.55 18.99 -12.69
C ARG B 321 -30.61 17.82 -12.37
N VAL B 322 -30.23 17.73 -11.10
CA VAL B 322 -29.45 16.60 -10.59
C VAL B 322 -29.91 16.29 -9.19
N TYR B 323 -30.40 15.08 -8.96
CA TYR B 323 -30.76 14.65 -7.62
C TYR B 323 -29.58 13.90 -7.01
N SER B 324 -29.69 13.44 -5.78
CA SER B 324 -28.61 12.67 -5.19
C SER B 324 -29.12 11.34 -4.70
N ALA B 325 -28.22 10.46 -4.29
CA ALA B 325 -28.62 9.17 -3.76
C ALA B 325 -29.09 9.33 -2.32
N SER B 326 -28.76 10.46 -1.71
CA SER B 326 -29.13 10.72 -0.34
C SER B 326 -30.63 11.00 -0.26
N GLN B 327 -31.08 12.05 -0.91
CA GLN B 327 -32.51 12.31 -0.99
C GLN B 327 -32.94 12.42 -2.45
N TRP B 328 -33.43 11.31 -2.97
CA TRP B 328 -33.84 11.21 -4.37
C TRP B 328 -34.94 12.21 -4.71
N ASP B 329 -35.69 12.63 -3.70
CA ASP B 329 -36.75 13.62 -3.86
C ASP B 329 -36.19 15.00 -4.18
N CYS B 330 -35.28 15.48 -3.33
CA CYS B 330 -34.72 16.83 -3.47
C CYS B 330 -33.50 16.87 -4.40
N PRO B 331 -33.55 17.74 -5.41
CA PRO B 331 -32.41 17.94 -6.32
C PRO B 331 -31.33 18.81 -5.67
N LEU B 332 -30.08 18.53 -5.99
CA LEU B 332 -28.96 19.33 -5.50
C LEU B 332 -29.06 20.76 -6.01
N GLY B 333 -29.41 20.91 -7.28
CA GLY B 333 -29.55 22.22 -7.89
C GLY B 333 -29.88 22.16 -9.37
N LEU B 334 -30.51 23.20 -9.88
CA LEU B 334 -30.90 23.25 -11.28
C LEU B 334 -29.88 24.02 -12.13
N ILE B 335 -29.56 23.49 -13.29
CA ILE B 335 -28.73 24.22 -14.23
C ILE B 335 -29.58 24.60 -15.43
N PRO B 336 -30.00 25.87 -15.50
CA PRO B 336 -30.72 26.40 -16.66
C PRO B 336 -29.87 26.31 -17.91
N HIS B 337 -30.46 25.85 -19.00
CA HIS B 337 -29.70 25.62 -20.24
C HIS B 337 -30.65 25.38 -21.41
N PRO B 338 -30.55 26.22 -22.45
CA PRO B 338 -31.51 26.26 -23.55
C PRO B 338 -31.48 25.04 -24.46
N HIS B 339 -32.36 24.09 -24.20
CA HIS B 339 -32.52 22.94 -25.10
C HIS B 339 -33.99 22.54 -25.24
N ARG B 340 -34.66 23.09 -26.25
CA ARG B 340 -36.09 22.90 -26.41
C ARG B 340 -36.46 21.55 -27.00
N HIS B 341 -37.76 21.39 -27.24
CA HIS B 341 -38.30 20.24 -27.95
C HIS B 341 -38.69 20.71 -29.34
N PHE B 342 -38.64 19.80 -30.31
CA PHE B 342 -39.12 20.09 -31.65
C PHE B 342 -39.45 18.80 -32.37
N GLN B 343 -40.51 18.82 -33.16
CA GLN B 343 -41.04 17.63 -33.80
C GLN B 343 -40.01 16.93 -34.69
N HIS B 344 -39.15 17.72 -35.32
CA HIS B 344 -38.18 17.17 -36.26
C HIS B 344 -36.75 17.47 -35.83
N LEU B 345 -36.58 17.80 -34.56
CA LEU B 345 -35.26 17.84 -33.95
C LEU B 345 -35.18 16.72 -32.92
N THR B 346 -34.22 15.82 -33.13
CA THR B 346 -33.99 14.70 -32.22
C THR B 346 -33.87 15.21 -30.79
N PRO B 347 -34.59 14.58 -29.85
CA PRO B 347 -34.64 15.06 -28.46
C PRO B 347 -33.24 15.16 -27.86
N ILE B 348 -32.98 16.27 -27.19
CA ILE B 348 -31.67 16.53 -26.61
C ILE B 348 -31.56 15.91 -25.23
N LYS B 349 -30.65 14.95 -25.08
CA LYS B 349 -30.43 14.31 -23.79
C LYS B 349 -29.03 14.64 -23.31
N ALA B 350 -28.92 15.11 -22.06
CA ALA B 350 -27.61 15.31 -21.49
C ALA B 350 -27.11 14.01 -20.88
N ALA B 351 -25.79 13.92 -20.71
CA ALA B 351 -25.17 12.67 -20.30
C ALA B 351 -23.93 12.95 -19.48
N TRP B 352 -23.70 12.08 -18.50
CA TRP B 352 -22.49 12.14 -17.69
C TRP B 352 -21.28 11.76 -18.52
N HIS B 353 -20.11 12.19 -18.08
CA HIS B 353 -18.86 11.72 -18.64
C HIS B 353 -18.43 10.51 -17.82
N PRO B 354 -17.85 9.51 -18.48
CA PRO B 354 -17.21 8.44 -17.70
C PRO B 354 -16.01 9.05 -16.97
N ARG B 355 -15.34 8.31 -16.11
CA ARG B 355 -14.12 8.82 -15.46
C ARG B 355 -14.28 10.15 -14.67
N TYR B 356 -15.16 11.04 -15.12
CA TYR B 356 -15.28 12.37 -14.51
C TYR B 356 -16.69 12.78 -14.14
N ASN B 357 -16.79 13.84 -13.34
CA ASN B 357 -18.08 14.38 -12.91
C ASN B 357 -18.60 15.44 -13.89
N LEU B 358 -18.28 15.26 -15.16
CA LEU B 358 -18.64 16.23 -16.17
C LEU B 358 -20.00 15.95 -16.80
N ILE B 359 -20.60 17.00 -17.36
CA ILE B 359 -21.90 16.89 -18.00
C ILE B 359 -21.82 17.46 -19.42
N VAL B 360 -22.25 16.67 -20.40
CA VAL B 360 -22.20 17.12 -21.79
C VAL B 360 -23.60 17.21 -22.40
N VAL B 361 -23.86 18.31 -23.12
CA VAL B 361 -25.15 18.51 -23.77
C VAL B 361 -25.03 19.51 -24.92
N GLY B 362 -25.75 19.25 -26.00
CA GLY B 362 -25.82 20.18 -27.12
C GLY B 362 -26.77 21.32 -26.82
N ARG B 363 -26.67 22.40 -27.60
CA ARG B 363 -27.44 23.59 -27.31
C ARG B 363 -28.41 23.97 -28.41
N TYR B 364 -29.65 24.24 -28.02
CA TYR B 364 -30.65 24.79 -28.91
C TYR B 364 -30.98 26.18 -28.40
N PRO B 365 -30.25 27.19 -28.91
CA PRO B 365 -30.40 28.57 -28.46
C PRO B 365 -31.85 29.04 -28.59
N ASP B 366 -32.25 29.99 -27.75
CA ASP B 366 -33.66 30.29 -27.59
C ASP B 366 -33.88 31.78 -27.34
N PRO B 367 -34.86 32.38 -28.06
CA PRO B 367 -35.09 33.82 -27.98
C PRO B 367 -35.51 34.34 -26.60
N ASN B 368 -35.83 33.46 -25.65
CA ASN B 368 -36.40 33.90 -24.38
C ASN B 368 -35.80 33.28 -23.11
N PHE B 369 -34.95 34.04 -22.42
CA PHE B 369 -34.39 33.62 -21.12
C PHE B 369 -33.51 34.67 -20.44
N LYS B 370 -32.67 34.20 -19.53
CA LYS B 370 -31.64 35.03 -18.91
C LYS B 370 -30.32 34.50 -19.40
N SER B 371 -29.66 35.22 -20.30
CA SER B 371 -28.41 34.72 -20.85
C SER B 371 -27.23 35.67 -20.68
N CYS B 372 -26.12 35.11 -20.23
CA CYS B 372 -24.90 35.86 -20.07
C CYS B 372 -24.32 36.39 -21.40
N THR B 373 -24.13 35.51 -22.38
CA THR B 373 -23.25 35.77 -23.52
C THR B 373 -23.90 35.92 -24.89
N PRO B 374 -24.31 37.15 -25.27
CA PRO B 374 -24.77 37.31 -26.65
C PRO B 374 -23.64 36.96 -27.63
N TYR B 375 -23.97 36.39 -28.79
CA TYR B 375 -25.34 36.21 -29.24
C TYR B 375 -25.92 34.81 -29.03
N GLU B 376 -25.33 34.06 -28.10
CA GLU B 376 -25.81 32.71 -27.76
C GLU B 376 -26.02 31.83 -28.97
N LEU B 377 -24.90 31.35 -29.50
CA LEU B 377 -24.86 30.47 -30.64
C LEU B 377 -25.39 29.09 -30.30
N ARG B 378 -25.29 28.17 -31.25
CA ARG B 378 -25.47 26.76 -30.98
C ARG B 378 -24.10 26.17 -30.69
N THR B 379 -24.00 25.33 -29.67
CA THR B 379 -22.72 24.77 -29.28
C THR B 379 -22.91 23.56 -28.36
N ILE B 380 -21.80 22.94 -27.95
CA ILE B 380 -21.85 21.83 -27.01
C ILE B 380 -21.35 22.30 -25.65
N ASP B 381 -22.15 22.11 -24.61
CA ASP B 381 -21.85 22.67 -23.29
C ASP B 381 -21.30 21.62 -22.33
N VAL B 382 -20.43 22.05 -21.42
CA VAL B 382 -19.87 21.16 -20.39
C VAL B 382 -19.82 21.81 -19.01
N PHE B 383 -20.45 21.16 -18.03
CA PHE B 383 -20.49 21.69 -16.67
C PHE B 383 -19.83 20.72 -15.68
N ASP B 384 -19.62 21.19 -14.46
CA ASP B 384 -19.18 20.32 -13.38
C ASP B 384 -20.42 19.87 -12.61
N GLY B 385 -20.53 18.56 -12.38
CA GLY B 385 -21.67 18.00 -11.70
C GLY B 385 -21.77 18.36 -10.23
N ASN B 386 -20.67 18.82 -9.64
CA ASN B 386 -20.66 19.21 -8.23
C ASN B 386 -20.91 20.71 -8.05
N SER B 387 -20.82 21.44 -9.15
CA SER B 387 -20.99 22.89 -9.11
C SER B 387 -22.21 23.33 -9.91
N GLY B 388 -22.23 23.00 -11.19
CA GLY B 388 -23.26 23.47 -12.09
C GLY B 388 -22.74 24.58 -12.98
N LYS B 389 -21.47 24.93 -12.81
CA LYS B 389 -20.82 25.97 -13.60
C LYS B 389 -20.32 25.46 -14.94
N MET B 390 -20.29 26.33 -15.93
CA MET B 390 -19.84 25.94 -17.27
C MET B 390 -18.32 26.01 -17.35
N MET B 391 -17.70 24.89 -17.69
CA MET B 391 -16.24 24.81 -17.72
C MET B 391 -15.68 24.93 -19.12
N CYS B 392 -16.51 24.65 -20.12
CA CYS B 392 -16.06 24.59 -21.50
C CYS B 392 -17.22 24.57 -22.48
N GLN B 393 -16.95 24.98 -23.71
CA GLN B 393 -17.94 24.89 -24.79
C GLN B 393 -17.29 24.49 -26.11
N LEU B 394 -17.99 23.66 -26.88
CA LEU B 394 -17.44 23.14 -28.12
C LEU B 394 -18.22 23.59 -29.34
N TYR B 395 -17.55 24.31 -30.23
CA TYR B 395 -18.18 24.78 -31.46
C TYR B 395 -17.22 24.89 -32.64
N ASP B 396 -17.78 24.75 -33.85
CA ASP B 396 -17.02 24.90 -35.07
C ASP B 396 -17.98 25.27 -36.20
N PRO B 397 -17.64 26.30 -36.98
CA PRO B 397 -18.41 26.60 -38.20
C PRO B 397 -18.25 25.49 -39.22
N GLU B 398 -18.89 25.62 -40.38
CA GLU B 398 -19.04 24.52 -41.36
C GLU B 398 -19.98 23.43 -40.85
N SER B 399 -20.50 23.64 -39.64
CA SER B 399 -21.41 22.70 -39.01
C SER B 399 -22.27 23.40 -37.97
N SER B 400 -23.30 24.10 -38.43
CA SER B 400 -24.16 24.88 -37.54
C SER B 400 -25.28 24.05 -36.95
N GLY B 401 -25.42 22.82 -37.43
CA GLY B 401 -26.49 21.93 -36.98
C GLY B 401 -26.59 21.78 -35.47
N ILE B 402 -27.79 21.46 -34.99
CA ILE B 402 -27.99 21.24 -33.57
C ILE B 402 -27.63 19.80 -33.21
N SER B 403 -26.59 19.64 -32.40
CA SER B 403 -26.21 18.31 -31.91
C SER B 403 -26.98 17.97 -30.64
N SER B 404 -27.91 17.03 -30.76
CA SER B 404 -28.74 16.68 -29.61
C SER B 404 -28.25 15.42 -28.91
N LEU B 405 -27.21 14.82 -29.50
CA LEU B 405 -26.59 13.63 -28.94
C LEU B 405 -25.08 13.85 -28.96
N ASN B 406 -24.39 13.37 -27.93
CA ASN B 406 -22.94 13.57 -27.85
C ASN B 406 -22.23 12.42 -27.12
N GLU B 407 -22.60 12.20 -25.86
CA GLU B 407 -22.28 10.97 -25.12
C GLU B 407 -20.86 10.39 -25.31
N PHE B 408 -19.96 10.72 -24.38
CA PHE B 408 -18.54 10.36 -24.47
C PHE B 408 -18.30 8.86 -24.59
N ASN B 409 -17.14 8.50 -25.16
CA ASN B 409 -16.75 7.10 -25.24
C ASN B 409 -16.33 6.59 -23.85
N PRO B 410 -16.32 5.26 -23.67
CA PRO B 410 -15.98 4.70 -22.35
C PRO B 410 -14.57 5.02 -21.82
N MET B 411 -13.60 5.30 -22.70
CA MET B 411 -12.31 5.77 -22.22
C MET B 411 -12.37 7.25 -21.81
N GLY B 412 -13.26 7.98 -22.46
CA GLY B 412 -13.48 9.38 -22.15
C GLY B 412 -12.48 10.28 -22.86
N ASP B 413 -11.88 9.77 -23.92
CA ASP B 413 -10.85 10.49 -24.65
C ASP B 413 -11.39 11.12 -25.93
N THR B 414 -12.64 10.82 -26.25
CA THR B 414 -13.22 11.33 -27.47
C THR B 414 -14.74 11.47 -27.34
N LEU B 415 -15.34 12.26 -28.23
CA LEU B 415 -16.77 12.52 -28.21
C LEU B 415 -17.40 12.30 -29.58
N ALA B 416 -18.51 11.57 -29.62
CA ALA B 416 -19.22 11.37 -30.88
C ALA B 416 -20.60 11.99 -30.84
N SER B 417 -20.75 13.12 -31.53
CA SER B 417 -22.05 13.76 -31.63
C SER B 417 -22.85 13.30 -32.84
N ALA B 418 -24.12 13.02 -32.62
CA ALA B 418 -25.05 12.80 -33.71
C ALA B 418 -25.72 14.14 -33.97
N MET B 419 -25.62 14.63 -35.20
CA MET B 419 -26.13 15.95 -35.53
C MET B 419 -26.89 15.94 -36.85
N GLY B 420 -28.21 15.81 -36.76
CA GLY B 420 -29.06 15.76 -37.94
C GLY B 420 -28.73 14.58 -38.83
N TYR B 421 -28.30 14.88 -40.05
CA TYR B 421 -27.92 13.85 -41.02
C TYR B 421 -26.48 13.40 -40.77
N HIS B 422 -25.80 14.08 -39.86
CA HIS B 422 -24.35 13.90 -39.70
C HIS B 422 -23.91 13.22 -38.40
N ILE B 423 -22.69 12.67 -38.44
CA ILE B 423 -22.05 12.03 -37.28
C ILE B 423 -20.69 12.66 -37.04
N LEU B 424 -20.48 13.20 -35.85
CA LEU B 424 -19.32 14.04 -35.59
C LEU B 424 -18.37 13.38 -34.59
N ILE B 425 -17.09 13.31 -34.94
CA ILE B 425 -16.10 12.67 -34.06
C ILE B 425 -15.12 13.66 -33.45
N TRP B 426 -15.31 13.94 -32.16
CA TRP B 426 -14.46 14.88 -31.44
C TRP B 426 -13.23 14.22 -30.82
N SER B 427 -12.06 14.63 -31.29
CA SER B 427 -10.80 14.19 -30.70
C SER B 427 -9.85 15.37 -30.65
N GLU B 428 -8.57 15.11 -30.47
CA GLU B 428 -7.59 16.18 -30.37
C GLU B 428 -6.62 16.23 -31.54
N GLN B 429 -5.66 15.31 -31.57
CA GLN B 429 -4.72 15.18 -32.70
C GLN B 429 -3.94 16.45 -33.05
#